data_4K10
#
_entry.id   4K10
#
_cell.length_a   60.168
_cell.length_b   143.743
_cell.length_c   194.333
_cell.angle_alpha   90.000
_cell.angle_beta   90.000
_cell.angle_gamma   90.000
#
_symmetry.space_group_name_H-M   'P 21 21 21'
#
loop_
_entity.id
_entity.type
_entity.pdbx_description
1 polymer 'Farnesyl pyrophosphate synthase'
2 non-polymer 'SODIUM ION'
3 non-polymer 'MAGNESIUM ION'
4 non-polymer 3-FLUORO-1-(2-HYDROXY-2,2-DIPHOSPHONOETHYL)PYRIDINIUM
5 non-polymer DI(HYDROXYETHYL)ETHER
6 non-polymer 'ACETATE ION'
7 non-polymer '2-(N-MORPHOLINO)-ETHANESULFONIC ACID'
8 water water
#
_entity_poly.entity_id   1
_entity_poly.type   'polypeptide(L)'
_entity_poly.pdbx_seq_one_letter_code
;MAHMERFQKVYEEVQEFLLGDAEKRFEMDVHRKGYLKSMMDTTCLGGKYNRGLCVVDVAEAMAKDTQMDAAAMERVLHDA
CVCGWMIEMLQAHFLVEDDIMDHSKTRRGKPCWYLHPGVTAQVAINDGLILLAWATQMALHYFADRPFLAEVLRVFHDVD
LTTTIGQLYDVTSMVDSAKLDAKVAHANTTDYVEYTPFNHRRIVVYKTAYYTYWLPLVMGLLVSGTLEKVDKKATHKVAM
VMGEYFQVQDDVMDCFTPPEKLGKIGTDIEDAKCSWLAVTFLTTAPAEKVAEFKANYGSTDPAAVAVIKQLYTEQNLLAR
FEEYEKAVVAEVEQLIAALEAQNAAFAASVKVLWSKTYKRQK
;
_entity_poly.pdbx_strand_id   A,B,D,C
#
# COMPACT_ATOMS: atom_id res chain seq x y z
N MET A 1 -18.49 10.02 32.91
CA MET A 1 -17.79 11.20 32.31
C MET A 1 -16.31 11.23 32.73
N ALA A 2 -16.04 11.84 33.88
CA ALA A 2 -14.70 11.97 34.48
C ALA A 2 -13.80 13.00 33.80
N HIS A 3 -13.76 12.95 32.47
CA HIS A 3 -12.83 13.75 31.68
C HIS A 3 -13.52 14.92 31.01
N MET A 4 -14.83 15.04 31.26
CA MET A 4 -15.63 16.14 30.73
C MET A 4 -15.16 17.49 31.29
N GLU A 5 -15.00 17.54 32.61
CA GLU A 5 -14.45 18.72 33.31
C GLU A 5 -13.22 19.21 32.57
N ARG A 6 -12.21 18.33 32.55
CA ARG A 6 -10.90 18.61 32.00
C ARG A 6 -10.94 19.08 30.53
N PHE A 7 -11.81 18.45 29.74
CA PHE A 7 -11.94 18.65 28.30
C PHE A 7 -12.51 20.01 27.95
N GLN A 8 -13.56 20.42 28.66
N GLN A 8 -13.58 20.40 28.65
CA GLN A 8 -14.17 21.74 28.46
CA GLN A 8 -14.20 21.72 28.53
C GLN A 8 -13.23 22.89 28.88
C GLN A 8 -13.21 22.84 28.86
N LYS A 9 -12.41 22.64 29.91
CA LYS A 9 -11.40 23.61 30.34
C LYS A 9 -10.26 23.79 29.33
N VAL A 10 -9.87 22.70 28.67
CA VAL A 10 -8.85 22.77 27.64
C VAL A 10 -9.39 23.54 26.43
N TYR A 11 -10.67 23.35 26.12
CA TYR A 11 -11.32 24.10 25.06
C TYR A 11 -11.18 25.59 25.31
N GLU A 12 -11.55 26.04 26.51
CA GLU A 12 -11.45 27.46 26.86
C GLU A 12 -10.00 27.92 26.75
N GLU A 13 -9.10 27.08 27.23
CA GLU A 13 -7.65 27.30 27.13
C GLU A 13 -7.17 27.44 25.65
N VAL A 14 -7.72 26.57 24.80
CA VAL A 14 -7.32 26.45 23.41
C VAL A 14 -7.94 27.59 22.60
N GLN A 15 -9.20 27.88 22.89
CA GLN A 15 -9.85 29.02 22.31
C GLN A 15 -9.01 30.29 22.54
N GLU A 16 -8.69 30.57 23.81
CA GLU A 16 -7.90 31.77 24.13
C GLU A 16 -6.55 31.81 23.41
N PHE A 17 -5.87 30.66 23.34
CA PHE A 17 -4.65 30.61 22.55
C PHE A 17 -4.91 30.98 21.07
N LEU A 18 -5.96 30.38 20.50
CA LEU A 18 -6.20 30.48 19.07
C LEU A 18 -6.57 31.89 18.64
N LEU A 19 -7.43 32.53 19.44
CA LEU A 19 -7.84 33.91 19.19
C LEU A 19 -6.69 34.88 19.47
N GLY A 20 -6.01 34.69 20.60
CA GLY A 20 -4.81 35.46 20.93
C GLY A 20 -3.73 35.35 19.87
N ASP A 21 -3.55 34.16 19.26
CA ASP A 21 -2.51 33.98 18.25
C ASP A 21 -2.84 34.82 17.01
N ALA A 22 -4.13 34.95 16.70
CA ALA A 22 -4.62 35.74 15.57
C ALA A 22 -4.42 37.25 15.75
N GLU A 23 -4.61 37.72 16.98
CA GLU A 23 -4.31 39.12 17.36
C GLU A 23 -2.83 39.39 17.21
N LYS A 24 -2.02 38.52 17.79
CA LYS A 24 -0.58 38.61 17.65
C LYS A 24 -0.14 38.58 16.17
N ARG A 25 -0.65 37.60 15.40
CA ARG A 25 -0.10 37.31 14.07
C ARG A 25 -0.73 38.08 12.91
N PHE A 26 -2.03 38.35 12.99
CA PHE A 26 -2.74 38.89 11.84
C PHE A 26 -3.49 40.17 12.16
N GLU A 27 -3.01 40.92 13.16
CA GLU A 27 -3.61 42.19 13.58
C GLU A 27 -5.11 42.09 13.79
N MET A 28 -5.56 41.03 14.48
CA MET A 28 -6.99 40.74 14.65
C MET A 28 -7.64 41.79 15.54
N ASP A 29 -8.81 42.27 15.10
CA ASP A 29 -9.58 43.30 15.81
C ASP A 29 -10.64 42.68 16.72
N VAL A 30 -11.17 43.51 17.64
CA VAL A 30 -12.10 43.07 18.68
C VAL A 30 -13.42 42.55 18.12
N HIS A 31 -13.89 43.20 17.05
CA HIS A 31 -15.13 42.83 16.37
C HIS A 31 -15.07 41.43 15.75
N ARG A 32 -14.01 41.15 15.00
CA ARG A 32 -13.91 39.91 14.27
C ARG A 32 -13.38 38.84 15.19
N LYS A 33 -12.57 39.24 16.16
CA LYS A 33 -12.18 38.35 17.25
C LYS A 33 -13.42 37.75 17.84
N GLY A 34 -14.39 38.62 18.15
CA GLY A 34 -15.68 38.22 18.71
C GLY A 34 -16.49 37.36 17.77
N TYR A 35 -16.37 37.63 16.47
CA TYR A 35 -17.01 36.78 15.47
C TYR A 35 -16.44 35.36 15.48
N LEU A 36 -15.12 35.25 15.50
CA LEU A 36 -14.47 33.96 15.48
C LEU A 36 -14.76 33.17 16.75
N LYS A 37 -14.98 33.86 17.88
CA LYS A 37 -15.35 33.17 19.13
C LYS A 37 -16.73 32.54 19.06
N SER A 38 -17.68 33.28 18.52
CA SER A 38 -19.03 32.76 18.33
C SER A 38 -19.01 31.63 17.29
N MET A 39 -18.15 31.80 16.28
CA MET A 39 -17.98 30.75 15.26
C MET A 39 -17.47 29.46 15.87
N MET A 40 -16.43 29.56 16.69
CA MET A 40 -15.85 28.38 17.32
C MET A 40 -16.87 27.66 18.19
N ASP A 41 -17.49 28.40 19.10
CA ASP A 41 -18.47 27.84 20.04
C ASP A 41 -19.65 27.19 19.35
N THR A 42 -20.15 27.82 18.30
CA THR A 42 -21.36 27.34 17.62
C THR A 42 -21.10 26.05 16.83
N THR A 43 -19.90 25.93 16.26
CA THR A 43 -19.59 24.81 15.38
C THR A 43 -18.94 23.67 16.14
N CYS A 44 -18.21 24.01 17.19
CA CYS A 44 -17.50 22.99 17.96
C CYS A 44 -18.22 22.52 19.21
N LEU A 45 -19.19 23.30 19.69
CA LEU A 45 -19.91 22.96 20.93
C LEU A 45 -21.34 22.47 20.64
N GLY A 46 -21.88 21.69 21.57
CA GLY A 46 -23.23 21.14 21.45
C GLY A 46 -23.23 19.62 21.46
N GLY A 47 -22.26 19.02 20.81
CA GLY A 47 -22.17 17.56 20.70
C GLY A 47 -21.88 16.89 22.03
N LYS A 48 -21.72 15.57 22.01
CA LYS A 48 -21.36 14.85 23.24
C LYS A 48 -19.85 14.54 23.37
N TYR A 49 -19.07 14.99 22.37
CA TYR A 49 -17.60 14.88 22.36
C TYR A 49 -17.09 13.45 22.58
N ASN A 50 -17.86 12.45 22.12
CA ASN A 50 -17.44 11.07 22.19
C ASN A 50 -16.06 10.77 21.57
N ARG A 51 -15.75 11.41 20.46
CA ARG A 51 -14.49 11.13 19.76
C ARG A 51 -13.30 11.75 20.45
N GLY A 52 -13.46 13.00 20.89
CA GLY A 52 -12.44 13.70 21.67
C GLY A 52 -12.15 13.02 22.99
N LEU A 53 -13.22 12.74 23.74
CA LEU A 53 -13.09 12.00 25.01
C LEU A 53 -12.57 10.57 24.86
N CYS A 54 -12.69 9.96 23.67
CA CYS A 54 -12.04 8.67 23.43
C CYS A 54 -10.51 8.75 23.51
N VAL A 55 -9.92 9.76 22.86
CA VAL A 55 -8.48 10.01 23.00
C VAL A 55 -8.07 10.02 24.48
N VAL A 56 -8.89 10.62 25.34
CA VAL A 56 -8.56 10.80 26.76
C VAL A 56 -8.60 9.47 27.55
N ASP A 57 -9.67 8.70 27.36
CA ASP A 57 -9.86 7.42 28.02
C ASP A 57 -8.80 6.43 27.59
N VAL A 58 -8.45 6.47 26.31
CA VAL A 58 -7.39 5.60 25.76
C VAL A 58 -6.06 5.97 26.39
N ALA A 59 -5.63 7.22 26.18
CA ALA A 59 -4.40 7.75 26.82
C ALA A 59 -4.30 7.39 28.30
N GLU A 60 -5.35 7.67 29.07
CA GLU A 60 -5.36 7.36 30.50
C GLU A 60 -5.06 5.89 30.78
N ALA A 61 -5.85 4.99 30.20
CA ALA A 61 -5.64 3.56 30.40
C ALA A 61 -4.24 3.05 30.02
N MET A 62 -3.55 3.73 29.11
CA MET A 62 -2.22 3.31 28.69
C MET A 62 -1.13 3.84 29.62
N ALA A 63 -1.30 5.08 30.06
CA ALA A 63 -0.36 5.71 30.98
C ALA A 63 -0.52 5.14 32.41
N LYS A 64 -1.73 4.74 32.76
CA LYS A 64 -1.99 3.99 34.00
C LYS A 64 -1.38 2.57 33.95
N ASP A 65 -1.10 2.11 32.74
CA ASP A 65 -0.55 0.78 32.53
C ASP A 65 0.98 0.80 32.49
N THR A 66 1.55 1.98 32.70
CA THR A 66 2.97 2.13 32.91
C THR A 66 3.16 2.73 34.30
N GLN A 67 4.41 2.91 34.71
CA GLN A 67 4.72 3.60 35.95
C GLN A 67 4.98 5.08 35.66
N MET A 68 3.98 5.91 35.91
CA MET A 68 4.10 7.35 35.65
C MET A 68 3.79 8.21 36.87
N ASP A 69 4.75 9.07 37.20
CA ASP A 69 4.56 10.11 38.20
C ASP A 69 3.43 11.05 37.73
N ALA A 70 2.67 11.56 38.70
CA ALA A 70 1.53 12.45 38.42
C ALA A 70 1.77 13.51 37.34
N ALA A 71 3.02 14.00 37.26
CA ALA A 71 3.40 15.09 36.35
C ALA A 71 3.28 14.68 34.89
N ALA A 72 3.92 13.57 34.54
CA ALA A 72 3.82 12.97 33.22
C ALA A 72 2.38 12.62 32.87
N MET A 73 1.66 12.04 33.82
CA MET A 73 0.27 11.66 33.63
C MET A 73 -0.60 12.87 33.27
N GLU A 74 -0.40 13.98 33.99
CA GLU A 74 -1.12 15.22 33.75
C GLU A 74 -0.82 15.80 32.36
N ARG A 75 0.42 15.66 31.90
CA ARG A 75 0.84 16.10 30.57
C ARG A 75 0.19 15.21 29.49
N VAL A 76 0.09 13.91 29.77
CA VAL A 76 -0.55 12.96 28.86
C VAL A 76 -2.04 13.28 28.74
N LEU A 77 -2.66 13.66 29.85
CA LEU A 77 -4.09 13.98 29.84
C LEU A 77 -4.39 15.29 29.10
N HIS A 78 -3.58 16.32 29.34
CA HIS A 78 -3.69 17.56 28.60
C HIS A 78 -3.47 17.32 27.09
N ASP A 79 -2.40 16.63 26.73
CA ASP A 79 -2.10 16.33 25.32
C ASP A 79 -3.22 15.54 24.66
N ALA A 80 -3.83 14.62 25.42
CA ALA A 80 -4.98 13.82 24.93
C ALA A 80 -6.21 14.68 24.65
N CYS A 81 -6.46 15.68 25.50
CA CYS A 81 -7.53 16.66 25.30
C CYS A 81 -7.31 17.54 24.06
N VAL A 82 -6.04 17.84 23.77
CA VAL A 82 -5.74 18.68 22.61
C VAL A 82 -5.94 17.89 21.32
N CYS A 83 -5.47 16.64 21.27
CA CYS A 83 -5.79 15.72 20.17
C CYS A 83 -7.28 15.56 20.05
N GLY A 84 -7.95 15.26 21.16
CA GLY A 84 -9.42 15.25 21.24
C GLY A 84 -10.09 16.40 20.54
N TRP A 85 -9.63 17.62 20.84
CA TRP A 85 -10.19 18.82 20.21
C TRP A 85 -9.79 18.99 18.76
N MET A 86 -8.64 18.44 18.37
CA MET A 86 -8.22 18.42 16.96
C MET A 86 -9.24 17.65 16.14
N ILE A 87 -9.68 16.52 16.70
CA ILE A 87 -10.68 15.65 16.05
C ILE A 87 -12.07 16.29 16.09
N GLU A 88 -12.41 16.94 17.20
CA GLU A 88 -13.68 17.63 17.28
C GLU A 88 -13.71 18.79 16.29
N MET A 89 -12.57 19.48 16.14
CA MET A 89 -12.49 20.58 15.18
C MET A 89 -12.48 20.09 13.74
N LEU A 90 -11.89 18.91 13.53
CA LEU A 90 -11.88 18.29 12.19
C LEU A 90 -13.31 17.94 11.82
N GLN A 91 -14.01 17.28 12.74
CA GLN A 91 -15.42 16.96 12.52
C GLN A 91 -16.23 18.22 12.23
N ALA A 92 -16.11 19.22 13.10
CA ALA A 92 -16.86 20.45 12.99
C ALA A 92 -16.57 21.11 11.64
N HIS A 93 -15.34 20.98 11.16
CA HIS A 93 -14.97 21.43 9.83
C HIS A 93 -15.79 20.72 8.75
N PHE A 94 -15.97 19.41 8.91
CA PHE A 94 -16.73 18.62 7.95
C PHE A 94 -18.25 18.82 8.04
N LEU A 95 -18.79 19.05 9.23
CA LEU A 95 -20.20 19.40 9.38
C LEU A 95 -20.50 20.77 8.70
N VAL A 96 -19.68 21.76 8.99
CA VAL A 96 -19.88 23.08 8.38
C VAL A 96 -19.94 22.99 6.87
N GLU A 97 -18.88 22.45 6.27
CA GLU A 97 -18.78 22.29 4.84
C GLU A 97 -19.89 21.40 4.25
N ASP A 98 -20.19 20.30 4.94
CA ASP A 98 -21.18 19.34 4.45
C ASP A 98 -22.62 19.86 4.51
N ASP A 99 -22.92 20.65 5.54
CA ASP A 99 -24.20 21.38 5.59
C ASP A 99 -24.36 22.38 4.40
N ILE A 100 -23.29 23.05 4.01
CA ILE A 100 -23.34 23.92 2.82
C ILE A 100 -23.54 23.13 1.51
N MET A 101 -22.78 22.05 1.35
CA MET A 101 -22.89 21.19 0.16
C MET A 101 -24.30 20.60 -0.02
N ASP A 102 -24.90 20.16 1.07
CA ASP A 102 -26.21 19.50 1.02
C ASP A 102 -27.43 20.42 1.11
N HIS A 103 -27.20 21.73 1.25
CA HIS A 103 -28.24 22.71 1.60
C HIS A 103 -29.11 22.19 2.74
N SER A 104 -28.46 21.72 3.81
CA SER A 104 -29.15 21.25 5.02
C SER A 104 -29.70 22.41 5.82
N LYS A 105 -30.75 22.16 6.58
CA LYS A 105 -31.46 23.21 7.31
C LYS A 105 -30.98 23.36 8.75
N THR A 106 -30.86 22.23 9.45
CA THR A 106 -30.55 22.23 10.89
C THR A 106 -29.40 21.32 11.31
N ARG A 107 -28.90 21.58 12.52
CA ARG A 107 -27.74 20.93 13.09
C ARG A 107 -27.88 21.05 14.61
N ARG A 108 -28.13 19.92 15.28
CA ARG A 108 -28.40 19.85 16.73
C ARG A 108 -29.45 20.89 17.20
N GLY A 109 -30.66 20.76 16.67
CA GLY A 109 -31.76 21.66 17.03
C GLY A 109 -31.73 23.05 16.38
N LYS A 110 -30.53 23.50 16.04
CA LYS A 110 -30.34 24.87 15.57
C LYS A 110 -30.15 24.90 14.05
N PRO A 111 -30.33 26.09 13.43
CA PRO A 111 -30.01 26.18 12.01
C PRO A 111 -28.52 25.94 11.76
N CYS A 112 -28.19 25.29 10.65
CA CYS A 112 -26.80 25.10 10.22
C CYS A 112 -26.06 26.43 10.25
N TRP A 113 -24.76 26.39 10.54
CA TRP A 113 -23.96 27.61 10.72
C TRP A 113 -24.10 28.62 9.58
N TYR A 114 -24.10 28.12 8.34
CA TYR A 114 -24.24 28.96 7.15
C TYR A 114 -25.61 29.66 7.04
N LEU A 115 -26.62 29.14 7.76
CA LEU A 115 -27.97 29.73 7.75
C LEU A 115 -28.21 30.64 8.94
N HIS A 116 -27.20 30.84 9.78
CA HIS A 116 -27.24 31.90 10.78
C HIS A 116 -27.33 33.25 10.05
N PRO A 117 -28.26 34.12 10.50
CA PRO A 117 -28.67 35.28 9.71
C PRO A 117 -27.52 36.12 9.18
N GLY A 118 -26.51 36.37 10.01
CA GLY A 118 -25.39 37.23 9.62
C GLY A 118 -24.11 36.47 9.32
N VAL A 119 -24.25 35.27 8.76
CA VAL A 119 -23.11 34.44 8.34
C VAL A 119 -23.11 34.31 6.81
N THR A 120 -24.01 33.47 6.30
CA THR A 120 -24.14 33.13 4.86
C THR A 120 -23.07 32.17 4.40
N ALA A 121 -23.40 31.34 3.41
CA ALA A 121 -22.48 30.36 2.81
C ALA A 121 -21.12 30.93 2.39
N GLN A 122 -21.13 32.17 1.89
CA GLN A 122 -19.91 32.82 1.43
C GLN A 122 -18.86 32.89 2.54
N VAL A 123 -19.32 33.19 3.75
CA VAL A 123 -18.43 33.32 4.89
C VAL A 123 -18.21 31.93 5.51
N ALA A 124 -19.26 31.13 5.49
CA ALA A 124 -19.26 29.84 6.15
C ALA A 124 -18.28 28.81 5.57
N ILE A 125 -18.07 28.86 4.25
CA ILE A 125 -17.15 27.95 3.59
C ILE A 125 -15.73 28.23 4.08
N ASN A 126 -15.37 29.50 4.20
CA ASN A 126 -14.08 29.88 4.77
C ASN A 126 -13.99 29.67 6.27
N ASP A 127 -15.10 29.86 6.96
CA ASP A 127 -15.20 29.56 8.38
C ASP A 127 -14.77 28.11 8.59
N GLY A 128 -15.36 27.22 7.78
CA GLY A 128 -14.97 25.81 7.73
C GLY A 128 -13.47 25.59 7.58
N LEU A 129 -12.85 26.34 6.66
CA LEU A 129 -11.39 26.25 6.43
C LEU A 129 -10.54 26.72 7.61
N ILE A 130 -11.03 27.72 8.34
CA ILE A 130 -10.35 28.21 9.53
C ILE A 130 -10.33 27.13 10.64
N LEU A 131 -11.40 26.36 10.74
CA LEU A 131 -11.49 25.31 11.77
C LEU A 131 -10.50 24.16 11.51
N LEU A 132 -10.28 23.84 10.24
CA LEU A 132 -9.33 22.82 9.85
C LEU A 132 -7.91 23.30 10.16
N ALA A 133 -7.61 24.51 9.70
CA ALA A 133 -6.35 25.21 9.99
C ALA A 133 -6.04 25.19 11.46
N TRP A 134 -7.01 25.62 12.26
CA TRP A 134 -6.87 25.68 13.70
C TRP A 134 -6.51 24.36 14.34
N ALA A 135 -7.06 23.27 13.78
CA ALA A 135 -6.76 21.91 14.27
C ALA A 135 -5.27 21.61 14.19
N THR A 136 -4.64 22.04 13.09
CA THR A 136 -3.20 21.84 12.89
C THR A 136 -2.41 22.79 13.81
N GLN A 137 -2.93 24.00 14.00
CA GLN A 137 -2.37 25.00 14.91
C GLN A 137 -2.24 24.50 16.34
N MET A 138 -3.27 23.83 16.83
CA MET A 138 -3.19 23.22 18.16
C MET A 138 -1.95 22.33 18.29
N ALA A 139 -1.77 21.41 17.34
CA ALA A 139 -0.65 20.47 17.34
C ALA A 139 0.68 21.19 17.29
N LEU A 140 0.83 22.08 16.31
CA LEU A 140 2.05 22.87 16.16
C LEU A 140 2.47 23.61 17.43
N HIS A 141 1.49 24.19 18.12
CA HIS A 141 1.74 24.89 19.38
C HIS A 141 1.91 23.95 20.62
N TYR A 142 0.89 23.13 20.90
CA TYR A 142 0.90 22.31 22.12
C TYR A 142 1.87 21.15 22.11
N PHE A 143 2.16 20.60 20.92
CA PHE A 143 3.06 19.47 20.82
C PHE A 143 4.44 19.83 20.24
N ALA A 144 4.80 21.12 20.36
CA ALA A 144 6.05 21.67 19.79
C ALA A 144 7.35 20.99 20.29
N ASP A 145 7.29 20.41 21.48
CA ASP A 145 8.47 19.82 22.11
C ASP A 145 8.24 18.32 22.36
N ARG A 146 7.28 17.76 21.66
CA ARG A 146 6.86 16.39 21.84
C ARG A 146 7.45 15.54 20.71
N PRO A 147 7.85 14.31 21.04
CA PRO A 147 8.42 13.44 20.01
C PRO A 147 7.38 12.94 19.01
N PHE A 148 6.09 12.97 19.39
CA PHE A 148 5.00 12.50 18.54
C PHE A 148 4.40 13.50 17.55
N LEU A 149 4.95 14.71 17.51
CA LEU A 149 4.41 15.77 16.66
C LEU A 149 4.34 15.39 15.16
N ALA A 150 5.42 14.84 14.63
CA ALA A 150 5.48 14.40 13.24
C ALA A 150 4.40 13.37 12.88
N GLU A 151 4.20 12.39 13.78
CA GLU A 151 3.21 11.33 13.68
C GLU A 151 1.74 11.81 13.78
N VAL A 152 1.49 12.66 14.76
CA VAL A 152 0.19 13.27 14.94
C VAL A 152 -0.19 13.99 13.64
N LEU A 153 0.73 14.79 13.12
CA LEU A 153 0.44 15.51 11.88
C LEU A 153 0.14 14.56 10.74
N ARG A 154 1.00 13.56 10.56
CA ARG A 154 0.87 12.59 9.49
C ARG A 154 -0.48 11.91 9.51
N VAL A 155 -0.79 11.28 10.64
CA VAL A 155 -1.99 10.52 10.84
C VAL A 155 -3.27 11.40 10.82
N PHE A 156 -3.23 12.57 11.44
CA PHE A 156 -4.35 13.53 11.34
C PHE A 156 -4.56 13.97 9.87
N HIS A 157 -3.48 14.25 9.17
CA HIS A 157 -3.64 14.66 7.78
C HIS A 157 -4.01 13.52 6.79
N ASP A 158 -3.70 12.27 7.16
CA ASP A 158 -4.14 11.14 6.33
C ASP A 158 -5.63 10.95 6.50
N VAL A 159 -6.12 11.30 7.67
CA VAL A 159 -7.53 11.15 7.96
C VAL A 159 -8.32 12.31 7.39
N ASP A 160 -7.80 13.52 7.47
CA ASP A 160 -8.39 14.59 6.65
C ASP A 160 -8.59 14.07 5.21
N LEU A 161 -7.53 13.57 4.59
CA LEU A 161 -7.61 12.98 3.24
C LEU A 161 -8.67 11.89 3.11
N THR A 162 -8.58 10.87 3.97
CA THR A 162 -9.49 9.74 3.97
C THR A 162 -10.94 10.20 3.95
N THR A 163 -11.25 11.11 4.88
CA THR A 163 -12.59 11.65 5.01
C THR A 163 -13.03 12.45 3.77
N THR A 164 -12.14 13.22 3.15
CA THR A 164 -12.54 13.92 1.90
C THR A 164 -12.90 12.92 0.80
N ILE A 165 -12.19 11.80 0.75
CA ILE A 165 -12.48 10.72 -0.20
C ILE A 165 -13.81 10.03 0.09
N GLY A 166 -14.06 9.69 1.35
CA GLY A 166 -15.38 9.17 1.75
C GLY A 166 -16.44 10.16 1.30
N GLN A 167 -16.20 11.45 1.57
CA GLN A 167 -17.08 12.51 1.08
C GLN A 167 -17.28 12.45 -0.43
N LEU A 168 -16.19 12.36 -1.18
CA LEU A 168 -16.25 12.19 -2.63
C LEU A 168 -17.16 11.02 -3.05
N TYR A 169 -16.96 9.85 -2.45
CA TYR A 169 -17.75 8.67 -2.78
C TYR A 169 -19.23 8.88 -2.46
N ASP A 170 -19.50 9.63 -1.40
CA ASP A 170 -20.87 9.89 -0.99
C ASP A 170 -21.62 10.93 -1.85
N VAL A 171 -20.89 11.86 -2.47
CA VAL A 171 -21.55 12.85 -3.32
C VAL A 171 -21.41 12.53 -4.81
N THR A 172 -20.76 11.40 -5.12
CA THR A 172 -20.63 10.94 -6.51
C THR A 172 -21.25 9.56 -6.71
N SER A 173 -22.25 9.24 -5.87
CA SER A 173 -22.94 7.95 -5.94
C SER A 173 -24.41 8.08 -6.38
N MET A 174 -24.81 9.31 -6.71
CA MET A 174 -26.17 9.60 -7.17
C MET A 174 -26.39 8.99 -8.57
N VAL A 175 -25.32 8.93 -9.35
CA VAL A 175 -25.37 8.40 -10.69
C VAL A 175 -24.33 7.28 -10.86
N ASP A 176 -24.68 6.27 -11.65
CA ASP A 176 -23.75 5.22 -12.06
C ASP A 176 -22.40 5.85 -12.34
N SER A 177 -21.40 5.42 -11.57
CA SER A 177 -20.07 6.05 -11.65
C SER A 177 -19.54 6.14 -13.09
N ALA A 178 -19.88 5.18 -13.94
CA ALA A 178 -19.48 5.19 -15.37
C ALA A 178 -19.95 6.41 -16.18
N LYS A 179 -20.99 7.09 -15.71
CA LYS A 179 -21.51 8.27 -16.41
C LYS A 179 -20.93 9.58 -15.86
N LEU A 180 -20.17 9.46 -14.77
CA LEU A 180 -19.57 10.62 -14.12
C LEU A 180 -18.53 11.26 -15.02
N ASP A 181 -18.78 12.52 -15.36
CA ASP A 181 -17.89 13.28 -16.21
C ASP A 181 -18.08 14.76 -15.93
N ALA A 182 -16.99 15.41 -15.52
CA ALA A 182 -17.00 16.84 -15.24
C ALA A 182 -17.84 17.65 -16.22
N LYS A 183 -17.59 17.49 -17.52
CA LYS A 183 -18.21 18.35 -18.52
C LYS A 183 -19.52 17.80 -19.11
N VAL A 184 -20.21 16.91 -18.38
CA VAL A 184 -21.57 16.46 -18.75
C VAL A 184 -22.44 16.27 -17.50
N ALA A 185 -23.57 16.97 -17.44
CA ALA A 185 -24.51 16.86 -16.31
C ALA A 185 -25.34 15.57 -16.35
N HIS A 186 -25.61 15.00 -15.17
CA HIS A 186 -26.62 13.93 -15.05
C HIS A 186 -27.70 14.30 -14.02
N ALA A 187 -27.34 15.24 -13.15
CA ALA A 187 -28.28 16.11 -12.45
C ALA A 187 -29.34 15.49 -11.50
N ASN A 188 -29.98 16.37 -10.74
CA ASN A 188 -31.16 16.10 -9.91
C ASN A 188 -31.22 14.79 -9.09
N THR A 189 -31.63 13.69 -9.73
CA THR A 189 -31.98 12.46 -9.00
C THR A 189 -31.08 11.25 -9.30
N THR A 190 -31.12 10.28 -8.41
CA THR A 190 -30.30 9.08 -8.50
C THR A 190 -30.92 7.98 -9.38
N ASP A 191 -30.07 7.09 -9.91
CA ASP A 191 -30.50 5.86 -10.62
C ASP A 191 -30.36 4.60 -9.75
N TYR A 192 -29.76 4.76 -8.57
CA TYR A 192 -29.57 3.68 -7.60
C TYR A 192 -28.57 2.60 -8.02
N VAL A 193 -27.83 2.87 -9.10
CA VAL A 193 -26.85 1.91 -9.63
C VAL A 193 -25.74 1.65 -8.61
N GLU A 194 -25.26 2.72 -7.97
CA GLU A 194 -24.19 2.63 -6.96
C GLU A 194 -24.72 2.23 -5.59
N TYR A 195 -26.03 2.02 -5.48
CA TYR A 195 -26.67 1.81 -4.18
C TYR A 195 -26.58 0.34 -3.73
N THR A 196 -25.35 -0.13 -3.62
CA THR A 196 -25.04 -1.52 -3.30
C THR A 196 -24.49 -1.57 -1.86
N PRO A 197 -24.76 -2.67 -1.11
CA PRO A 197 -24.32 -2.78 0.29
C PRO A 197 -22.82 -2.62 0.45
N PHE A 198 -22.09 -2.99 -0.59
CA PHE A 198 -20.65 -2.91 -0.59
C PHE A 198 -20.18 -1.47 -0.77
N ASN A 199 -20.82 -0.74 -1.68
CA ASN A 199 -20.46 0.67 -1.95
C ASN A 199 -20.79 1.56 -0.75
N HIS A 200 -21.91 1.27 -0.10
CA HIS A 200 -22.26 1.89 1.17
C HIS A 200 -21.15 1.67 2.23
N ARG A 201 -20.61 0.45 2.24
CA ARG A 201 -19.53 0.06 3.14
C ARG A 201 -18.30 0.90 2.84
N ARG A 202 -18.00 1.01 1.56
CA ARG A 202 -16.89 1.83 1.09
C ARG A 202 -17.07 3.29 1.54
N ILE A 203 -18.29 3.81 1.44
CA ILE A 203 -18.58 5.17 1.87
C ILE A 203 -18.38 5.35 3.38
N VAL A 204 -19.04 4.51 4.20
CA VAL A 204 -19.02 4.75 5.64
C VAL A 204 -17.59 4.69 6.20
N VAL A 205 -16.84 3.66 5.78
CA VAL A 205 -15.45 3.43 6.21
C VAL A 205 -14.56 4.66 6.07
N TYR A 206 -14.52 5.24 4.86
CA TYR A 206 -13.60 6.34 4.61
C TYR A 206 -14.14 7.66 5.13
N LYS A 207 -15.45 7.86 4.97
CA LYS A 207 -16.15 9.06 5.41
C LYS A 207 -16.30 9.18 6.92
N THR A 208 -16.49 8.05 7.62
CA THR A 208 -16.78 8.09 9.05
C THR A 208 -15.84 7.29 9.95
N ALA A 209 -15.55 6.06 9.59
CA ALA A 209 -14.86 5.12 10.49
C ALA A 209 -13.47 5.58 10.96
N TYR A 210 -12.71 6.19 10.06
CA TYR A 210 -11.34 6.59 10.38
C TYR A 210 -11.28 7.76 11.36
N TYR A 211 -12.14 8.76 11.17
CA TYR A 211 -12.06 9.94 12.01
C TYR A 211 -12.78 9.70 13.32
N THR A 212 -13.83 8.87 13.28
CA THR A 212 -14.64 8.61 14.46
C THR A 212 -14.04 7.54 15.36
N TYR A 213 -13.41 6.53 14.79
CA TYR A 213 -12.89 5.41 15.59
C TYR A 213 -11.39 5.25 15.52
N TRP A 214 -10.83 5.36 14.33
CA TRP A 214 -9.44 4.97 14.18
C TRP A 214 -8.53 6.07 14.71
N LEU A 215 -8.91 7.31 14.44
CA LEU A 215 -8.10 8.47 14.83
C LEU A 215 -8.02 8.65 16.35
N PRO A 216 -9.17 8.66 17.05
CA PRO A 216 -9.03 8.73 18.52
C PRO A 216 -8.13 7.65 19.14
N LEU A 217 -8.28 6.40 18.69
CA LEU A 217 -7.48 5.29 19.24
C LEU A 217 -5.97 5.50 19.09
N VAL A 218 -5.54 5.89 17.88
CA VAL A 218 -4.13 6.08 17.56
C VAL A 218 -3.55 7.31 18.28
N MET A 219 -4.30 8.41 18.28
CA MET A 219 -3.87 9.59 19.03
C MET A 219 -3.75 9.26 20.50
N GLY A 220 -4.74 8.50 20.98
CA GLY A 220 -4.64 7.90 22.30
C GLY A 220 -3.27 7.29 22.53
N LEU A 221 -2.91 6.33 21.68
CA LEU A 221 -1.62 5.63 21.72
C LEU A 221 -0.39 6.52 21.50
N LEU A 222 -0.51 7.50 20.61
CA LEU A 222 0.57 8.43 20.32
C LEU A 222 0.94 9.39 21.47
N VAL A 223 -0.06 10.05 22.07
CA VAL A 223 0.18 10.96 23.22
C VAL A 223 0.67 10.20 24.46
N SER A 224 0.10 9.02 24.72
CA SER A 224 0.54 8.19 25.84
C SER A 224 1.85 7.46 25.54
N GLY A 225 2.36 7.61 24.31
CA GLY A 225 3.60 6.95 23.86
C GLY A 225 3.58 5.43 23.83
N THR A 226 2.46 4.83 23.43
CA THR A 226 2.28 3.38 23.48
C THR A 226 1.88 2.70 22.14
N LEU A 227 2.18 3.35 21.03
CA LEU A 227 1.76 2.84 19.73
C LEU A 227 2.42 1.50 19.36
N GLU A 228 3.73 1.36 19.64
CA GLU A 228 4.45 0.12 19.37
C GLU A 228 4.01 -1.07 20.25
N LYS A 229 3.12 -0.81 21.21
CA LYS A 229 2.62 -1.84 22.13
C LYS A 229 1.42 -2.62 21.59
N VAL A 230 0.81 -2.12 20.50
CA VAL A 230 -0.38 -2.76 19.93
C VAL A 230 -0.26 -3.05 18.43
N ASP A 231 -0.96 -4.10 17.98
CA ASP A 231 -0.96 -4.52 16.58
C ASP A 231 -1.71 -3.51 15.70
N LYS A 232 -1.02 -2.97 14.69
CA LYS A 232 -1.61 -2.06 13.70
C LYS A 232 -2.85 -2.68 13.05
N LYS A 233 -2.73 -3.92 12.60
CA LYS A 233 -3.81 -4.68 11.97
C LYS A 233 -5.08 -4.75 12.79
N ALA A 234 -4.92 -5.09 14.07
CA ALA A 234 -6.07 -5.34 14.94
C ALA A 234 -6.76 -4.01 15.24
N THR A 235 -5.95 -2.98 15.47
CA THR A 235 -6.41 -1.60 15.65
C THR A 235 -7.24 -1.12 14.46
N HIS A 236 -6.78 -1.44 13.24
CA HIS A 236 -7.52 -1.08 12.05
C HIS A 236 -8.88 -1.81 11.93
N LYS A 237 -8.84 -3.14 11.92
CA LYS A 237 -10.05 -3.95 11.89
C LYS A 237 -11.12 -3.54 12.94
N VAL A 238 -10.73 -3.41 14.20
CA VAL A 238 -11.71 -3.10 15.25
C VAL A 238 -12.32 -1.69 15.04
N ALA A 239 -11.50 -0.74 14.61
CA ALA A 239 -11.98 0.59 14.21
C ALA A 239 -13.02 0.48 13.10
N MET A 240 -12.74 -0.37 12.10
CA MET A 240 -13.61 -0.55 10.95
C MET A 240 -14.93 -1.25 11.29
N VAL A 241 -14.86 -2.34 12.05
CA VAL A 241 -16.04 -3.04 12.56
C VAL A 241 -16.97 -2.10 13.35
N MET A 242 -16.42 -1.39 14.33
CA MET A 242 -17.21 -0.47 15.17
C MET A 242 -17.73 0.69 14.33
N GLY A 243 -16.83 1.25 13.52
CA GLY A 243 -17.14 2.34 12.61
C GLY A 243 -18.27 2.01 11.68
N GLU A 244 -18.23 0.80 11.10
CA GLU A 244 -19.31 0.33 10.24
C GLU A 244 -20.63 0.24 11.01
N TYR A 245 -20.60 -0.50 12.12
CA TYR A 245 -21.76 -0.66 12.99
C TYR A 245 -22.42 0.64 13.41
N PHE A 246 -21.62 1.57 13.94
CA PHE A 246 -22.10 2.90 14.36
C PHE A 246 -22.96 3.62 13.28
N GLN A 247 -22.50 3.63 12.04
CA GLN A 247 -23.27 4.27 10.96
C GLN A 247 -24.52 3.47 10.55
N VAL A 248 -24.39 2.15 10.49
CA VAL A 248 -25.53 1.26 10.22
C VAL A 248 -26.60 1.51 11.27
N GLN A 249 -26.17 1.84 12.49
CA GLN A 249 -27.11 2.06 13.56
C GLN A 249 -27.69 3.46 13.51
N ASP A 250 -26.87 4.43 13.16
CA ASP A 250 -27.34 5.80 12.93
C ASP A 250 -28.34 5.89 11.76
N ASP A 251 -28.13 5.04 10.76
CA ASP A 251 -29.02 4.95 9.60
C ASP A 251 -30.41 4.41 9.95
N VAL A 252 -30.44 3.33 10.74
CA VAL A 252 -31.67 2.69 11.22
C VAL A 252 -32.45 3.61 12.16
N MET A 253 -31.74 4.27 13.07
CA MET A 253 -32.33 5.22 14.02
C MET A 253 -32.96 6.44 13.35
N ASP A 254 -32.31 6.98 12.31
CA ASP A 254 -32.86 8.10 11.53
C ASP A 254 -34.30 7.85 11.11
N CYS A 255 -34.56 6.61 10.72
CA CYS A 255 -35.83 6.21 10.20
C CYS A 255 -36.75 5.63 11.29
N PHE A 256 -36.21 4.86 12.22
CA PHE A 256 -37.06 4.07 13.11
C PHE A 256 -37.42 4.64 14.49
N THR A 257 -36.54 5.43 15.10
CA THR A 257 -36.82 5.94 16.45
C THR A 257 -37.58 7.26 16.46
N PRO A 258 -38.47 7.47 17.47
CA PRO A 258 -39.29 8.69 17.62
C PRO A 258 -38.59 10.04 17.38
N PRO A 259 -37.48 10.36 18.11
CA PRO A 259 -36.87 9.80 19.32
C PRO A 259 -37.18 10.64 20.58
N GLU A 260 -38.09 11.61 20.44
CA GLU A 260 -38.62 12.41 21.54
C GLU A 260 -39.90 13.07 21.07
N LYS A 264 -33.89 14.80 17.18
CA LYS A 264 -34.07 15.48 15.89
C LYS A 264 -35.15 14.85 15.01
N ILE A 265 -35.32 15.40 13.82
CA ILE A 265 -36.22 14.87 12.79
C ILE A 265 -35.38 14.20 11.69
N GLY A 266 -35.48 12.88 11.59
CA GLY A 266 -34.73 12.11 10.60
C GLY A 266 -35.15 12.39 9.16
N THR A 267 -34.18 12.75 8.34
CA THR A 267 -34.48 13.20 6.98
C THR A 267 -33.79 12.41 5.82
N ASP A 268 -33.35 11.17 6.10
CA ASP A 268 -32.62 10.34 5.10
C ASP A 268 -33.44 9.95 3.86
N ILE A 269 -34.66 9.51 4.10
CA ILE A 269 -35.59 9.14 3.03
C ILE A 269 -35.75 10.29 2.03
N GLU A 270 -36.18 11.46 2.51
CA GLU A 270 -36.38 12.61 1.62
C GLU A 270 -35.09 13.16 0.97
N ASP A 271 -33.96 12.99 1.66
CA ASP A 271 -32.65 13.38 1.13
C ASP A 271 -32.06 12.37 0.14
N ALA A 272 -32.74 11.23 0.03
CA ALA A 272 -32.32 10.11 -0.82
C ALA A 272 -30.92 9.61 -0.46
N LYS A 273 -30.65 9.54 0.85
CA LYS A 273 -29.35 9.10 1.31
C LYS A 273 -29.07 7.65 0.91
N CYS A 274 -27.81 7.40 0.52
CA CYS A 274 -27.31 6.07 0.31
C CYS A 274 -27.11 5.46 1.69
N SER A 275 -28.15 4.83 2.20
CA SER A 275 -28.17 4.39 3.58
C SER A 275 -28.13 2.89 3.64
N TRP A 276 -27.76 2.38 4.82
CA TRP A 276 -27.78 0.94 5.05
C TRP A 276 -29.17 0.39 4.77
N LEU A 277 -30.20 1.14 5.15
CA LEU A 277 -31.58 0.76 4.84
C LEU A 277 -31.85 0.67 3.36
N ALA A 278 -31.56 1.76 2.64
CA ALA A 278 -31.71 1.82 1.19
C ALA A 278 -30.98 0.70 0.45
N VAL A 279 -29.70 0.48 0.77
CA VAL A 279 -28.90 -0.52 0.03
C VAL A 279 -29.31 -1.96 0.33
N THR A 280 -29.57 -2.24 1.61
CA THR A 280 -30.02 -3.56 2.03
C THR A 280 -31.39 -3.91 1.45
N PHE A 281 -32.26 -2.90 1.38
CA PHE A 281 -33.57 -3.08 0.78
C PHE A 281 -33.45 -3.34 -0.70
N LEU A 282 -32.66 -2.52 -1.40
CA LEU A 282 -32.63 -2.54 -2.86
C LEU A 282 -32.06 -3.83 -3.42
N THR A 283 -31.15 -4.44 -2.67
CA THR A 283 -30.48 -5.63 -3.15
C THR A 283 -31.14 -6.94 -2.71
N THR A 284 -32.14 -6.87 -1.83
CA THR A 284 -32.80 -8.09 -1.33
C THR A 284 -34.33 -8.18 -1.52
N ALA A 285 -35.00 -7.05 -1.69
CA ALA A 285 -36.47 -7.05 -1.74
C ALA A 285 -37.03 -7.53 -3.08
N PRO A 286 -38.27 -8.08 -3.08
CA PRO A 286 -38.97 -8.50 -4.30
C PRO A 286 -39.10 -7.39 -5.33
N ALA A 287 -39.23 -7.78 -6.60
CA ALA A 287 -39.13 -6.84 -7.73
C ALA A 287 -40.08 -5.64 -7.67
N GLU A 288 -41.33 -5.89 -7.33
CA GLU A 288 -42.35 -4.84 -7.35
C GLU A 288 -42.21 -3.83 -6.19
N LYS A 289 -41.77 -4.33 -5.04
CA LYS A 289 -41.33 -3.50 -3.92
C LYS A 289 -40.24 -2.51 -4.33
N VAL A 290 -39.23 -3.00 -5.05
CA VAL A 290 -38.14 -2.17 -5.57
C VAL A 290 -38.68 -1.06 -6.47
N ALA A 291 -39.64 -1.41 -7.32
CA ALA A 291 -40.34 -0.44 -8.16
C ALA A 291 -41.03 0.64 -7.32
N GLU A 292 -41.71 0.22 -6.26
CA GLU A 292 -42.45 1.13 -5.40
C GLU A 292 -41.47 2.05 -4.65
N PHE A 293 -40.42 1.46 -4.10
CA PHE A 293 -39.36 2.21 -3.46
C PHE A 293 -38.82 3.33 -4.36
N LYS A 294 -38.47 3.00 -5.60
CA LYS A 294 -37.91 3.99 -6.51
C LYS A 294 -38.87 5.12 -6.85
N ALA A 295 -40.17 4.80 -6.81
CA ALA A 295 -41.21 5.76 -7.11
C ALA A 295 -41.42 6.76 -5.97
N ASN A 296 -41.01 6.39 -4.76
CA ASN A 296 -41.32 7.16 -3.57
C ASN A 296 -40.12 7.70 -2.78
N TYR A 297 -38.92 7.23 -3.11
CA TYR A 297 -37.69 7.63 -2.41
C TYR A 297 -37.19 9.01 -2.82
N GLY A 298 -36.61 9.73 -1.86
CA GLY A 298 -36.04 11.05 -2.16
C GLY A 298 -37.07 12.15 -2.46
N SER A 299 -38.26 12.01 -1.87
CA SER A 299 -39.31 13.03 -1.97
C SER A 299 -39.60 13.68 -0.62
N THR A 300 -39.76 15.00 -0.63
CA THR A 300 -40.12 15.71 0.60
C THR A 300 -41.56 15.42 1.03
N ASP A 301 -42.40 15.11 0.05
CA ASP A 301 -43.77 14.66 0.29
C ASP A 301 -43.90 13.62 1.42
N PRO A 302 -44.65 13.94 2.49
CA PRO A 302 -44.77 13.01 3.63
C PRO A 302 -45.51 11.70 3.35
N ALA A 303 -46.29 11.63 2.28
CA ALA A 303 -46.92 10.36 1.90
C ALA A 303 -45.85 9.41 1.35
N ALA A 304 -45.04 9.92 0.43
CA ALA A 304 -43.90 9.17 -0.11
C ALA A 304 -43.02 8.61 1.01
N VAL A 305 -42.55 9.50 1.90
CA VAL A 305 -41.76 9.10 3.07
C VAL A 305 -42.40 7.95 3.87
N ALA A 306 -43.71 8.03 4.08
CA ALA A 306 -44.44 6.99 4.83
C ALA A 306 -44.52 5.66 4.10
N VAL A 307 -44.62 5.70 2.77
CA VAL A 307 -44.57 4.49 1.95
C VAL A 307 -43.22 3.77 2.09
N ILE A 308 -42.13 4.51 1.92
CA ILE A 308 -40.78 3.97 2.12
C ILE A 308 -40.62 3.29 3.50
N LYS A 309 -41.03 3.98 4.55
CA LYS A 309 -40.96 3.42 5.92
C LYS A 309 -41.79 2.15 6.05
N GLN A 310 -42.96 2.14 5.42
CA GLN A 310 -43.81 0.96 5.40
C GLN A 310 -43.15 -0.15 4.59
N LEU A 311 -42.49 0.18 3.48
CA LEU A 311 -41.76 -0.84 2.72
C LEU A 311 -40.63 -1.48 3.57
N TYR A 312 -39.95 -0.66 4.38
CA TYR A 312 -38.85 -1.13 5.23
C TYR A 312 -39.36 -2.07 6.31
N THR A 313 -40.54 -1.74 6.87
CA THR A 313 -41.17 -2.55 7.91
C THR A 313 -41.62 -3.90 7.37
N GLU A 314 -42.21 -3.90 6.18
CA GLU A 314 -42.66 -5.14 5.55
C GLU A 314 -41.47 -6.05 5.26
N GLN A 315 -40.31 -5.44 5.08
CA GLN A 315 -39.10 -6.20 4.83
C GLN A 315 -38.35 -6.63 6.10
N ASN A 316 -38.91 -6.29 7.26
CA ASN A 316 -38.38 -6.68 8.58
C ASN A 316 -37.02 -6.11 8.94
N LEU A 317 -36.71 -4.97 8.32
CA LEU A 317 -35.38 -4.37 8.37
C LEU A 317 -34.86 -4.05 9.78
N LEU A 318 -35.79 -3.76 10.69
CA LEU A 318 -35.45 -3.51 12.10
C LEU A 318 -34.95 -4.77 12.79
N ALA A 319 -35.62 -5.89 12.56
CA ALA A 319 -35.26 -7.16 13.18
C ALA A 319 -33.97 -7.66 12.59
N ARG A 320 -33.82 -7.46 11.28
CA ARG A 320 -32.61 -7.81 10.54
C ARG A 320 -31.40 -7.00 11.01
N PHE A 321 -31.63 -5.73 11.35
CA PHE A 321 -30.56 -4.92 11.91
C PHE A 321 -30.11 -5.54 13.23
N GLU A 322 -31.06 -5.90 14.09
CA GLU A 322 -30.72 -6.53 15.37
C GLU A 322 -29.96 -7.84 15.19
N GLU A 323 -30.29 -8.58 14.13
CA GLU A 323 -29.49 -9.74 13.73
C GLU A 323 -28.06 -9.32 13.37
N TYR A 324 -27.95 -8.30 12.51
CA TYR A 324 -26.67 -7.71 12.16
C TYR A 324 -25.92 -7.25 13.42
N GLU A 325 -26.63 -6.53 14.29
CA GLU A 325 -26.09 -6.07 15.55
C GLU A 325 -25.47 -7.21 16.36
N LYS A 326 -26.18 -8.34 16.42
CA LYS A 326 -25.73 -9.52 17.17
C LYS A 326 -24.50 -10.17 16.53
N ALA A 327 -24.46 -10.18 15.20
CA ALA A 327 -23.28 -10.65 14.46
C ALA A 327 -22.09 -9.70 14.70
N VAL A 328 -22.37 -8.41 14.90
CA VAL A 328 -21.30 -7.48 15.18
C VAL A 328 -20.79 -7.64 16.60
N VAL A 329 -21.70 -7.83 17.55
CA VAL A 329 -21.32 -8.18 18.94
C VAL A 329 -20.27 -9.32 18.99
N ALA A 330 -20.56 -10.40 18.24
CA ALA A 330 -19.65 -11.54 18.11
C ALA A 330 -18.26 -11.16 17.61
N GLU A 331 -18.18 -10.43 16.48
CA GLU A 331 -16.93 -9.89 15.94
C GLU A 331 -16.16 -9.00 16.91
N VAL A 332 -16.80 -7.97 17.44
CA VAL A 332 -16.14 -7.02 18.35
C VAL A 332 -15.56 -7.76 19.56
N GLU A 333 -16.35 -8.66 20.14
CA GLU A 333 -15.93 -9.46 21.29
C GLU A 333 -14.75 -10.39 20.97
N GLN A 334 -14.69 -10.87 19.75
CA GLN A 334 -13.60 -11.71 19.27
C GLN A 334 -12.33 -10.86 19.14
N LEU A 335 -12.48 -9.69 18.55
CA LEU A 335 -11.36 -8.78 18.31
C LEU A 335 -10.77 -8.22 19.60
N ILE A 336 -11.63 -7.93 20.58
CA ILE A 336 -11.20 -7.54 21.92
C ILE A 336 -10.45 -8.68 22.60
N ALA A 337 -11.07 -9.86 22.69
CA ALA A 337 -10.40 -11.02 23.30
C ALA A 337 -9.00 -11.25 22.74
N ALA A 338 -8.84 -11.03 21.43
CA ALA A 338 -7.54 -11.13 20.75
C ALA A 338 -6.59 -9.99 21.12
N LEU A 339 -7.13 -8.78 21.25
CA LEU A 339 -6.35 -7.64 21.70
C LEU A 339 -5.86 -7.80 23.14
N GLU A 340 -6.74 -8.33 24.00
CA GLU A 340 -6.45 -8.58 25.42
C GLU A 340 -5.24 -9.48 25.63
N ALA A 341 -5.04 -10.42 24.70
CA ALA A 341 -3.91 -11.33 24.72
C ALA A 341 -2.58 -10.62 24.43
N GLN A 342 -2.67 -9.38 23.93
CA GLN A 342 -1.50 -8.61 23.52
C GLN A 342 -1.22 -7.43 24.46
N ASN A 343 -2.29 -6.86 25.00
CA ASN A 343 -2.21 -5.73 25.93
C ASN A 343 -3.59 -5.49 26.51
N ALA A 344 -3.74 -5.82 27.80
CA ALA A 344 -5.02 -5.74 28.49
C ALA A 344 -5.53 -4.31 28.63
N ALA A 345 -4.60 -3.37 28.84
CA ALA A 345 -4.94 -1.96 29.00
C ALA A 345 -5.68 -1.39 27.79
N PHE A 346 -5.16 -1.65 26.59
CA PHE A 346 -5.78 -1.18 25.36
C PHE A 346 -7.11 -1.87 25.10
N ALA A 347 -7.13 -3.18 25.30
CA ALA A 347 -8.35 -3.97 25.08
C ALA A 347 -9.49 -3.58 26.02
N ALA A 348 -9.15 -3.23 27.26
CA ALA A 348 -10.13 -2.76 28.23
C ALA A 348 -10.71 -1.44 27.76
N SER A 349 -9.80 -0.59 27.27
CA SER A 349 -10.13 0.68 26.67
C SER A 349 -11.12 0.47 25.52
N VAL A 350 -10.80 -0.47 24.62
CA VAL A 350 -11.64 -0.74 23.46
C VAL A 350 -13.00 -1.31 23.88
N LYS A 351 -13.00 -2.05 24.99
CA LYS A 351 -14.22 -2.61 25.55
C LYS A 351 -15.15 -1.52 26.07
N VAL A 352 -14.59 -0.43 26.59
CA VAL A 352 -15.42 0.70 27.05
C VAL A 352 -15.87 1.66 25.92
N LEU A 353 -15.11 1.73 24.83
CA LEU A 353 -15.57 2.47 23.65
C LEU A 353 -16.69 1.71 22.95
N TRP A 354 -16.66 0.38 23.06
CA TRP A 354 -17.71 -0.44 22.49
C TRP A 354 -19.04 -0.23 23.22
N SER A 355 -18.95 -0.18 24.55
CA SER A 355 -20.10 0.03 25.43
C SER A 355 -20.77 1.39 25.25
N LYS A 356 -20.06 2.33 24.61
CA LYS A 356 -20.59 3.66 24.35
C LYS A 356 -21.25 3.72 22.97
N THR A 357 -20.92 2.74 22.13
CA THR A 357 -21.41 2.64 20.77
C THR A 357 -22.62 1.71 20.74
N TYR A 358 -22.51 0.63 21.52
CA TYR A 358 -23.50 -0.45 21.52
C TYR A 358 -24.86 0.01 22.07
N LYS A 359 -25.92 -0.36 21.35
CA LYS A 359 -27.31 0.01 21.67
C LYS A 359 -27.50 1.46 22.11
N ARG A 360 -27.17 2.40 21.23
CA ARG A 360 -27.46 3.81 21.48
C ARG A 360 -28.98 3.97 21.52
N GLN A 361 -29.44 4.74 22.49
CA GLN A 361 -30.86 4.85 22.76
C GLN A 361 -31.32 6.30 22.62
N MET B 1 11.62 27.48 -20.41
CA MET B 1 12.95 27.93 -19.91
C MET B 1 12.86 28.62 -18.54
N ALA B 2 13.67 28.19 -17.58
CA ALA B 2 14.53 27.02 -17.75
C ALA B 2 13.81 25.79 -17.18
N HIS B 3 13.22 25.98 -16.00
CA HIS B 3 12.70 24.89 -15.17
C HIS B 3 11.23 24.54 -15.38
N MET B 4 10.58 25.17 -16.38
CA MET B 4 9.17 24.90 -16.67
C MET B 4 8.92 23.44 -17.05
N GLU B 5 9.77 22.91 -17.93
CA GLU B 5 9.70 21.53 -18.38
C GLU B 5 9.85 20.53 -17.21
N ARG B 6 10.82 20.81 -16.32
CA ARG B 6 11.04 20.01 -15.12
C ARG B 6 9.84 20.08 -14.17
N PHE B 7 9.17 21.22 -14.14
CA PHE B 7 8.00 21.44 -13.29
C PHE B 7 6.80 20.64 -13.80
N GLN B 8 6.57 20.70 -15.12
CA GLN B 8 5.49 19.93 -15.74
C GLN B 8 5.65 18.41 -15.59
N LYS B 9 6.88 17.93 -15.71
CA LYS B 9 7.19 16.50 -15.60
C LYS B 9 6.87 15.99 -14.20
N VAL B 10 7.27 16.75 -13.19
CA VAL B 10 6.98 16.49 -11.77
C VAL B 10 5.49 16.48 -11.48
N TYR B 11 4.73 17.41 -12.07
CA TYR B 11 3.27 17.41 -11.93
C TYR B 11 2.68 16.06 -12.29
N GLU B 12 3.05 15.56 -13.47
CA GLU B 12 2.59 14.27 -13.96
C GLU B 12 2.95 13.15 -13.00
N GLU B 13 4.13 13.27 -12.40
CA GLU B 13 4.66 12.25 -11.53
C GLU B 13 3.90 12.23 -10.20
N VAL B 14 3.57 13.42 -9.69
CA VAL B 14 2.77 13.52 -8.45
C VAL B 14 1.31 13.13 -8.68
N GLN B 15 0.75 13.50 -9.83
CA GLN B 15 -0.61 13.10 -10.18
C GLN B 15 -0.75 11.59 -10.17
N GLU B 16 0.20 10.94 -10.84
CA GLU B 16 0.26 9.48 -10.90
C GLU B 16 0.44 8.87 -9.50
N PHE B 17 1.36 9.39 -8.69
CA PHE B 17 1.46 8.92 -7.31
C PHE B 17 0.16 9.11 -6.51
N LEU B 18 -0.44 10.31 -6.61
CA LEU B 18 -1.64 10.62 -5.82
C LEU B 18 -2.85 9.75 -6.19
N LEU B 19 -3.11 9.63 -7.48
CA LEU B 19 -4.22 8.83 -7.99
C LEU B 19 -4.01 7.35 -7.70
N GLY B 20 -2.76 6.88 -7.82
CA GLY B 20 -2.44 5.48 -7.53
C GLY B 20 -2.59 5.14 -6.06
N ASP B 21 -2.09 6.05 -5.22
CA ASP B 21 -2.18 5.93 -3.78
C ASP B 21 -3.64 5.84 -3.28
N ALA B 22 -4.50 6.69 -3.86
CA ALA B 22 -5.95 6.56 -3.70
C ALA B 22 -6.46 5.18 -4.12
N GLU B 23 -5.98 4.66 -5.24
CA GLU B 23 -6.36 3.31 -5.65
C GLU B 23 -5.93 2.27 -4.60
N LYS B 24 -4.75 2.50 -4.02
CA LYS B 24 -4.17 1.60 -3.04
C LYS B 24 -4.88 1.69 -1.70
N ARG B 25 -5.18 2.92 -1.28
CA ARG B 25 -5.64 3.16 0.09
C ARG B 25 -7.15 3.17 0.26
N PHE B 26 -7.88 3.59 -0.79
CA PHE B 26 -9.33 3.80 -0.62
C PHE B 26 -10.21 3.03 -1.60
N GLU B 27 -9.62 2.10 -2.36
CA GLU B 27 -10.35 1.32 -3.39
C GLU B 27 -10.89 2.19 -4.50
N MET B 28 -10.13 3.22 -4.87
CA MET B 28 -10.57 4.20 -5.86
C MET B 28 -10.89 3.49 -7.17
N ASP B 29 -12.13 3.65 -7.61
CA ASP B 29 -12.57 3.12 -8.88
C ASP B 29 -12.05 3.95 -10.08
N VAL B 30 -12.13 3.34 -11.25
CA VAL B 30 -11.59 3.88 -12.49
C VAL B 30 -12.28 5.20 -12.86
N HIS B 31 -13.58 5.28 -12.56
CA HIS B 31 -14.38 6.42 -12.96
C HIS B 31 -14.14 7.63 -12.07
N ARG B 32 -14.16 7.42 -10.77
CA ARG B 32 -13.88 8.47 -9.80
C ARG B 32 -12.42 8.91 -9.86
N LYS B 33 -11.53 7.98 -10.23
CA LYS B 33 -10.12 8.32 -10.49
C LYS B 33 -9.94 9.24 -11.71
N GLY B 34 -10.72 8.99 -12.76
CA GLY B 34 -10.67 9.83 -13.96
C GLY B 34 -11.27 11.20 -13.67
N TYR B 35 -12.28 11.22 -12.80
CA TYR B 35 -12.89 12.45 -12.37
C TYR B 35 -11.88 13.33 -11.63
N LEU B 36 -11.22 12.75 -10.62
CA LEU B 36 -10.16 13.46 -9.89
C LEU B 36 -8.98 13.90 -10.76
N LYS B 37 -8.67 13.13 -11.79
CA LYS B 37 -7.64 13.55 -12.75
C LYS B 37 -8.06 14.85 -13.46
N SER B 38 -9.31 14.92 -13.90
CA SER B 38 -9.79 16.13 -14.57
C SER B 38 -10.02 17.29 -13.59
N MET B 39 -10.27 16.96 -12.32
CA MET B 39 -10.39 17.98 -11.27
C MET B 39 -9.03 18.64 -11.02
N MET B 40 -7.99 17.81 -11.01
CA MET B 40 -6.64 18.30 -10.77
C MET B 40 -6.14 19.12 -11.95
N ASP B 41 -6.31 18.59 -13.16
CA ASP B 41 -5.86 19.25 -14.38
C ASP B 41 -6.55 20.58 -14.55
N THR B 42 -7.86 20.61 -14.38
CA THR B 42 -8.63 21.85 -14.53
C THR B 42 -8.32 22.95 -13.50
N THR B 43 -8.08 22.57 -12.25
CA THR B 43 -7.84 23.56 -11.20
C THR B 43 -6.38 24.00 -11.04
N CYS B 44 -5.45 23.09 -11.35
CA CYS B 44 -4.02 23.33 -11.15
C CYS B 44 -3.27 23.78 -12.43
N LEU B 45 -3.73 23.34 -13.60
CA LEU B 45 -3.02 23.68 -14.85
C LEU B 45 -3.65 24.83 -15.63
N GLY B 46 -2.84 25.54 -16.43
CA GLY B 46 -3.34 26.63 -17.28
C GLY B 46 -3.09 28.02 -16.70
N GLY B 47 -2.46 28.05 -15.54
CA GLY B 47 -2.06 29.29 -14.92
C GLY B 47 -0.61 29.52 -15.25
N LYS B 48 0.01 30.48 -14.58
CA LYS B 48 1.38 30.84 -14.90
C LYS B 48 2.41 30.06 -14.08
N TYR B 49 1.95 29.44 -12.99
CA TYR B 49 2.80 28.64 -12.11
C TYR B 49 3.94 29.48 -11.53
N ASN B 50 3.76 30.79 -11.48
CA ASN B 50 4.82 31.70 -11.06
C ASN B 50 5.25 31.45 -9.63
N ARG B 51 4.29 31.14 -8.75
CA ARG B 51 4.62 30.84 -7.36
C ARG B 51 5.43 29.56 -7.27
N GLY B 52 5.01 28.54 -8.01
CA GLY B 52 5.70 27.25 -8.00
C GLY B 52 7.11 27.25 -8.59
N LEU B 53 7.25 27.92 -9.73
CA LEU B 53 8.57 28.11 -10.39
C LEU B 53 9.53 28.95 -9.56
N CYS B 54 8.98 29.91 -8.82
CA CYS B 54 9.80 30.78 -7.97
C CYS B 54 10.58 29.96 -6.96
N VAL B 55 9.91 28.98 -6.33
CA VAL B 55 10.54 28.05 -5.40
C VAL B 55 11.76 27.35 -6.06
N VAL B 56 11.56 26.86 -7.28
CA VAL B 56 12.65 26.24 -8.05
C VAL B 56 13.75 27.24 -8.41
N ASP B 57 13.38 28.46 -8.80
CA ASP B 57 14.37 29.52 -9.07
C ASP B 57 15.22 29.74 -7.83
N VAL B 58 14.55 29.92 -6.69
CA VAL B 58 15.23 30.16 -5.42
C VAL B 58 16.09 28.97 -4.98
N ALA B 59 15.56 27.75 -5.09
CA ALA B 59 16.29 26.56 -4.67
C ALA B 59 17.57 26.33 -5.49
N GLU B 60 17.48 26.56 -6.80
CA GLU B 60 18.63 26.42 -7.68
C GLU B 60 19.70 27.46 -7.37
N ALA B 61 19.27 28.71 -7.21
CA ALA B 61 20.18 29.80 -6.84
C ALA B 61 20.99 29.49 -5.58
N MET B 62 20.33 28.91 -4.57
CA MET B 62 21.01 28.57 -3.31
C MET B 62 21.86 27.31 -3.44
N ALA B 63 21.41 26.36 -4.25
CA ALA B 63 22.13 25.08 -4.46
C ALA B 63 23.48 25.26 -5.13
N LYS B 64 23.53 26.12 -6.15
CA LYS B 64 24.78 26.44 -6.86
C LYS B 64 25.78 27.16 -5.96
N ASP B 65 25.25 28.01 -5.08
CA ASP B 65 26.00 28.76 -4.07
C ASP B 65 26.69 27.83 -3.06
N THR B 66 26.19 26.60 -2.92
CA THR B 66 26.80 25.58 -2.05
C THR B 66 27.81 24.69 -2.76
N GLN B 67 27.81 24.72 -4.10
CA GLN B 67 28.73 23.93 -4.93
C GLN B 67 28.60 22.42 -4.68
N MET B 68 27.35 21.93 -4.61
CA MET B 68 27.07 20.52 -4.35
C MET B 68 27.03 19.69 -5.64
N ASP B 69 27.27 18.38 -5.48
CA ASP B 69 27.38 17.44 -6.59
C ASP B 69 26.10 17.27 -7.43
N ALA B 70 26.21 16.53 -8.53
CA ALA B 70 25.12 16.35 -9.49
C ALA B 70 23.90 15.61 -8.93
N ALA B 71 24.16 14.52 -8.18
CA ALA B 71 23.09 13.71 -7.60
C ALA B 71 22.27 14.48 -6.58
N ALA B 72 22.95 15.27 -5.76
CA ALA B 72 22.30 16.06 -4.70
C ALA B 72 21.50 17.24 -5.26
N MET B 73 22.06 17.86 -6.30
CA MET B 73 21.45 18.98 -7.02
C MET B 73 20.09 18.59 -7.62
N GLU B 74 20.04 17.41 -8.24
CA GLU B 74 18.81 16.84 -8.81
C GLU B 74 17.72 16.64 -7.76
N ARG B 75 18.12 16.12 -6.60
CA ARG B 75 17.22 15.96 -5.46
C ARG B 75 16.65 17.30 -5.01
N VAL B 76 17.52 18.30 -4.86
CA VAL B 76 17.08 19.65 -4.50
C VAL B 76 16.12 20.26 -5.54
N LEU B 77 16.34 19.97 -6.83
CA LEU B 77 15.47 20.51 -7.87
C LEU B 77 14.14 19.79 -7.90
N HIS B 78 14.18 18.49 -7.60
CA HIS B 78 12.98 17.70 -7.55
C HIS B 78 12.17 18.08 -6.29
N ASP B 79 12.86 18.25 -5.16
CA ASP B 79 12.21 18.72 -3.92
C ASP B 79 11.51 20.09 -4.10
N ALA B 80 12.24 21.03 -4.69
CA ALA B 80 11.71 22.36 -5.07
C ALA B 80 10.40 22.30 -5.85
N CYS B 81 10.38 21.47 -6.89
CA CYS B 81 9.20 21.23 -7.71
C CYS B 81 7.99 20.74 -6.92
N VAL B 82 8.20 19.75 -6.05
CA VAL B 82 7.15 19.21 -5.18
C VAL B 82 6.58 20.32 -4.32
N CYS B 83 7.45 21.04 -3.62
CA CYS B 83 7.07 22.22 -2.83
C CYS B 83 6.31 23.22 -3.67
N GLY B 84 6.86 23.58 -4.84
CA GLY B 84 6.19 24.46 -5.79
C GLY B 84 4.77 23.99 -6.06
N TRP B 85 4.61 22.67 -6.26
CA TRP B 85 3.26 22.11 -6.45
C TRP B 85 2.41 22.12 -5.16
N MET B 86 3.03 22.13 -3.99
CA MET B 86 2.25 22.33 -2.77
C MET B 86 1.59 23.72 -2.81
N ILE B 87 2.34 24.74 -3.23
CA ILE B 87 1.80 26.11 -3.29
C ILE B 87 0.71 26.25 -4.35
N GLU B 88 0.91 25.62 -5.51
CA GLU B 88 -0.07 25.74 -6.58
C GLU B 88 -1.38 25.06 -6.21
N MET B 89 -1.27 23.90 -5.57
CA MET B 89 -2.44 23.16 -5.14
C MET B 89 -3.17 23.96 -4.04
N LEU B 90 -2.39 24.54 -3.12
CA LEU B 90 -2.93 25.40 -2.09
C LEU B 90 -3.64 26.60 -2.73
N GLN B 91 -3.00 27.28 -3.70
CA GLN B 91 -3.69 28.34 -4.45
C GLN B 91 -4.94 27.78 -5.12
N ALA B 92 -4.77 26.73 -5.90
CA ALA B 92 -5.88 26.07 -6.61
C ALA B 92 -7.06 25.76 -5.68
N HIS B 93 -6.75 25.19 -4.51
CA HIS B 93 -7.76 24.92 -3.49
C HIS B 93 -8.52 26.19 -3.10
N PHE B 94 -7.81 27.29 -2.88
CA PHE B 94 -8.47 28.56 -2.53
C PHE B 94 -9.29 29.22 -3.65
N LEU B 95 -8.89 29.03 -4.91
CA LEU B 95 -9.69 29.50 -6.05
C LEU B 95 -11.01 28.73 -6.18
N VAL B 96 -10.93 27.42 -5.99
CA VAL B 96 -12.12 26.59 -6.10
C VAL B 96 -13.14 27.07 -5.09
N GLU B 97 -12.69 27.28 -3.85
CA GLU B 97 -13.57 27.69 -2.77
C GLU B 97 -14.05 29.12 -2.97
N ASP B 98 -13.14 30.00 -3.38
CA ASP B 98 -13.50 31.40 -3.57
C ASP B 98 -14.51 31.60 -4.70
N ASP B 99 -14.41 30.79 -5.75
CA ASP B 99 -15.34 30.91 -6.88
C ASP B 99 -16.75 30.47 -6.48
N ILE B 100 -16.85 29.48 -5.60
CA ILE B 100 -18.13 29.10 -4.99
C ILE B 100 -18.63 30.19 -4.02
N MET B 101 -17.72 30.69 -3.17
CA MET B 101 -18.09 31.66 -2.13
C MET B 101 -18.67 32.92 -2.73
N ASP B 102 -18.01 33.42 -3.79
CA ASP B 102 -18.39 34.64 -4.47
C ASP B 102 -19.32 34.43 -5.67
N HIS B 103 -19.81 33.20 -5.87
CA HIS B 103 -20.60 32.83 -7.06
C HIS B 103 -19.99 33.37 -8.35
N SER B 104 -18.66 33.26 -8.45
CA SER B 104 -17.94 33.67 -9.65
C SER B 104 -18.36 32.80 -10.86
N LYS B 105 -18.21 33.37 -12.05
CA LYS B 105 -18.65 32.73 -13.27
C LYS B 105 -17.50 32.12 -14.04
N THR B 106 -16.39 32.85 -14.13
CA THR B 106 -15.27 32.41 -14.93
C THR B 106 -13.94 32.55 -14.21
N ARG B 107 -12.98 31.78 -14.70
CA ARG B 107 -11.65 31.66 -14.12
C ARG B 107 -10.71 31.32 -15.27
N ARG B 108 -9.73 32.19 -15.53
CA ARG B 108 -8.85 32.08 -16.69
C ARG B 108 -9.69 31.83 -17.95
N GLY B 109 -10.67 32.70 -18.21
CA GLY B 109 -11.54 32.58 -19.37
C GLY B 109 -12.27 31.25 -19.54
N LYS B 110 -12.34 30.47 -18.47
CA LYS B 110 -13.09 29.22 -18.45
C LYS B 110 -14.12 29.31 -17.34
N PRO B 111 -15.27 28.63 -17.50
CA PRO B 111 -16.16 28.50 -16.36
C PRO B 111 -15.41 28.02 -15.11
N CYS B 112 -15.75 28.57 -13.96
CA CYS B 112 -15.25 28.07 -12.67
C CYS B 112 -15.56 26.60 -12.51
N TRP B 113 -14.70 25.89 -11.79
CA TRP B 113 -14.86 24.45 -11.55
C TRP B 113 -16.28 24.01 -11.17
N TYR B 114 -16.87 24.70 -10.19
CA TYR B 114 -18.18 24.30 -9.67
C TYR B 114 -19.28 24.48 -10.72
N LEU B 115 -18.99 25.27 -11.75
CA LEU B 115 -19.93 25.55 -12.82
C LEU B 115 -19.86 24.58 -14.01
N HIS B 116 -18.81 23.76 -14.05
CA HIS B 116 -18.74 22.67 -15.03
C HIS B 116 -19.96 21.77 -14.86
N PRO B 117 -20.61 21.39 -15.99
CA PRO B 117 -21.93 20.73 -15.98
C PRO B 117 -22.04 19.51 -15.06
N GLY B 118 -21.04 18.63 -15.06
CA GLY B 118 -21.08 17.42 -14.23
C GLY B 118 -20.44 17.59 -12.86
N VAL B 119 -20.27 18.85 -12.48
CA VAL B 119 -19.72 19.23 -11.18
C VAL B 119 -20.63 20.31 -10.64
N THR B 120 -21.13 20.11 -9.44
CA THR B 120 -21.89 21.18 -8.80
C THR B 120 -21.09 21.67 -7.61
N ALA B 121 -21.60 22.72 -6.96
CA ALA B 121 -21.02 23.23 -5.73
C ALA B 121 -20.96 22.14 -4.66
N GLN B 122 -21.97 21.27 -4.65
CA GLN B 122 -22.06 20.22 -3.66
C GLN B 122 -20.84 19.32 -3.66
N VAL B 123 -20.33 19.03 -4.84
CA VAL B 123 -19.13 18.22 -4.98
C VAL B 123 -17.88 19.11 -4.93
N ALA B 124 -17.93 20.24 -5.63
CA ALA B 124 -16.76 21.12 -5.83
C ALA B 124 -16.19 21.70 -4.53
N ILE B 125 -17.06 22.01 -3.56
CA ILE B 125 -16.60 22.39 -2.23
C ILE B 125 -15.63 21.32 -1.73
N ASN B 126 -16.06 20.07 -1.81
CA ASN B 126 -15.23 18.95 -1.31
C ASN B 126 -14.00 18.69 -2.15
N ASP B 127 -14.14 18.82 -3.47
CA ASP B 127 -12.99 18.83 -4.40
C ASP B 127 -11.86 19.73 -3.89
N GLY B 128 -12.23 20.88 -3.35
CA GLY B 128 -11.27 21.86 -2.86
C GLY B 128 -10.54 21.35 -1.65
N LEU B 129 -11.28 20.65 -0.79
CA LEU B 129 -10.70 19.99 0.38
C LEU B 129 -9.70 18.91 -0.03
N ILE B 130 -10.07 18.10 -1.03
CA ILE B 130 -9.15 17.10 -1.56
C ILE B 130 -7.83 17.72 -2.03
N LEU B 131 -7.91 18.81 -2.79
CA LEU B 131 -6.74 19.53 -3.28
C LEU B 131 -5.79 19.96 -2.14
N LEU B 132 -6.36 20.64 -1.14
CA LEU B 132 -5.62 20.98 0.08
C LEU B 132 -5.07 19.74 0.80
N ALA B 133 -5.83 18.65 0.78
CA ALA B 133 -5.37 17.39 1.36
C ALA B 133 -4.18 16.81 0.58
N TRP B 134 -4.26 16.87 -0.76
CA TRP B 134 -3.15 16.44 -1.62
C TRP B 134 -1.84 17.15 -1.37
N ALA B 135 -1.90 18.44 -1.02
CA ALA B 135 -0.68 19.21 -0.75
C ALA B 135 0.13 18.63 0.40
N THR B 136 -0.54 18.24 1.48
CA THR B 136 0.14 17.65 2.63
C THR B 136 0.63 16.26 2.26
N GLN B 137 -0.17 15.53 1.50
CA GLN B 137 0.19 14.19 1.04
C GLN B 137 1.53 14.15 0.28
N MET B 138 1.70 15.06 -0.67
CA MET B 138 2.94 15.23 -1.41
C MET B 138 4.16 15.30 -0.48
N ALA B 139 4.09 16.22 0.48
CA ALA B 139 5.14 16.37 1.50
C ALA B 139 5.31 15.11 2.36
N LEU B 140 4.21 14.52 2.80
CA LEU B 140 4.27 13.30 3.62
C LEU B 140 4.98 12.17 2.88
N HIS B 141 4.80 12.10 1.56
CA HIS B 141 5.39 11.03 0.78
C HIS B 141 6.82 11.35 0.30
N TYR B 142 6.97 12.46 -0.43
CA TYR B 142 8.24 12.78 -1.07
C TYR B 142 9.31 13.19 -0.09
N PHE B 143 8.90 13.76 1.02
CA PHE B 143 9.85 14.26 2.01
C PHE B 143 9.82 13.43 3.29
N ALA B 144 9.29 12.22 3.20
CA ALA B 144 9.12 11.35 4.37
C ALA B 144 10.35 11.32 5.28
N ASP B 145 11.54 11.32 4.69
CA ASP B 145 12.80 11.20 5.46
C ASP B 145 13.78 12.36 5.33
N ARG B 146 13.27 13.47 4.78
CA ARG B 146 14.04 14.69 4.64
C ARG B 146 14.04 15.45 5.95
N PRO B 147 15.17 16.07 6.30
CA PRO B 147 15.27 16.75 7.59
C PRO B 147 14.35 17.95 7.70
N PHE B 148 14.04 18.57 6.55
CA PHE B 148 13.20 19.75 6.48
C PHE B 148 11.68 19.50 6.44
N LEU B 149 11.24 18.24 6.66
CA LEU B 149 9.80 17.90 6.57
C LEU B 149 8.96 18.65 7.61
N ALA B 150 9.45 18.72 8.83
CA ALA B 150 8.68 19.36 9.90
C ALA B 150 8.47 20.84 9.60
N GLU B 151 9.52 21.50 9.11
CA GLU B 151 9.44 22.93 8.79
C GLU B 151 8.57 23.22 7.57
N VAL B 152 8.54 22.29 6.61
CA VAL B 152 7.70 22.47 5.43
C VAL B 152 6.22 22.39 5.84
N LEU B 153 5.88 21.42 6.69
CA LEU B 153 4.52 21.27 7.17
C LEU B 153 4.07 22.47 8.02
N ARG B 154 4.94 22.89 8.94
CA ARG B 154 4.70 24.05 9.77
C ARG B 154 4.54 25.31 8.91
N VAL B 155 5.55 25.66 8.14
CA VAL B 155 5.41 26.85 7.27
C VAL B 155 4.15 26.74 6.36
N PHE B 156 3.89 25.54 5.81
CA PHE B 156 2.79 25.39 4.87
C PHE B 156 1.43 25.68 5.52
N HIS B 157 1.19 24.99 6.63
CA HIS B 157 -0.04 25.08 7.38
C HIS B 157 -0.24 26.42 8.10
N ASP B 158 0.85 27.08 8.47
CA ASP B 158 0.81 28.47 8.93
C ASP B 158 0.34 29.45 7.84
N VAL B 159 0.76 29.20 6.60
CA VAL B 159 0.34 30.04 5.46
C VAL B 159 -1.11 29.68 5.07
N ASP B 160 -1.53 28.46 5.37
CA ASP B 160 -2.92 28.10 5.09
C ASP B 160 -3.84 28.86 6.05
N LEU B 161 -3.43 28.95 7.32
CA LEU B 161 -4.18 29.72 8.31
C LEU B 161 -4.22 31.21 7.93
N THR B 162 -3.05 31.79 7.74
CA THR B 162 -2.94 33.18 7.33
C THR B 162 -3.89 33.52 6.18
N THR B 163 -3.94 32.66 5.16
CA THR B 163 -4.81 32.85 3.99
C THR B 163 -6.33 32.77 4.30
N THR B 164 -6.73 31.87 5.19
CA THR B 164 -8.13 31.75 5.61
C THR B 164 -8.55 33.01 6.37
N ILE B 165 -7.60 33.61 7.10
CA ILE B 165 -7.86 34.80 7.90
C ILE B 165 -7.85 36.06 7.02
N GLY B 166 -7.06 36.03 5.95
CA GLY B 166 -7.15 37.07 4.93
C GLY B 166 -8.48 36.99 4.20
N GLN B 167 -8.95 35.76 3.95
CA GLN B 167 -10.28 35.55 3.38
C GLN B 167 -11.38 36.10 4.29
N LEU B 168 -11.34 35.74 5.56
CA LEU B 168 -12.25 36.29 6.57
C LEU B 168 -12.34 37.82 6.49
N TYR B 169 -11.19 38.49 6.49
CA TYR B 169 -11.15 39.94 6.35
C TYR B 169 -11.84 40.44 5.07
N ASP B 170 -11.70 39.68 3.98
CA ASP B 170 -12.29 40.03 2.70
C ASP B 170 -13.82 39.90 2.70
N VAL B 171 -14.32 38.85 3.34
CA VAL B 171 -15.76 38.60 3.35
C VAL B 171 -16.48 39.37 4.46
N THR B 172 -15.71 39.98 5.36
CA THR B 172 -16.28 40.85 6.40
C THR B 172 -15.97 42.33 6.13
N SER B 173 -16.07 42.74 4.87
CA SER B 173 -15.96 44.16 4.55
C SER B 173 -17.30 44.76 4.07
N MET B 174 -18.38 43.98 4.19
CA MET B 174 -19.71 44.36 3.70
C MET B 174 -20.33 45.46 4.56
N VAL B 175 -20.52 45.14 5.85
CA VAL B 175 -21.04 46.08 6.81
C VAL B 175 -19.97 46.47 7.85
N ASP B 176 -20.24 47.59 8.54
CA ASP B 176 -19.56 48.02 9.76
C ASP B 176 -19.28 46.82 10.68
N SER B 177 -18.02 46.67 11.08
CA SER B 177 -17.62 45.54 11.92
C SER B 177 -18.30 45.51 13.30
N ALA B 178 -18.70 46.67 13.82
CA ALA B 178 -19.48 46.75 15.07
C ALA B 178 -20.86 46.08 14.95
N LYS B 179 -21.33 45.92 13.72
CA LYS B 179 -22.59 45.26 13.44
C LYS B 179 -22.45 43.76 13.14
N LEU B 180 -21.28 43.35 12.64
CA LEU B 180 -21.02 41.94 12.35
C LEU B 180 -21.42 41.05 13.54
N ASP B 181 -22.42 40.21 13.30
CA ASP B 181 -22.99 39.34 14.32
C ASP B 181 -23.67 38.15 13.63
N ALA B 182 -23.30 36.95 14.04
CA ALA B 182 -23.89 35.71 13.49
C ALA B 182 -25.42 35.67 13.59
N LYS B 183 -25.96 36.21 14.67
CA LYS B 183 -27.39 36.18 14.98
C LYS B 183 -28.21 37.17 14.17
N VAL B 184 -27.58 38.23 13.69
CA VAL B 184 -28.32 39.32 13.06
C VAL B 184 -27.99 39.39 11.57
N ALA B 185 -29.01 39.50 10.74
CA ALA B 185 -28.80 39.65 9.31
C ALA B 185 -28.32 41.06 8.97
N HIS B 186 -27.35 41.16 8.07
CA HIS B 186 -26.94 42.45 7.54
C HIS B 186 -27.21 42.50 6.04
N ALA B 187 -27.21 43.70 5.47
CA ALA B 187 -27.45 43.89 4.04
C ALA B 187 -26.38 43.22 3.17
N ASN B 188 -26.80 42.74 2.00
CA ASN B 188 -25.88 42.19 1.01
C ASN B 188 -25.31 43.32 0.15
N THR B 189 -25.40 44.55 0.67
CA THR B 189 -24.77 45.70 0.02
C THR B 189 -23.84 46.44 1.02
N THR B 190 -22.93 47.24 0.47
CA THR B 190 -21.88 47.86 1.29
C THR B 190 -22.24 49.23 1.85
N ASP B 191 -21.84 49.44 3.11
CA ASP B 191 -21.97 50.73 3.77
C ASP B 191 -20.65 51.50 3.79
N TYR B 192 -19.57 50.86 3.33
CA TYR B 192 -18.24 51.46 3.22
C TYR B 192 -17.52 51.72 4.56
N VAL B 193 -18.11 51.27 5.66
CA VAL B 193 -17.52 51.49 6.99
C VAL B 193 -16.18 50.76 7.15
N GLU B 194 -16.02 49.63 6.46
CA GLU B 194 -14.74 48.92 6.43
C GLU B 194 -13.81 49.30 5.26
N TYR B 195 -14.24 50.19 4.37
CA TYR B 195 -13.34 50.69 3.32
C TYR B 195 -12.30 51.68 3.84
N THR B 196 -11.24 51.15 4.42
CA THR B 196 -10.18 51.92 5.05
C THR B 196 -8.84 51.39 4.55
N PRO B 197 -7.83 52.27 4.49
CA PRO B 197 -6.50 51.74 4.13
C PRO B 197 -6.02 50.58 5.04
N PHE B 198 -6.20 50.72 6.35
CA PHE B 198 -5.85 49.62 7.29
C PHE B 198 -6.45 48.29 6.82
N ASN B 199 -7.75 48.29 6.55
CA ASN B 199 -8.46 47.08 6.16
C ASN B 199 -8.02 46.49 4.82
N HIS B 200 -7.80 47.38 3.83
CA HIS B 200 -7.31 46.99 2.53
C HIS B 200 -5.94 46.36 2.66
N ARG B 201 -5.13 46.88 3.58
CA ARG B 201 -3.81 46.33 3.79
C ARG B 201 -3.86 44.96 4.48
N ARG B 202 -4.80 44.75 5.38
CA ARG B 202 -4.92 43.43 6.00
C ARG B 202 -5.35 42.38 4.94
N ILE B 203 -6.32 42.74 4.11
CA ILE B 203 -6.84 41.83 3.11
C ILE B 203 -5.72 41.33 2.18
N VAL B 204 -5.01 42.26 1.55
CA VAL B 204 -3.97 41.94 0.59
C VAL B 204 -2.79 41.19 1.22
N VAL B 205 -2.31 41.65 2.37
CA VAL B 205 -1.20 41.02 3.08
C VAL B 205 -1.48 39.57 3.54
N TYR B 206 -2.58 39.34 4.25
CA TYR B 206 -2.81 38.02 4.80
C TYR B 206 -3.45 37.05 3.79
N LYS B 207 -4.18 37.62 2.83
CA LYS B 207 -4.88 36.82 1.82
C LYS B 207 -3.96 36.39 0.68
N THR B 208 -2.93 37.18 0.44
CA THR B 208 -2.15 37.03 -0.79
C THR B 208 -0.64 37.00 -0.61
N ALA B 209 -0.08 37.93 0.18
CA ALA B 209 1.37 38.08 0.28
C ALA B 209 2.12 36.90 0.90
N TYR B 210 1.52 36.26 1.92
CA TYR B 210 2.16 35.09 2.53
C TYR B 210 2.34 33.93 1.56
N TYR B 211 1.28 33.58 0.83
CA TYR B 211 1.40 32.45 -0.11
C TYR B 211 2.07 32.83 -1.43
N THR B 212 1.86 34.07 -1.89
CA THR B 212 2.49 34.52 -3.13
C THR B 212 3.99 34.83 -3.02
N TYR B 213 4.42 35.54 -1.98
CA TYR B 213 5.83 35.96 -1.90
C TYR B 213 6.65 35.28 -0.79
N TRP B 214 6.06 35.15 0.39
CA TRP B 214 6.78 34.54 1.49
C TRP B 214 7.08 33.04 1.30
N LEU B 215 6.03 32.26 1.07
CA LEU B 215 6.13 30.78 1.03
C LEU B 215 7.12 30.23 0.00
N PRO B 216 7.10 30.76 -1.25
CA PRO B 216 8.05 30.31 -2.27
C PRO B 216 9.50 30.48 -1.83
N LEU B 217 9.79 31.64 -1.23
CA LEU B 217 11.13 31.99 -0.76
C LEU B 217 11.58 31.01 0.31
N VAL B 218 10.77 30.85 1.34
CA VAL B 218 11.11 29.96 2.43
C VAL B 218 11.14 28.48 2.04
N MET B 219 10.22 28.04 1.17
CA MET B 219 10.31 26.66 0.67
C MET B 219 11.61 26.35 -0.06
N GLY B 220 12.10 27.33 -0.82
CA GLY B 220 13.36 27.19 -1.56
C GLY B 220 14.59 27.14 -0.68
N LEU B 221 14.60 27.93 0.38
CA LEU B 221 15.66 27.86 1.38
C LEU B 221 15.57 26.57 2.18
N LEU B 222 14.34 26.09 2.38
CA LEU B 222 14.12 24.83 3.08
C LEU B 222 14.64 23.61 2.31
N VAL B 223 14.36 23.52 1.01
CA VAL B 223 14.71 22.32 0.25
C VAL B 223 16.19 22.27 -0.12
N SER B 224 16.83 23.43 -0.09
CA SER B 224 18.26 23.53 -0.40
C SER B 224 19.13 23.60 0.87
N GLY B 225 18.48 23.49 2.03
CA GLY B 225 19.18 23.48 3.32
C GLY B 225 19.86 24.78 3.70
N THR B 226 19.39 25.90 3.17
CA THR B 226 20.09 27.17 3.34
C THR B 226 19.35 28.25 4.15
N LEU B 227 18.32 27.86 4.90
CA LEU B 227 17.47 28.85 5.60
C LEU B 227 18.24 29.70 6.60
N GLU B 228 19.23 29.09 7.22
CA GLU B 228 20.05 29.74 8.23
C GLU B 228 21.01 30.77 7.62
N LYS B 229 21.15 30.73 6.29
CA LYS B 229 22.01 31.68 5.57
C LYS B 229 21.39 33.07 5.34
N VAL B 230 20.08 33.19 5.56
CA VAL B 230 19.39 34.48 5.40
C VAL B 230 18.70 34.96 6.68
N ASP B 231 18.48 36.26 6.79
CA ASP B 231 17.77 36.85 7.91
C ASP B 231 16.27 36.63 7.70
N LYS B 232 15.65 35.97 8.66
CA LYS B 232 14.26 35.54 8.59
C LYS B 232 13.28 36.71 8.48
N LYS B 233 13.54 37.77 9.24
CA LYS B 233 12.61 38.88 9.29
C LYS B 233 12.84 39.97 8.23
N ALA B 234 14.05 40.03 7.67
CA ALA B 234 14.26 40.86 6.48
C ALA B 234 13.57 40.23 5.28
N THR B 235 13.57 38.89 5.26
CA THR B 235 12.94 38.09 4.21
C THR B 235 11.42 38.19 4.28
N HIS B 236 10.89 38.04 5.49
CA HIS B 236 9.47 38.19 5.72
C HIS B 236 9.00 39.60 5.36
N LYS B 237 9.74 40.60 5.84
CA LYS B 237 9.43 41.99 5.59
C LYS B 237 9.43 42.36 4.11
N VAL B 238 10.45 41.95 3.36
CA VAL B 238 10.48 42.22 1.92
C VAL B 238 9.29 41.56 1.20
N ALA B 239 8.90 40.37 1.67
CA ALA B 239 7.75 39.64 1.16
C ALA B 239 6.42 40.39 1.41
N MET B 240 6.28 40.99 2.57
CA MET B 240 5.06 41.70 2.91
C MET B 240 4.94 43.00 2.10
N VAL B 241 6.08 43.63 1.85
CA VAL B 241 6.14 44.91 1.13
C VAL B 241 5.81 44.74 -0.35
N MET B 242 6.48 43.78 -1.00
CA MET B 242 6.22 43.49 -2.42
C MET B 242 4.78 43.06 -2.60
N GLY B 243 4.35 42.15 -1.74
CA GLY B 243 2.99 41.60 -1.76
C GLY B 243 1.89 42.63 -1.65
N GLU B 244 2.08 43.61 -0.76
CA GLU B 244 1.12 44.71 -0.65
C GLU B 244 1.18 45.59 -1.90
N TYR B 245 2.40 45.94 -2.33
CA TYR B 245 2.62 46.79 -3.49
C TYR B 245 2.01 46.20 -4.77
N PHE B 246 2.18 44.89 -4.99
CA PHE B 246 1.62 44.22 -6.17
C PHE B 246 0.12 44.47 -6.31
N GLN B 247 -0.58 44.46 -5.18
CA GLN B 247 -2.03 44.64 -5.19
C GLN B 247 -2.47 46.10 -5.34
N VAL B 248 -1.74 47.03 -4.72
CA VAL B 248 -2.01 48.46 -4.87
C VAL B 248 -1.88 48.82 -6.36
N GLN B 249 -0.75 48.44 -6.95
CA GLN B 249 -0.46 48.63 -8.37
C GLN B 249 -1.54 48.02 -9.27
N ASP B 250 -2.03 46.86 -8.87
CA ASP B 250 -3.09 46.18 -9.60
C ASP B 250 -4.37 47.01 -9.62
N ASP B 251 -4.78 47.50 -8.45
CA ASP B 251 -5.98 48.34 -8.32
C ASP B 251 -5.92 49.62 -9.16
N VAL B 252 -4.75 50.24 -9.20
CA VAL B 252 -4.52 51.50 -9.92
C VAL B 252 -4.61 51.32 -11.44
N MET B 253 -3.98 50.25 -11.93
CA MET B 253 -3.96 49.94 -13.36
C MET B 253 -5.33 49.48 -13.85
N ASP B 254 -6.06 48.81 -12.97
CA ASP B 254 -7.43 48.36 -13.21
C ASP B 254 -8.34 49.53 -13.58
N CYS B 255 -8.05 50.69 -13.00
CA CYS B 255 -8.81 51.91 -13.22
C CYS B 255 -8.16 52.84 -14.26
N PHE B 256 -6.84 53.05 -14.14
CA PHE B 256 -6.18 54.08 -14.91
C PHE B 256 -5.58 53.67 -16.25
N THR B 257 -4.76 52.62 -16.27
CA THR B 257 -4.10 52.19 -17.51
C THR B 257 -5.09 51.58 -18.52
N PRO B 258 -4.96 51.95 -19.83
CA PRO B 258 -5.88 51.52 -20.89
C PRO B 258 -6.00 50.00 -21.07
N PRO B 259 -7.18 49.51 -21.53
CA PRO B 259 -7.46 48.10 -21.81
C PRO B 259 -6.44 47.40 -22.74
N GLU B 260 -5.68 48.21 -23.47
CA GLU B 260 -4.72 47.73 -24.47
C GLU B 260 -3.41 47.25 -23.84
N LYS B 261 -2.98 47.91 -22.77
CA LYS B 261 -1.72 47.56 -22.11
C LYS B 261 -1.85 46.38 -21.12
N LEU B 262 -3.08 45.93 -20.87
CA LEU B 262 -3.33 44.64 -20.21
C LEU B 262 -4.68 44.02 -20.62
N GLY B 263 -4.64 43.10 -21.59
CA GLY B 263 -5.82 42.43 -22.15
C GLY B 263 -6.92 42.03 -21.18
N LYS B 264 -7.77 43.01 -20.84
CA LYS B 264 -8.92 42.85 -19.95
C LYS B 264 -9.59 44.20 -19.79
N ILE B 265 -10.91 44.18 -19.60
CA ILE B 265 -11.72 45.39 -19.43
C ILE B 265 -11.20 46.40 -18.37
N GLY B 266 -11.25 46.02 -17.10
CA GLY B 266 -10.97 46.93 -15.97
C GLY B 266 -12.28 47.26 -15.25
N THR B 267 -12.63 46.43 -14.27
CA THR B 267 -14.00 46.42 -13.74
C THR B 267 -14.15 46.73 -12.23
N ASP B 268 -13.07 47.15 -11.57
CA ASP B 268 -13.06 47.29 -10.11
C ASP B 268 -14.10 48.26 -9.52
N ILE B 269 -14.25 49.43 -10.15
CA ILE B 269 -15.25 50.44 -9.76
C ILE B 269 -16.68 49.89 -9.83
N GLU B 270 -16.96 49.16 -10.92
CA GLU B 270 -18.28 48.66 -11.23
C GLU B 270 -18.67 47.48 -10.34
N ASP B 271 -17.66 46.77 -9.82
CA ASP B 271 -17.86 45.61 -8.94
C ASP B 271 -17.89 45.99 -7.46
N ALA B 272 -17.76 47.30 -7.18
CA ALA B 272 -17.68 47.83 -5.81
C ALA B 272 -16.54 47.25 -4.98
N LYS B 273 -15.36 47.11 -5.57
CA LYS B 273 -14.22 46.52 -4.86
C LYS B 273 -13.62 47.42 -3.78
N CYS B 274 -13.23 46.77 -2.69
CA CYS B 274 -12.40 47.40 -1.68
C CYS B 274 -11.00 47.61 -2.25
N SER B 275 -10.90 48.49 -3.24
CA SER B 275 -9.63 48.77 -3.89
C SER B 275 -8.84 49.84 -3.13
N TRP B 276 -7.55 49.89 -3.37
CA TRP B 276 -6.72 50.89 -2.74
C TRP B 276 -7.24 52.30 -3.05
N LEU B 277 -7.72 52.49 -4.29
CA LEU B 277 -8.30 53.75 -4.72
C LEU B 277 -9.56 54.16 -3.93
N ALA B 278 -10.49 53.22 -3.78
CA ALA B 278 -11.71 53.46 -3.01
C ALA B 278 -11.44 53.86 -1.55
N VAL B 279 -10.50 53.14 -0.92
CA VAL B 279 -10.25 53.32 0.51
C VAL B 279 -9.40 54.56 0.77
N THR B 280 -8.47 54.86 -0.15
CA THR B 280 -7.70 56.09 -0.03
C THR B 280 -8.61 57.32 -0.18
N PHE B 281 -9.56 57.25 -1.13
CA PHE B 281 -10.50 58.34 -1.38
C PHE B 281 -11.43 58.63 -0.20
N LEU B 282 -12.13 57.59 0.27
CA LEU B 282 -13.17 57.73 1.30
C LEU B 282 -12.62 58.22 2.62
N THR B 283 -11.34 57.94 2.84
CA THR B 283 -10.64 58.24 4.08
C THR B 283 -10.02 59.64 4.08
N THR B 284 -10.02 60.30 2.92
CA THR B 284 -9.33 61.60 2.77
C THR B 284 -10.18 62.71 2.13
N ALA B 285 -11.18 62.32 1.36
CA ALA B 285 -11.96 63.28 0.56
C ALA B 285 -12.86 64.20 1.38
N PRO B 286 -13.14 65.43 0.86
CA PRO B 286 -14.22 66.26 1.42
C PRO B 286 -15.55 65.50 1.44
N ALA B 287 -16.39 65.86 2.41
CA ALA B 287 -17.69 65.22 2.65
C ALA B 287 -18.59 65.05 1.42
N GLU B 288 -18.68 66.09 0.59
CA GLU B 288 -19.61 66.05 -0.55
C GLU B 288 -19.06 65.25 -1.73
N LYS B 289 -17.74 65.20 -1.82
CA LYS B 289 -17.06 64.27 -2.72
C LYS B 289 -17.37 62.83 -2.28
N VAL B 290 -17.20 62.55 -0.98
CA VAL B 290 -17.56 61.26 -0.39
C VAL B 290 -19.02 60.86 -0.70
N ALA B 291 -19.97 61.78 -0.45
CA ALA B 291 -21.38 61.53 -0.76
C ALA B 291 -21.62 61.30 -2.26
N GLU B 292 -20.84 61.96 -3.12
CA GLU B 292 -20.97 61.75 -4.55
C GLU B 292 -20.42 60.38 -4.95
N PHE B 293 -19.27 60.02 -4.36
CA PHE B 293 -18.67 58.71 -4.53
C PHE B 293 -19.70 57.61 -4.26
N LYS B 294 -20.27 57.61 -3.05
CA LYS B 294 -21.24 56.61 -2.64
C LYS B 294 -22.45 56.54 -3.59
N ALA B 295 -22.84 57.69 -4.14
CA ALA B 295 -23.98 57.77 -5.06
C ALA B 295 -23.73 57.15 -6.44
N ASN B 296 -22.46 56.96 -6.79
CA ASN B 296 -22.08 56.46 -8.13
C ASN B 296 -21.28 55.17 -8.21
N TYR B 297 -20.83 54.68 -7.06
CA TYR B 297 -19.92 53.53 -7.01
C TYR B 297 -20.67 52.20 -7.05
N GLY B 298 -20.11 51.23 -7.76
CA GLY B 298 -20.64 49.88 -7.77
C GLY B 298 -21.76 49.58 -8.77
N SER B 299 -22.16 50.60 -9.55
CA SER B 299 -23.14 50.39 -10.63
C SER B 299 -22.42 50.29 -11.99
N THR B 300 -23.06 49.59 -12.93
CA THR B 300 -22.43 49.27 -14.23
C THR B 300 -22.68 50.28 -15.36
N ASP B 301 -23.21 51.46 -15.03
CA ASP B 301 -23.43 52.52 -16.03
C ASP B 301 -22.16 53.35 -16.23
N PRO B 302 -21.62 53.36 -17.47
CA PRO B 302 -20.45 54.15 -17.90
C PRO B 302 -20.43 55.61 -17.42
N ALA B 303 -21.62 56.20 -17.24
CA ALA B 303 -21.72 57.56 -16.73
C ALA B 303 -21.20 57.65 -15.29
N ALA B 304 -21.70 56.76 -14.44
CA ALA B 304 -21.35 56.69 -13.02
C ALA B 304 -19.88 56.36 -12.81
N VAL B 305 -19.36 55.45 -13.64
CA VAL B 305 -17.96 55.04 -13.63
C VAL B 305 -17.04 56.24 -13.93
N ALA B 306 -17.28 56.90 -15.06
CA ALA B 306 -16.51 58.09 -15.46
C ALA B 306 -16.49 59.17 -14.36
N VAL B 307 -17.59 59.30 -13.65
CA VAL B 307 -17.70 60.17 -12.47
C VAL B 307 -16.68 59.78 -11.38
N ILE B 308 -16.64 58.49 -11.04
CA ILE B 308 -15.71 57.97 -10.03
C ILE B 308 -14.25 58.22 -10.43
N LYS B 309 -13.92 57.96 -11.71
CA LYS B 309 -12.58 58.21 -12.22
C LYS B 309 -12.24 59.71 -12.23
N GLN B 310 -13.26 60.54 -12.43
CA GLN B 310 -13.10 61.99 -12.35
C GLN B 310 -12.73 62.38 -10.91
N LEU B 311 -13.49 61.84 -9.96
CA LEU B 311 -13.29 62.04 -8.53
C LEU B 311 -11.89 61.59 -8.06
N TYR B 312 -11.43 60.46 -8.61
CA TYR B 312 -10.11 59.93 -8.32
C TYR B 312 -9.00 60.85 -8.83
N THR B 313 -9.21 61.41 -10.02
CA THR B 313 -8.27 62.37 -10.59
C THR B 313 -8.29 63.69 -9.82
N GLU B 314 -9.50 64.15 -9.49
CA GLU B 314 -9.71 65.40 -8.77
C GLU B 314 -9.20 65.32 -7.32
N GLN B 315 -8.96 64.11 -6.82
CA GLN B 315 -8.27 63.90 -5.55
C GLN B 315 -6.79 63.56 -5.77
N ASN B 316 -6.35 63.63 -7.03
CA ASN B 316 -4.96 63.39 -7.42
C ASN B 316 -4.36 62.05 -6.97
N LEU B 317 -5.17 61.00 -7.03
CA LEU B 317 -4.80 59.68 -6.50
C LEU B 317 -3.62 58.96 -7.21
N LEU B 318 -3.31 59.38 -8.44
CA LEU B 318 -2.15 58.88 -9.17
C LEU B 318 -0.84 59.34 -8.54
N ALA B 319 -0.76 60.64 -8.26
CA ALA B 319 0.39 61.20 -7.56
C ALA B 319 0.56 60.52 -6.20
N ARG B 320 -0.56 60.30 -5.52
CA ARG B 320 -0.56 59.62 -4.22
C ARG B 320 0.07 58.24 -4.35
N PHE B 321 -0.41 57.45 -5.31
CA PHE B 321 0.20 56.15 -5.63
C PHE B 321 1.67 56.27 -6.05
N GLU B 322 1.98 57.33 -6.80
CA GLU B 322 3.34 57.60 -7.25
C GLU B 322 4.26 57.84 -6.06
N GLU B 323 3.77 58.62 -5.08
CA GLU B 323 4.49 58.85 -3.81
C GLU B 323 4.64 57.55 -3.01
N TYR B 324 3.60 56.72 -3.06
CA TYR B 324 3.58 55.44 -2.35
C TYR B 324 4.59 54.48 -2.99
N GLU B 325 4.52 54.36 -4.31
CA GLU B 325 5.43 53.55 -5.10
C GLU B 325 6.90 53.92 -4.89
N LYS B 326 7.17 55.22 -4.78
CA LYS B 326 8.53 55.74 -4.59
C LYS B 326 9.05 55.24 -3.26
N ALA B 327 8.19 55.29 -2.25
CA ALA B 327 8.53 54.84 -0.90
C ALA B 327 8.84 53.34 -0.83
N VAL B 328 8.07 52.52 -1.54
CA VAL B 328 8.33 51.08 -1.55
C VAL B 328 9.59 50.68 -2.34
N VAL B 329 9.85 51.36 -3.47
CA VAL B 329 11.08 51.17 -4.23
C VAL B 329 12.25 51.33 -3.27
N ALA B 330 12.33 52.50 -2.63
CA ALA B 330 13.35 52.77 -1.61
C ALA B 330 13.42 51.61 -0.62
N GLU B 331 12.30 51.29 0.03
CA GLU B 331 12.24 50.26 1.08
C GLU B 331 12.69 48.86 0.63
N VAL B 332 12.21 48.42 -0.51
CA VAL B 332 12.56 47.11 -1.06
C VAL B 332 14.05 47.02 -1.39
N GLU B 333 14.58 48.03 -2.08
CA GLU B 333 16.01 48.12 -2.38
C GLU B 333 16.88 48.12 -1.13
N GLN B 334 16.42 48.80 -0.08
CA GLN B 334 17.08 48.76 1.24
C GLN B 334 17.17 47.33 1.77
N LEU B 335 16.06 46.61 1.74
CA LEU B 335 16.01 45.24 2.28
C LEU B 335 16.80 44.24 1.43
N ILE B 336 16.82 44.45 0.11
CA ILE B 336 17.61 43.62 -0.80
C ILE B 336 19.10 43.79 -0.51
N ALA B 337 19.53 45.05 -0.34
CA ALA B 337 20.91 45.36 0.01
C ALA B 337 21.32 44.66 1.30
N ALA B 338 20.47 44.74 2.33
CA ALA B 338 20.68 44.06 3.60
C ALA B 338 20.83 42.55 3.43
N LEU B 339 20.01 41.94 2.58
CA LEU B 339 20.10 40.51 2.29
C LEU B 339 21.38 40.16 1.52
N GLU B 340 21.80 41.03 0.62
CA GLU B 340 23.03 40.83 -0.15
C GLU B 340 24.27 40.71 0.74
N ALA B 341 24.25 41.41 1.88
CA ALA B 341 25.38 41.47 2.79
C ALA B 341 25.61 40.14 3.53
N GLN B 342 24.57 39.30 3.59
CA GLN B 342 24.74 37.97 4.19
C GLN B 342 24.76 36.86 3.14
N ASN B 343 23.92 37.00 2.11
CA ASN B 343 23.91 36.06 0.99
C ASN B 343 23.57 36.75 -0.32
N ALA B 344 24.51 36.70 -1.27
CA ALA B 344 24.39 37.40 -2.54
C ALA B 344 23.43 36.74 -3.53
N ALA B 345 23.45 35.41 -3.57
CA ALA B 345 22.59 34.65 -4.48
C ALA B 345 21.09 34.76 -4.16
N PHE B 346 20.73 34.71 -2.88
CA PHE B 346 19.34 34.88 -2.45
C PHE B 346 18.84 36.27 -2.75
N ALA B 347 19.73 37.25 -2.57
CA ALA B 347 19.43 38.64 -2.90
C ALA B 347 19.07 38.79 -4.37
N ALA B 348 19.78 38.06 -5.23
CA ALA B 348 19.52 38.09 -6.68
C ALA B 348 18.21 37.40 -7.04
N SER B 349 17.81 36.40 -6.24
CA SER B 349 16.50 35.75 -6.40
C SER B 349 15.37 36.70 -6.04
N VAL B 350 15.57 37.44 -4.95
CA VAL B 350 14.61 38.44 -4.50
C VAL B 350 14.60 39.61 -5.50
N LYS B 351 15.78 40.06 -5.92
CA LYS B 351 15.92 41.04 -7.00
C LYS B 351 15.05 40.70 -8.20
N VAL B 352 15.27 39.51 -8.77
CA VAL B 352 14.57 39.11 -9.99
C VAL B 352 13.05 39.03 -9.77
N LEU B 353 12.65 38.54 -8.60
CA LEU B 353 11.24 38.51 -8.21
C LEU B 353 10.70 39.92 -8.11
N TRP B 354 11.48 40.79 -7.46
CA TRP B 354 11.10 42.20 -7.34
C TRP B 354 10.94 42.89 -8.69
N SER B 355 11.93 42.77 -9.55
CA SER B 355 11.87 43.40 -10.88
C SER B 355 10.65 42.92 -11.67
N LYS B 356 10.19 41.70 -11.37
CA LYS B 356 8.95 41.14 -11.93
C LYS B 356 7.68 41.82 -11.40
N THR B 357 7.80 42.55 -10.29
CA THR B 357 6.65 43.19 -9.65
C THR B 357 6.39 44.66 -10.11
N TYR B 358 7.44 45.37 -10.53
CA TYR B 358 7.32 46.73 -11.12
C TYR B 358 6.18 46.88 -12.11
N MET C 1 15.96 -21.57 26.71
CA MET C 1 17.43 -21.48 26.98
C MET C 1 17.96 -20.04 27.06
N ALA C 2 17.04 -19.07 26.92
CA ALA C 2 17.31 -17.62 27.10
C ALA C 2 17.26 -16.79 25.81
N HIS C 3 17.54 -17.42 24.67
CA HIS C 3 17.55 -16.75 23.37
C HIS C 3 16.15 -16.59 22.78
N MET C 4 15.19 -17.32 23.34
CA MET C 4 13.80 -17.33 22.91
C MET C 4 13.16 -15.93 22.75
N GLU C 5 13.27 -15.09 23.78
CA GLU C 5 12.66 -13.76 23.78
C GLU C 5 13.32 -12.85 22.73
N ARG C 6 14.63 -12.96 22.60
CA ARG C 6 15.38 -12.26 21.56
C ARG C 6 14.92 -12.76 20.18
N PHE C 7 14.76 -14.08 20.07
CA PHE C 7 14.36 -14.70 18.81
C PHE C 7 12.97 -14.21 18.39
N GLN C 8 12.05 -14.12 19.35
CA GLN C 8 10.69 -13.62 19.09
C GLN C 8 10.68 -12.14 18.75
N LYS C 9 11.64 -11.42 19.32
CA LYS C 9 11.78 -9.99 19.13
C LYS C 9 12.21 -9.69 17.69
N VAL C 10 13.15 -10.51 17.17
CA VAL C 10 13.64 -10.38 15.82
C VAL C 10 12.55 -10.80 14.84
N TYR C 11 11.76 -11.80 15.23
CA TYR C 11 10.54 -12.15 14.49
C TYR C 11 9.60 -10.95 14.21
N GLU C 12 9.41 -10.09 15.22
CA GLU C 12 8.49 -8.97 15.05
C GLU C 12 9.09 -7.92 14.13
N GLU C 13 10.41 -7.77 14.16
CA GLU C 13 11.13 -6.82 13.31
C GLU C 13 11.09 -7.25 11.84
N VAL C 14 11.37 -8.53 11.59
CA VAL C 14 11.34 -9.11 10.24
C VAL C 14 9.91 -9.09 9.66
N GLN C 15 8.91 -9.46 10.46
CA GLN C 15 7.51 -9.36 10.01
C GLN C 15 7.20 -7.94 9.55
N GLU C 16 7.51 -6.98 10.42
CA GLU C 16 7.25 -5.57 10.15
C GLU C 16 8.00 -5.11 8.91
N PHE C 17 9.23 -5.57 8.73
CA PHE C 17 9.97 -5.26 7.51
C PHE C 17 9.42 -5.94 6.23
N LEU C 18 9.16 -7.24 6.30
CA LEU C 18 8.64 -7.97 5.13
C LEU C 18 7.28 -7.43 4.61
N LEU C 19 6.37 -7.14 5.54
CA LEU C 19 5.02 -6.72 5.16
C LEU C 19 5.00 -5.29 4.62
N GLY C 20 5.79 -4.43 5.29
CA GLY C 20 5.96 -3.05 4.88
C GLY C 20 6.64 -2.93 3.54
N ASP C 21 7.63 -3.77 3.31
CA ASP C 21 8.37 -3.81 2.06
C ASP C 21 7.46 -4.33 0.93
N ALA C 22 6.71 -5.41 1.21
CA ALA C 22 5.68 -5.88 0.26
C ALA C 22 4.66 -4.77 -0.06
N GLU C 23 4.22 -4.09 1.00
CA GLU C 23 3.22 -3.02 0.91
C GLU C 23 3.69 -1.87 0.03
N LYS C 24 4.92 -1.44 0.26
CA LYS C 24 5.55 -0.39 -0.54
C LYS C 24 5.82 -0.84 -1.99
N ARG C 25 6.47 -1.99 -2.17
CA ARG C 25 6.91 -2.45 -3.51
C ARG C 25 5.79 -2.91 -4.47
N PHE C 26 4.66 -3.38 -3.92
CA PHE C 26 3.63 -4.00 -4.78
C PHE C 26 2.24 -3.40 -4.62
N GLU C 27 2.18 -2.20 -4.04
CA GLU C 27 0.94 -1.46 -3.86
C GLU C 27 -0.14 -2.24 -3.11
N MET C 28 0.27 -2.91 -2.05
CA MET C 28 -0.67 -3.72 -1.32
C MET C 28 -1.60 -2.91 -0.42
N ASP C 29 -2.89 -3.23 -0.52
CA ASP C 29 -3.94 -2.70 0.33
C ASP C 29 -3.91 -3.42 1.68
N VAL C 30 -4.60 -2.83 2.65
CA VAL C 30 -4.55 -3.23 4.05
C VAL C 30 -5.08 -4.66 4.26
N HIS C 31 -6.23 -4.97 3.65
CA HIS C 31 -6.80 -6.30 3.73
C HIS C 31 -5.82 -7.43 3.36
N ARG C 32 -5.19 -7.31 2.20
CA ARG C 32 -4.27 -8.35 1.73
C ARG C 32 -2.98 -8.41 2.56
N LYS C 33 -2.57 -7.28 3.13
CA LYS C 33 -1.37 -7.23 3.99
C LYS C 33 -1.62 -8.01 5.28
N GLY C 34 -2.85 -7.87 5.79
CA GLY C 34 -3.30 -8.55 6.97
C GLY C 34 -3.53 -10.01 6.70
N TYR C 35 -3.85 -10.36 5.45
CA TYR C 35 -3.94 -11.78 5.12
C TYR C 35 -2.55 -12.41 5.32
N LEU C 36 -1.56 -11.78 4.69
CA LEU C 36 -0.18 -12.21 4.79
C LEU C 36 0.35 -12.25 6.22
N LYS C 37 -0.03 -11.26 7.04
CA LYS C 37 0.38 -11.25 8.44
C LYS C 37 -0.07 -12.53 9.14
N SER C 38 -1.34 -12.89 9.01
CA SER C 38 -1.84 -14.10 9.65
C SER C 38 -1.39 -15.41 8.97
N MET C 39 -1.05 -15.36 7.68
CA MET C 39 -0.39 -16.49 7.02
C MET C 39 0.97 -16.76 7.67
N MET C 40 1.78 -15.71 7.75
CA MET C 40 3.11 -15.82 8.37
C MET C 40 3.07 -16.29 9.82
N ASP C 41 2.13 -15.74 10.60
CA ASP C 41 1.98 -16.06 12.01
C ASP C 41 1.50 -17.49 12.23
N THR C 42 0.51 -17.93 11.46
CA THR C 42 -0.01 -19.29 11.58
C THR C 42 0.97 -20.38 11.14
N THR C 43 1.64 -20.18 10.01
CA THR C 43 2.61 -21.18 9.51
C THR C 43 3.99 -21.14 10.18
N CYS C 44 4.39 -19.97 10.69
CA CYS C 44 5.75 -19.78 11.22
C CYS C 44 5.84 -19.87 12.72
N LEU C 45 4.84 -19.36 13.43
CA LEU C 45 4.84 -19.44 14.88
C LEU C 45 4.14 -20.71 15.37
N GLY C 46 4.56 -21.21 16.52
CA GLY C 46 3.79 -22.23 17.23
C GLY C 46 4.58 -23.46 17.64
N GLY C 47 5.69 -23.72 16.95
CA GLY C 47 6.52 -24.88 17.20
C GLY C 47 7.58 -24.54 18.22
N LYS C 48 8.68 -25.29 18.22
CA LYS C 48 9.70 -25.12 19.25
C LYS C 48 10.83 -24.20 18.80
N TYR C 49 10.92 -23.96 17.50
CA TYR C 49 11.95 -23.10 16.93
C TYR C 49 13.33 -23.71 17.19
N ASN C 50 13.38 -25.02 17.28
CA ASN C 50 14.61 -25.75 17.62
C ASN C 50 15.74 -25.45 16.65
N ARG C 51 15.42 -25.45 15.36
CA ARG C 51 16.44 -25.15 14.35
C ARG C 51 16.93 -23.72 14.44
N GLY C 52 16.01 -22.76 14.54
CA GLY C 52 16.35 -21.33 14.55
C GLY C 52 17.19 -20.94 15.74
N LEU C 53 16.88 -21.51 16.91
CA LEU C 53 17.56 -21.19 18.15
C LEU C 53 18.94 -21.87 18.23
N CYS C 54 19.03 -23.05 17.64
CA CYS C 54 20.31 -23.74 17.46
C CYS C 54 21.35 -22.79 16.84
N VAL C 55 21.00 -22.13 15.74
CA VAL C 55 21.89 -21.14 15.12
C VAL C 55 22.41 -20.16 16.17
N VAL C 56 21.49 -19.60 16.96
CA VAL C 56 21.80 -18.62 17.99
C VAL C 56 22.72 -19.19 19.08
N ASP C 57 22.49 -20.43 19.52
CA ASP C 57 23.43 -21.12 20.41
C ASP C 57 24.83 -21.21 19.79
N VAL C 58 24.90 -21.68 18.55
CA VAL C 58 26.18 -21.85 17.84
C VAL C 58 26.89 -20.50 17.72
N ALA C 59 26.16 -19.50 17.24
CA ALA C 59 26.73 -18.16 17.04
C ALA C 59 27.26 -17.55 18.32
N GLU C 60 26.58 -17.84 19.44
CA GLU C 60 26.95 -17.23 20.70
C GLU C 60 28.19 -17.88 21.27
N ALA C 61 28.23 -19.21 21.22
CA ALA C 61 29.38 -19.98 21.72
C ALA C 61 30.63 -19.61 20.95
N MET C 62 30.47 -19.42 19.65
CA MET C 62 31.59 -19.04 18.79
C MET C 62 32.05 -17.61 19.01
N ALA C 63 31.10 -16.69 19.17
CA ALA C 63 31.41 -15.29 19.45
C ALA C 63 32.00 -15.04 20.85
N LYS C 64 31.57 -15.83 21.83
CA LYS C 64 32.14 -15.79 23.19
C LYS C 64 33.57 -16.33 23.22
N ASP C 65 33.79 -17.39 22.45
CA ASP C 65 35.11 -18.00 22.23
C ASP C 65 36.21 -17.02 21.81
N THR C 66 35.87 -16.00 21.03
CA THR C 66 36.86 -14.98 20.63
C THR C 66 36.88 -13.70 21.48
N GLN C 67 35.96 -13.57 22.42
CA GLN C 67 35.74 -12.33 23.17
C GLN C 67 35.65 -11.10 22.26
N MET C 68 34.55 -11.00 21.50
CA MET C 68 34.30 -9.77 20.75
C MET C 68 33.59 -8.74 21.63
N ASP C 69 33.63 -7.46 21.21
CA ASP C 69 32.97 -6.38 21.96
C ASP C 69 31.45 -6.53 22.05
N ALA C 70 30.82 -5.68 22.86
CA ALA C 70 29.36 -5.72 23.09
C ALA C 70 28.58 -5.52 21.79
N ALA C 71 28.95 -4.49 21.03
CA ALA C 71 28.35 -4.18 19.74
C ALA C 71 28.47 -5.33 18.76
N ALA C 72 29.70 -5.81 18.55
CA ALA C 72 29.98 -6.92 17.65
C ALA C 72 29.17 -8.15 18.04
N MET C 73 29.15 -8.47 19.34
CA MET C 73 28.38 -9.60 19.86
C MET C 73 26.89 -9.43 19.53
N GLU C 74 26.36 -8.26 19.85
CA GLU C 74 24.94 -7.94 19.57
C GLU C 74 24.53 -8.14 18.12
N ARG C 75 25.40 -7.73 17.19
CA ARG C 75 25.16 -7.88 15.77
C ARG C 75 25.21 -9.36 15.38
N VAL C 76 26.15 -10.10 15.94
CA VAL C 76 26.27 -11.52 15.67
C VAL C 76 25.01 -12.28 16.13
N LEU C 77 24.47 -11.92 17.28
CA LEU C 77 23.23 -12.55 17.77
C LEU C 77 22.01 -12.10 16.98
N HIS C 78 22.01 -10.86 16.54
CA HIS C 78 20.92 -10.40 15.68
C HIS C 78 20.98 -11.11 14.31
N ASP C 79 22.17 -11.16 13.70
CA ASP C 79 22.41 -11.88 12.44
C ASP C 79 22.03 -13.36 12.49
N ALA C 80 22.37 -14.04 13.59
CA ALA C 80 21.96 -15.43 13.82
C ALA C 80 20.44 -15.60 13.88
N CYS C 81 19.77 -14.70 14.59
CA CYS C 81 18.32 -14.73 14.74
C CYS C 81 17.64 -14.63 13.38
N VAL C 82 18.12 -13.71 12.54
CA VAL C 82 17.70 -13.57 11.15
C VAL C 82 17.95 -14.84 10.32
N CYS C 83 19.12 -15.45 10.46
CA CYS C 83 19.44 -16.74 9.80
C CYS C 83 18.55 -17.86 10.30
N GLY C 84 18.39 -17.93 11.62
CA GLY C 84 17.46 -18.84 12.27
C GLY C 84 16.05 -18.71 11.72
N TRP C 85 15.60 -17.48 11.48
CA TRP C 85 14.29 -17.29 10.84
C TRP C 85 14.24 -17.70 9.36
N MET C 86 15.37 -17.65 8.67
CA MET C 86 15.43 -18.16 7.30
C MET C 86 15.07 -19.66 7.28
N ILE C 87 15.77 -20.42 8.12
CA ILE C 87 15.54 -21.88 8.30
C ILE C 87 14.11 -22.19 8.70
N GLU C 88 13.56 -21.41 9.61
CA GLU C 88 12.17 -21.60 10.06
C GLU C 88 11.17 -21.37 8.95
N MET C 89 11.39 -20.32 8.15
CA MET C 89 10.56 -20.10 6.98
C MET C 89 10.74 -21.15 5.91
N LEU C 90 11.99 -21.54 5.64
CA LEU C 90 12.29 -22.69 4.78
C LEU C 90 11.48 -23.90 5.27
N GLN C 91 11.61 -24.25 6.55
CA GLN C 91 10.81 -25.37 7.09
C GLN C 91 9.33 -25.14 6.88
N ALA C 92 8.85 -23.98 7.34
CA ALA C 92 7.44 -23.62 7.26
C ALA C 92 6.92 -23.71 5.82
N HIS C 93 7.73 -23.24 4.86
CA HIS C 93 7.48 -23.45 3.44
C HIS C 93 7.27 -24.94 3.07
N PHE C 94 8.22 -25.80 3.43
CA PHE C 94 8.07 -27.24 3.15
C PHE C 94 6.88 -27.94 3.84
N LEU C 95 6.57 -27.54 5.07
CA LEU C 95 5.43 -28.12 5.81
C LEU C 95 4.10 -27.73 5.19
N VAL C 96 4.01 -26.48 4.71
CA VAL C 96 2.84 -26.02 3.95
C VAL C 96 2.58 -26.95 2.74
N GLU C 97 3.60 -27.09 1.88
CA GLU C 97 3.53 -27.95 0.71
C GLU C 97 3.37 -29.44 1.04
N ASP C 98 4.17 -29.94 1.99
CA ASP C 98 4.03 -31.35 2.35
C ASP C 98 2.61 -31.66 2.78
N ASP C 99 2.05 -30.80 3.62
CA ASP C 99 0.66 -30.92 4.06
C ASP C 99 -0.36 -31.04 2.93
N ILE C 100 -0.21 -30.22 1.89
CA ILE C 100 -1.03 -30.31 0.68
C ILE C 100 -0.71 -31.60 -0.12
N MET C 101 0.57 -31.89 -0.32
CA MET C 101 1.03 -33.08 -1.07
C MET C 101 0.47 -34.37 -0.48
N ASP C 102 0.68 -34.55 0.84
CA ASP C 102 0.26 -35.75 1.58
C ASP C 102 -1.22 -35.73 1.94
N HIS C 103 -1.90 -34.61 1.68
CA HIS C 103 -3.31 -34.46 2.02
C HIS C 103 -3.55 -34.52 3.51
N SER C 104 -2.61 -33.98 4.29
CA SER C 104 -2.69 -34.06 5.75
C SER C 104 -3.85 -33.23 6.29
N LYS C 105 -4.31 -33.56 7.49
CA LYS C 105 -5.45 -32.86 8.06
C LYS C 105 -5.09 -31.82 9.13
N THR C 106 -4.10 -32.15 9.97
CA THR C 106 -3.73 -31.28 11.09
C THR C 106 -2.23 -31.05 11.20
N ARG C 107 -1.89 -29.90 11.79
CA ARG C 107 -0.51 -29.54 12.12
C ARG C 107 -0.55 -28.77 13.44
N ARG C 108 0.14 -29.31 14.45
CA ARG C 108 0.15 -28.76 15.80
C ARG C 108 -1.25 -28.62 16.42
N GLY C 109 -2.02 -29.71 16.40
CA GLY C 109 -3.36 -29.78 17.01
C GLY C 109 -4.39 -28.83 16.42
N LYS C 110 -4.14 -28.39 15.19
CA LYS C 110 -4.98 -27.43 14.49
C LYS C 110 -4.98 -27.80 13.01
N PRO C 111 -5.98 -27.32 12.24
CA PRO C 111 -5.97 -27.62 10.80
C PRO C 111 -4.68 -27.20 10.10
N CYS C 112 -4.33 -27.89 9.02
CA CYS C 112 -3.22 -27.48 8.18
C CYS C 112 -3.60 -26.16 7.51
N TRP C 113 -2.61 -25.38 7.09
CA TRP C 113 -2.86 -24.07 6.48
C TRP C 113 -3.91 -24.13 5.39
N TYR C 114 -3.72 -25.02 4.41
CA TYR C 114 -4.61 -25.13 3.26
C TYR C 114 -6.06 -25.44 3.64
N LEU C 115 -6.26 -26.05 4.81
CA LEU C 115 -7.59 -26.41 5.31
C LEU C 115 -8.27 -25.33 6.17
N HIS C 116 -7.54 -24.27 6.54
CA HIS C 116 -8.15 -23.09 7.14
C HIS C 116 -9.26 -22.61 6.22
N PRO C 117 -10.44 -22.26 6.80
CA PRO C 117 -11.66 -21.97 6.02
C PRO C 117 -11.48 -20.94 4.90
N GLY C 118 -10.75 -19.86 5.16
CA GLY C 118 -10.51 -18.83 4.15
C GLY C 118 -9.23 -19.00 3.34
N VAL C 119 -8.61 -20.17 3.46
CA VAL C 119 -7.38 -20.50 2.74
C VAL C 119 -7.57 -21.86 2.11
N THR C 120 -7.63 -21.92 0.79
CA THR C 120 -7.74 -23.24 0.17
C THR C 120 -6.36 -23.69 -0.29
N ALA C 121 -6.27 -24.88 -0.88
CA ALA C 121 -5.03 -25.31 -1.50
C ALA C 121 -4.58 -24.36 -2.62
N GLN C 122 -5.53 -23.83 -3.38
CA GLN C 122 -5.22 -22.95 -4.50
C GLN C 122 -4.34 -21.77 -4.06
N VAL C 123 -4.77 -21.12 -2.96
CA VAL C 123 -4.09 -20.00 -2.35
C VAL C 123 -2.87 -20.49 -1.56
N ALA C 124 -3.05 -21.56 -0.79
CA ALA C 124 -2.04 -22.07 0.14
C ALA C 124 -0.76 -22.57 -0.52
N ILE C 125 -0.87 -23.11 -1.73
CA ILE C 125 0.29 -23.61 -2.47
C ILE C 125 1.21 -22.44 -2.72
N ASN C 126 0.63 -21.28 -3.06
CA ASN C 126 1.39 -20.08 -3.33
C ASN C 126 1.88 -19.37 -2.05
N ASP C 127 1.06 -19.40 -1.00
CA ASP C 127 1.52 -18.96 0.33
C ASP C 127 2.86 -19.60 0.72
N GLY C 128 3.04 -20.89 0.42
CA GLY C 128 4.30 -21.58 0.70
C GLY C 128 5.44 -21.03 -0.12
N LEU C 129 5.16 -20.70 -1.36
CA LEU C 129 6.12 -19.98 -2.21
C LEU C 129 6.57 -18.61 -1.66
N ILE C 130 5.63 -17.87 -1.05
CA ILE C 130 5.92 -16.56 -0.46
C ILE C 130 6.89 -16.71 0.71
N LEU C 131 6.66 -17.74 1.53
CA LEU C 131 7.50 -18.00 2.68
C LEU C 131 8.95 -18.23 2.29
N LEU C 132 9.15 -19.12 1.33
CA LEU C 132 10.46 -19.44 0.83
C LEU C 132 11.12 -18.18 0.25
N ALA C 133 10.33 -17.38 -0.47
CA ALA C 133 10.82 -16.14 -1.08
C ALA C 133 11.25 -15.12 -0.01
N TRP C 134 10.46 -15.03 1.07
CA TRP C 134 10.77 -14.16 2.22
C TRP C 134 12.08 -14.52 2.93
N ALA C 135 12.41 -15.82 3.00
CA ALA C 135 13.65 -16.23 3.66
C ALA C 135 14.88 -15.61 3.00
N THR C 136 14.88 -15.59 1.67
CA THR C 136 15.93 -14.94 0.89
C THR C 136 15.83 -13.43 1.07
N GLN C 137 14.61 -12.93 1.19
CA GLN C 137 14.38 -11.50 1.36
C GLN C 137 15.02 -10.96 2.62
N MET C 138 14.98 -11.77 3.67
CA MET C 138 15.52 -11.45 4.97
C MET C 138 17.05 -11.37 4.89
N ALA C 139 17.67 -12.31 4.19
CA ALA C 139 19.10 -12.22 3.85
C ALA C 139 19.46 -10.96 3.02
N LEU C 140 18.69 -10.68 1.96
CA LEU C 140 18.97 -9.52 1.06
C LEU C 140 18.93 -8.17 1.76
N HIS C 141 18.06 -8.04 2.76
CA HIS C 141 17.94 -6.81 3.53
C HIS C 141 18.96 -6.69 4.68
N TYR C 142 18.91 -7.64 5.61
CA TYR C 142 19.75 -7.64 6.81
C TYR C 142 21.24 -7.82 6.55
N PHE C 143 21.59 -8.67 5.57
CA PHE C 143 23.00 -8.99 5.31
C PHE C 143 23.54 -8.32 4.03
N ALA C 144 22.87 -7.29 3.55
CA ALA C 144 23.28 -6.58 2.31
C ALA C 144 24.75 -6.19 2.28
N ASP C 145 25.23 -5.73 3.44
CA ASP C 145 26.57 -5.24 3.65
C ASP C 145 27.50 -6.28 4.27
N ARG C 146 26.97 -7.44 4.68
CA ARG C 146 27.77 -8.43 5.39
C ARG C 146 28.65 -9.26 4.45
N PRO C 147 29.86 -9.64 4.89
CA PRO C 147 30.73 -10.46 4.05
C PRO C 147 30.19 -11.85 3.76
N PHE C 148 29.37 -12.39 4.66
CA PHE C 148 28.89 -13.76 4.56
C PHE C 148 27.63 -13.89 3.72
N LEU C 149 27.18 -12.78 3.12
CA LEU C 149 25.95 -12.78 2.33
C LEU C 149 25.95 -13.86 1.23
N ALA C 150 26.96 -13.81 0.36
CA ALA C 150 27.12 -14.80 -0.72
C ALA C 150 27.10 -16.23 -0.19
N GLU C 151 27.82 -16.48 0.89
CA GLU C 151 27.87 -17.81 1.50
C GLU C 151 26.53 -18.29 2.10
N VAL C 152 25.86 -17.42 2.85
CA VAL C 152 24.51 -17.68 3.37
C VAL C 152 23.53 -18.08 2.24
N LEU C 153 23.57 -17.31 1.15
CA LEU C 153 22.70 -17.52 0.00
C LEU C 153 23.00 -18.84 -0.70
N ARG C 154 24.28 -19.21 -0.77
CA ARG C 154 24.73 -20.45 -1.40
C ARG C 154 24.34 -21.65 -0.54
N VAL C 155 24.65 -21.61 0.74
CA VAL C 155 24.29 -22.77 1.55
C VAL C 155 22.77 -22.91 1.77
N PHE C 156 22.05 -21.78 1.76
CA PHE C 156 20.60 -21.79 2.01
C PHE C 156 19.88 -22.52 0.89
N HIS C 157 20.25 -22.16 -0.34
CA HIS C 157 19.64 -22.65 -1.54
C HIS C 157 20.12 -24.05 -1.99
N ASP C 158 21.39 -24.37 -1.70
CA ASP C 158 21.89 -25.76 -1.75
C ASP C 158 21.03 -26.69 -0.86
N VAL C 159 20.72 -26.24 0.35
CA VAL C 159 19.92 -27.05 1.28
C VAL C 159 18.45 -27.11 0.87
N ASP C 160 17.96 -26.02 0.26
CA ASP C 160 16.62 -26.03 -0.27
C ASP C 160 16.51 -27.10 -1.38
N LEU C 161 17.51 -27.17 -2.24
CA LEU C 161 17.51 -28.13 -3.35
C LEU C 161 17.65 -29.53 -2.80
N THR C 162 18.57 -29.68 -1.86
CA THR C 162 18.74 -30.94 -1.12
C THR C 162 17.40 -31.44 -0.63
N THR C 163 16.64 -30.57 0.01
CA THR C 163 15.39 -30.97 0.66
C THR C 163 14.31 -31.39 -0.35
N THR C 164 14.27 -30.70 -1.49
CA THR C 164 13.35 -31.04 -2.58
C THR C 164 13.69 -32.41 -3.20
N ILE C 165 14.98 -32.76 -3.22
CA ILE C 165 15.43 -34.07 -3.70
C ILE C 165 15.09 -35.16 -2.67
N GLY C 166 15.31 -34.87 -1.39
CA GLY C 166 14.79 -35.72 -0.33
C GLY C 166 13.29 -35.92 -0.47
N GLN C 167 12.55 -34.83 -0.71
CA GLN C 167 11.10 -34.95 -0.94
C GLN C 167 10.83 -35.89 -2.12
N LEU C 168 11.54 -35.67 -3.23
CA LEU C 168 11.45 -36.56 -4.39
C LEU C 168 11.61 -38.03 -4.00
N TYR C 169 12.61 -38.36 -3.19
CA TYR C 169 12.82 -39.73 -2.73
C TYR C 169 11.62 -40.27 -1.92
N ASP C 170 11.14 -39.44 -1.00
CA ASP C 170 9.94 -39.76 -0.24
C ASP C 170 8.72 -40.07 -1.11
N VAL C 171 8.53 -39.32 -2.19
CA VAL C 171 7.33 -39.51 -3.01
C VAL C 171 7.50 -40.51 -4.15
N THR C 172 8.72 -41.03 -4.30
CA THR C 172 9.01 -42.06 -5.31
C THR C 172 9.40 -43.43 -4.72
N SER C 173 8.83 -43.78 -3.58
CA SER C 173 9.01 -45.11 -2.98
C SER C 173 7.76 -46.01 -3.14
N MET C 174 6.90 -45.65 -4.08
CA MET C 174 5.65 -46.38 -4.30
C MET C 174 5.81 -47.57 -5.25
N VAL C 175 6.27 -47.31 -6.46
CA VAL C 175 6.45 -48.35 -7.47
C VAL C 175 7.94 -48.62 -7.69
N ASP C 176 8.26 -49.84 -8.12
CA ASP C 176 9.62 -50.20 -8.56
C ASP C 176 10.19 -49.05 -9.38
N SER C 177 11.33 -48.51 -8.92
CA SER C 177 11.99 -47.39 -9.59
C SER C 177 12.20 -47.70 -11.08
N ALA C 178 12.43 -48.98 -11.39
CA ALA C 178 12.62 -49.44 -12.76
C ALA C 178 11.36 -49.27 -13.62
N LYS C 179 10.19 -49.28 -12.98
CA LYS C 179 8.89 -49.13 -13.65
C LYS C 179 8.37 -47.71 -13.55
N LEU C 180 9.09 -46.85 -12.84
CA LEU C 180 8.71 -45.45 -12.70
C LEU C 180 8.73 -44.74 -14.06
N ASP C 181 7.57 -44.21 -14.44
CA ASP C 181 7.39 -43.56 -15.74
C ASP C 181 6.31 -42.49 -15.63
N ALA C 182 6.68 -41.25 -15.98
CA ALA C 182 5.73 -40.13 -16.00
C ALA C 182 4.51 -40.41 -16.88
N LYS C 183 4.74 -41.14 -17.98
CA LYS C 183 3.72 -41.41 -19.00
C LYS C 183 2.78 -42.56 -18.65
N VAL C 184 3.17 -43.39 -17.68
CA VAL C 184 2.36 -44.56 -17.31
C VAL C 184 1.93 -44.52 -15.85
N ALA C 185 0.62 -44.66 -15.64
CA ALA C 185 0.06 -44.70 -14.28
C ALA C 185 0.58 -45.90 -13.50
N HIS C 186 0.48 -45.83 -12.19
CA HIS C 186 0.87 -46.93 -11.31
C HIS C 186 0.01 -46.94 -10.05
N ALA C 187 0.01 -48.08 -9.37
CA ALA C 187 -0.85 -48.31 -8.21
C ALA C 187 -0.75 -47.22 -7.16
N ASN C 188 -1.90 -46.91 -6.57
CA ASN C 188 -2.03 -45.95 -5.48
C ASN C 188 -1.45 -46.50 -4.15
N THR C 189 -1.28 -47.82 -4.08
CA THR C 189 -0.58 -48.46 -2.96
C THR C 189 0.78 -48.96 -3.44
N THR C 190 1.64 -49.38 -2.52
CA THR C 190 3.02 -49.70 -2.87
C THR C 190 3.33 -51.19 -3.09
N ASP C 191 4.23 -51.47 -4.03
CA ASP C 191 4.74 -52.82 -4.29
C ASP C 191 5.88 -53.22 -3.34
N TYR C 192 6.35 -52.25 -2.54
CA TYR C 192 7.37 -52.47 -1.52
C TYR C 192 8.78 -52.69 -2.08
N VAL C 193 8.94 -52.58 -3.40
CA VAL C 193 10.25 -52.79 -4.04
C VAL C 193 11.27 -51.74 -3.59
N GLU C 194 10.79 -50.52 -3.36
CA GLU C 194 11.67 -49.40 -2.98
C GLU C 194 11.94 -49.31 -1.48
N TYR C 195 11.31 -50.20 -0.72
CA TYR C 195 11.47 -50.25 0.73
C TYR C 195 12.75 -50.99 1.08
N THR C 196 13.87 -50.26 1.01
CA THR C 196 15.17 -50.77 1.40
C THR C 196 15.81 -49.84 2.43
N PRO C 197 16.77 -50.35 3.22
CA PRO C 197 17.61 -49.49 4.07
C PRO C 197 18.40 -48.45 3.29
N PHE C 198 18.76 -48.74 2.04
CA PHE C 198 19.47 -47.74 1.25
C PHE C 198 18.53 -46.56 0.98
N ASN C 199 17.32 -46.86 0.51
CA ASN C 199 16.37 -45.83 0.12
C ASN C 199 15.86 -45.01 1.30
N HIS C 200 15.62 -45.68 2.43
CA HIS C 200 15.19 -45.02 3.66
C HIS C 200 16.22 -43.99 4.13
N ARG C 201 17.50 -44.38 4.11
CA ARG C 201 18.57 -43.49 4.52
C ARG C 201 18.61 -42.26 3.62
N ARG C 202 18.49 -42.47 2.30
CA ARG C 202 18.43 -41.34 1.38
C ARG C 202 17.33 -40.39 1.78
N ILE C 203 16.16 -40.98 2.08
CA ILE C 203 14.97 -40.21 2.41
C ILE C 203 15.23 -39.31 3.62
N VAL C 204 15.57 -39.91 4.75
CA VAL C 204 15.80 -39.15 5.99
C VAL C 204 17.00 -38.20 5.91
N VAL C 205 18.03 -38.56 5.14
CA VAL C 205 19.23 -37.73 5.05
C VAL C 205 19.01 -36.45 4.21
N TYR C 206 18.46 -36.57 3.00
CA TYR C 206 18.32 -35.41 2.12
C TYR C 206 17.03 -34.62 2.39
N LYS C 207 16.07 -35.26 3.05
CA LYS C 207 14.81 -34.64 3.38
C LYS C 207 14.90 -33.81 4.66
N THR C 208 15.66 -34.31 5.62
CA THR C 208 15.65 -33.82 7.00
C THR C 208 16.98 -33.26 7.51
N ALA C 209 18.07 -33.99 7.25
CA ALA C 209 19.33 -33.77 7.98
C ALA C 209 20.10 -32.50 7.61
N TYR C 210 20.12 -32.14 6.32
CA TYR C 210 20.78 -30.89 5.88
C TYR C 210 20.13 -29.65 6.50
N TYR C 211 18.81 -29.56 6.41
CA TYR C 211 18.08 -28.40 6.96
C TYR C 211 17.89 -28.41 8.49
N THR C 212 17.85 -29.58 9.11
CA THR C 212 17.73 -29.66 10.58
C THR C 212 19.07 -29.51 11.32
N TYR C 213 20.09 -30.28 10.94
CA TYR C 213 21.34 -30.30 11.69
C TYR C 213 22.45 -29.52 11.02
N TRP C 214 22.59 -29.71 9.71
CA TRP C 214 23.72 -29.10 9.04
C TRP C 214 23.60 -27.58 8.94
N LEU C 215 22.47 -27.11 8.41
CA LEU C 215 22.24 -25.69 8.10
C LEU C 215 22.44 -24.71 9.29
N PRO C 216 21.81 -25.00 10.44
CA PRO C 216 22.05 -24.20 11.64
C PRO C 216 23.53 -24.09 12.04
N LEU C 217 24.28 -25.18 11.91
CA LEU C 217 25.69 -25.18 12.28
C LEU C 217 26.48 -24.25 11.36
N VAL C 218 26.42 -24.52 10.06
CA VAL C 218 27.10 -23.64 9.09
C VAL C 218 26.73 -22.17 9.27
N MET C 219 25.43 -21.88 9.33
CA MET C 219 24.91 -20.52 9.55
C MET C 219 25.35 -19.88 10.86
N GLY C 220 25.39 -20.67 11.93
CA GLY C 220 25.94 -20.20 13.20
C GLY C 220 27.41 -19.84 13.05
N LEU C 221 28.18 -20.71 12.40
CA LEU C 221 29.58 -20.42 12.05
C LEU C 221 29.74 -19.24 11.09
N LEU C 222 28.82 -19.09 10.14
CA LEU C 222 28.96 -18.05 9.13
C LEU C 222 28.79 -16.64 9.66
N VAL C 223 27.75 -16.42 10.47
CA VAL C 223 27.42 -15.08 11.02
C VAL C 223 28.39 -14.64 12.13
N SER C 224 28.98 -15.64 12.79
CA SER C 224 29.96 -15.42 13.84
C SER C 224 31.39 -15.29 13.29
N GLY C 225 31.54 -15.42 11.97
CA GLY C 225 32.84 -15.27 11.31
C GLY C 225 33.85 -16.36 11.65
N THR C 226 33.37 -17.56 11.94
CA THR C 226 34.23 -18.64 12.41
C THR C 226 34.19 -19.96 11.60
N LEU C 227 33.83 -19.93 10.32
CA LEU C 227 33.77 -21.15 9.50
C LEU C 227 35.12 -21.89 9.36
N GLU C 228 36.20 -21.14 9.19
CA GLU C 228 37.54 -21.72 9.05
C GLU C 228 38.15 -22.22 10.36
N LYS C 229 37.46 -22.01 11.48
CA LYS C 229 37.96 -22.52 12.76
C LYS C 229 37.69 -24.01 12.93
N VAL C 230 36.75 -24.55 12.16
CA VAL C 230 36.32 -25.95 12.31
C VAL C 230 36.48 -26.74 11.02
N ASP C 231 36.30 -28.06 11.11
CA ASP C 231 36.48 -28.95 9.97
C ASP C 231 35.18 -29.16 9.22
N LYS C 232 35.14 -28.66 7.99
CA LYS C 232 34.01 -28.80 7.08
C LYS C 232 33.50 -30.24 6.96
N LYS C 233 34.41 -31.18 6.70
CA LYS C 233 34.03 -32.58 6.48
C LYS C 233 33.46 -33.24 7.74
N ALA C 234 34.08 -32.97 8.89
CA ALA C 234 33.62 -33.54 10.17
C ALA C 234 32.32 -32.90 10.69
N THR C 235 32.10 -31.63 10.36
CA THR C 235 30.85 -30.91 10.66
C THR C 235 29.72 -31.56 9.90
N HIS C 236 29.95 -31.78 8.62
CA HIS C 236 28.98 -32.41 7.73
C HIS C 236 28.62 -33.82 8.22
N LYS C 237 29.64 -34.64 8.48
CA LYS C 237 29.43 -36.03 8.86
C LYS C 237 28.64 -36.22 10.17
N VAL C 238 28.95 -35.41 11.18
CA VAL C 238 28.22 -35.51 12.46
C VAL C 238 26.73 -35.17 12.27
N ALA C 239 26.47 -34.16 11.44
CA ALA C 239 25.12 -33.71 11.14
C ALA C 239 24.35 -34.78 10.37
N MET C 240 25.00 -35.42 9.41
CA MET C 240 24.38 -36.54 8.69
C MET C 240 24.04 -37.71 9.63
N VAL C 241 24.94 -38.04 10.53
CA VAL C 241 24.70 -39.16 11.46
C VAL C 241 23.62 -38.81 12.48
N MET C 242 23.75 -37.66 13.12
CA MET C 242 22.70 -37.18 14.03
C MET C 242 21.35 -37.12 13.32
N GLY C 243 21.34 -36.48 12.15
CA GLY C 243 20.13 -36.33 11.36
C GLY C 243 19.42 -37.65 11.09
N GLU C 244 20.21 -38.64 10.67
CA GLU C 244 19.69 -39.97 10.38
C GLU C 244 19.17 -40.66 11.66
N TYR C 245 19.93 -40.57 12.74
CA TYR C 245 19.59 -41.24 13.99
C TYR C 245 18.26 -40.76 14.57
N PHE C 246 18.03 -39.44 14.55
CA PHE C 246 16.78 -38.81 15.04
C PHE C 246 15.53 -39.40 14.39
N GLN C 247 15.59 -39.62 13.08
CA GLN C 247 14.47 -40.16 12.33
C GLN C 247 14.32 -41.70 12.41
N VAL C 248 15.43 -42.41 12.54
CA VAL C 248 15.39 -43.83 12.86
C VAL C 248 14.80 -43.98 14.27
N GLN C 249 15.33 -43.18 15.19
CA GLN C 249 14.72 -42.97 16.50
C GLN C 249 13.22 -42.74 16.39
N ASP C 250 12.83 -41.74 15.59
CA ASP C 250 11.45 -41.32 15.46
C ASP C 250 10.54 -42.45 14.98
N ASP C 251 11.07 -43.31 14.11
CA ASP C 251 10.32 -44.45 13.56
C ASP C 251 10.01 -45.53 14.60
N VAL C 252 11.06 -45.91 15.34
CA VAL C 252 10.98 -46.99 16.32
C VAL C 252 10.05 -46.59 17.48
N MET C 253 10.12 -45.31 17.87
CA MET C 253 9.30 -44.76 18.93
C MET C 253 7.83 -44.68 18.53
N ASP C 254 7.59 -44.31 17.28
CA ASP C 254 6.25 -44.30 16.70
C ASP C 254 5.60 -45.67 16.86
N CYS C 255 6.44 -46.70 16.93
CA CYS C 255 5.94 -48.06 17.10
C CYS C 255 5.95 -48.55 18.56
N PHE C 256 7.06 -48.32 19.27
CA PHE C 256 7.33 -49.09 20.50
C PHE C 256 7.20 -48.37 21.85
N THR C 257 7.22 -47.04 21.85
CA THR C 257 6.95 -46.31 23.09
C THR C 257 5.44 -46.11 23.23
N PRO C 258 4.89 -46.36 24.44
CA PRO C 258 3.46 -46.13 24.70
C PRO C 258 3.06 -44.70 24.36
N PRO C 259 1.85 -44.51 23.78
CA PRO C 259 1.35 -43.20 23.33
C PRO C 259 1.33 -42.12 24.43
N GLU C 260 1.27 -42.56 25.69
CA GLU C 260 1.31 -41.67 26.84
C GLU C 260 2.69 -41.02 26.98
N LYS C 261 3.72 -41.87 27.17
CA LYS C 261 5.06 -41.42 27.55
C LYS C 261 5.46 -40.12 26.85
N LEU C 262 5.44 -40.15 25.51
CA LEU C 262 5.61 -38.93 24.72
C LEU C 262 4.77 -38.98 23.44
N GLY C 263 4.27 -37.81 23.04
CA GLY C 263 3.53 -37.65 21.78
C GLY C 263 2.09 -38.10 21.82
N LYS C 264 1.52 -38.34 20.64
CA LYS C 264 0.15 -38.81 20.48
C LYS C 264 0.15 -40.27 20.01
N ILE C 265 -0.94 -40.71 19.39
CA ILE C 265 -1.02 -42.02 18.75
C ILE C 265 -0.53 -41.96 17.29
N GLY C 266 0.69 -41.45 17.10
CA GLY C 266 1.32 -41.45 15.79
C GLY C 266 1.44 -42.87 15.30
N THR C 267 1.00 -43.12 14.06
CA THR C 267 1.02 -44.47 13.52
C THR C 267 1.44 -44.56 12.06
N ASP C 268 2.75 -44.73 11.89
CA ASP C 268 3.40 -44.94 10.59
C ASP C 268 2.94 -46.23 9.91
N ILE C 269 2.64 -47.24 10.73
CA ILE C 269 2.17 -48.55 10.27
C ILE C 269 0.88 -48.44 9.45
N GLU C 270 -0.05 -47.63 9.94
CA GLU C 270 -1.29 -47.37 9.24
C GLU C 270 -1.09 -46.49 7.99
N ASP C 271 -0.20 -45.51 8.10
CA ASP C 271 0.11 -44.61 6.99
C ASP C 271 0.95 -45.30 5.90
N ALA C 272 1.29 -46.56 6.15
CA ALA C 272 2.17 -47.36 5.28
C ALA C 272 3.50 -46.66 5.01
N LYS C 273 4.10 -46.14 6.08
CA LYS C 273 5.31 -45.35 5.97
C LYS C 273 6.46 -46.23 5.57
N CYS C 274 7.32 -45.70 4.69
CA CYS C 274 8.63 -46.27 4.44
C CYS C 274 9.50 -45.96 5.65
N SER C 275 9.30 -46.73 6.72
CA SER C 275 9.97 -46.52 7.99
C SER C 275 11.20 -47.40 8.09
N TRP C 276 12.12 -47.05 8.99
CA TRP C 276 13.31 -47.88 9.24
C TRP C 276 12.97 -49.35 9.59
N LEU C 277 11.88 -49.57 10.33
CA LEU C 277 11.51 -50.93 10.72
C LEU C 277 10.74 -51.72 9.66
N ALA C 278 9.92 -51.04 8.86
CA ALA C 278 9.32 -51.65 7.66
C ALA C 278 10.41 -52.05 6.67
N VAL C 279 11.48 -51.27 6.68
CA VAL C 279 12.59 -51.43 5.76
C VAL C 279 13.58 -52.52 6.22
N THR C 280 13.92 -52.54 7.50
CA THR C 280 14.75 -53.62 8.05
C THR C 280 13.98 -54.93 8.13
N PHE C 281 12.68 -54.87 8.39
CA PHE C 281 11.85 -56.08 8.41
C PHE C 281 11.84 -56.81 7.07
N LEU C 282 11.54 -56.09 5.99
CA LEU C 282 11.42 -56.66 4.64
C LEU C 282 12.76 -57.13 4.07
N THR C 283 13.86 -56.59 4.58
CA THR C 283 15.19 -56.90 4.05
C THR C 283 15.87 -58.08 4.76
N THR C 284 15.37 -58.45 5.93
CA THR C 284 15.95 -59.54 6.72
C THR C 284 14.89 -60.53 7.21
N ALA C 285 13.77 -60.63 6.50
CA ALA C 285 12.62 -61.43 6.96
C ALA C 285 12.63 -62.89 6.49
N PRO C 286 12.23 -63.82 7.39
CA PRO C 286 12.07 -65.23 7.04
C PRO C 286 10.83 -65.55 6.18
N ALA C 287 10.91 -65.17 4.90
CA ALA C 287 10.04 -65.65 3.81
C ALA C 287 8.51 -65.49 3.96
N GLU C 288 7.85 -66.48 4.56
CA GLU C 288 6.39 -66.48 4.74
C GLU C 288 5.93 -65.30 5.61
N LYS C 289 6.88 -64.70 6.32
CA LYS C 289 6.62 -63.61 7.25
C LYS C 289 6.50 -62.28 6.53
N VAL C 290 7.28 -62.09 5.46
CA VAL C 290 7.13 -60.92 4.56
C VAL C 290 5.79 -60.98 3.83
N ALA C 291 5.24 -62.19 3.68
CA ALA C 291 3.94 -62.36 3.04
C ALA C 291 2.81 -61.76 3.88
N GLU C 292 2.84 -62.01 5.19
CA GLU C 292 1.83 -61.52 6.12
C GLU C 292 1.96 -60.01 6.34
N PHE C 293 3.17 -59.49 6.19
CA PHE C 293 3.45 -58.06 6.28
C PHE C 293 2.61 -57.26 5.29
N LYS C 294 2.67 -57.63 4.01
CA LYS C 294 1.95 -56.93 2.94
C LYS C 294 0.44 -57.14 3.03
N ALA C 295 0.05 -58.14 3.81
CA ALA C 295 -1.37 -58.42 4.03
C ALA C 295 -1.99 -57.50 5.07
N ASN C 296 -1.16 -57.00 5.99
CA ASN C 296 -1.68 -56.22 7.12
C ASN C 296 -1.12 -54.79 7.23
N TYR C 297 -0.16 -54.44 6.38
CA TYR C 297 0.44 -53.10 6.40
C TYR C 297 -0.43 -52.11 5.63
N GLY C 298 -0.56 -50.91 6.16
CA GLY C 298 -1.26 -49.80 5.49
C GLY C 298 -2.78 -49.76 5.63
N SER C 299 -3.31 -50.41 6.66
CA SER C 299 -4.75 -50.42 6.93
C SER C 299 -5.08 -50.00 8.35
N THR C 300 -6.13 -49.21 8.50
CA THR C 300 -6.51 -48.61 9.78
C THR C 300 -7.07 -49.59 10.81
N ASP C 301 -7.48 -50.78 10.35
CA ASP C 301 -8.00 -51.83 11.23
C ASP C 301 -7.00 -52.12 12.36
N PRO C 302 -7.44 -51.93 13.63
CA PRO C 302 -6.61 -52.13 14.81
C PRO C 302 -5.94 -53.51 14.90
N ALA C 303 -6.66 -54.56 14.53
CA ALA C 303 -6.15 -55.94 14.54
C ALA C 303 -5.00 -56.15 13.55
N ALA C 304 -5.09 -55.48 12.40
CA ALA C 304 -4.05 -55.53 11.37
C ALA C 304 -2.75 -54.93 11.89
N VAL C 305 -2.87 -53.80 12.59
CA VAL C 305 -1.75 -53.14 13.26
C VAL C 305 -1.08 -54.04 14.32
N ALA C 306 -1.91 -54.72 15.12
CA ALA C 306 -1.41 -55.63 16.17
C ALA C 306 -0.58 -56.76 15.57
N VAL C 307 -1.00 -57.24 14.40
CA VAL C 307 -0.25 -58.24 13.65
C VAL C 307 1.11 -57.70 13.20
N ILE C 308 1.12 -56.50 12.64
CA ILE C 308 2.36 -55.87 12.13
C ILE C 308 3.39 -55.60 13.24
N LYS C 309 2.93 -55.13 14.39
CA LYS C 309 3.80 -54.93 15.55
C LYS C 309 4.27 -56.28 16.11
N GLN C 310 3.43 -57.30 15.99
CA GLN C 310 3.80 -58.68 16.36
C GLN C 310 4.84 -59.23 15.40
N LEU C 311 4.67 -58.94 14.11
CA LEU C 311 5.65 -59.28 13.08
C LEU C 311 6.98 -58.59 13.39
N TYR C 312 6.89 -57.31 13.75
CA TYR C 312 8.04 -56.55 14.18
C TYR C 312 8.65 -57.11 15.47
N THR C 313 7.80 -57.68 16.32
CA THR C 313 8.24 -58.28 17.57
C THR C 313 9.17 -59.46 17.33
N GLU C 314 8.71 -60.46 16.59
CA GLU C 314 9.51 -61.66 16.31
C GLU C 314 10.96 -61.36 15.89
N GLN C 315 11.12 -60.39 14.99
CA GLN C 315 12.44 -60.02 14.46
C GLN C 315 13.36 -59.23 15.42
N ASN C 316 12.94 -59.06 16.66
CA ASN C 316 13.73 -58.36 17.69
C ASN C 316 14.21 -56.96 17.22
N LEU C 317 13.28 -56.17 16.71
CA LEU C 317 13.61 -54.92 16.05
C LEU C 317 13.95 -53.78 17.01
N LEU C 318 13.37 -53.81 18.22
CA LEU C 318 13.73 -52.83 19.25
C LEU C 318 15.16 -53.06 19.71
N ALA C 319 15.57 -54.32 19.74
CA ALA C 319 16.93 -54.69 20.15
C ALA C 319 17.96 -54.36 19.05
N ARG C 320 17.58 -54.61 17.79
CA ARG C 320 18.43 -54.28 16.66
C ARG C 320 18.60 -52.75 16.48
N PHE C 321 17.54 -51.99 16.79
CA PHE C 321 17.65 -50.53 16.86
C PHE C 321 18.60 -50.08 17.97
N GLU C 322 18.48 -50.74 19.12
CA GLU C 322 19.33 -50.46 20.28
C GLU C 322 20.80 -50.63 19.92
N GLU C 323 21.11 -51.70 19.19
CA GLU C 323 22.45 -51.94 18.67
C GLU C 323 22.82 -50.88 17.65
N TYR C 324 21.86 -50.53 16.79
CA TYR C 324 22.02 -49.46 15.79
C TYR C 324 22.37 -48.14 16.48
N GLU C 325 21.72 -47.90 17.61
CA GLU C 325 21.91 -46.70 18.42
C GLU C 325 23.28 -46.66 19.10
N LYS C 326 23.76 -47.83 19.53
CA LYS C 326 25.07 -47.96 20.16
C LYS C 326 26.20 -47.69 19.16
N ALA C 327 26.03 -48.20 17.94
CA ALA C 327 26.92 -47.86 16.83
C ALA C 327 26.96 -46.33 16.61
N VAL C 328 25.78 -45.70 16.68
CA VAL C 328 25.64 -44.25 16.48
C VAL C 328 26.37 -43.41 17.52
N VAL C 329 26.27 -43.81 18.79
CA VAL C 329 26.91 -43.10 19.91
C VAL C 329 28.42 -43.09 19.75
N ALA C 330 28.99 -44.27 19.51
CA ALA C 330 30.43 -44.41 19.26
C ALA C 330 30.92 -43.43 18.19
N GLU C 331 30.19 -43.33 17.08
CA GLU C 331 30.58 -42.45 15.98
C GLU C 331 30.44 -40.96 16.33
N VAL C 332 29.35 -40.60 17.00
CA VAL C 332 29.11 -39.21 17.40
C VAL C 332 30.19 -38.69 18.38
N GLU C 333 30.47 -39.47 19.42
CA GLU C 333 31.51 -39.15 20.41
C GLU C 333 32.89 -39.00 19.75
N GLN C 334 33.17 -39.82 18.74
CA GLN C 334 34.42 -39.74 17.98
C GLN C 334 34.51 -38.49 17.12
N LEU C 335 33.41 -38.17 16.44
CA LEU C 335 33.35 -36.96 15.62
C LEU C 335 33.42 -35.72 16.49
N ILE C 336 32.79 -35.77 17.66
CA ILE C 336 32.85 -34.68 18.64
C ILE C 336 34.28 -34.44 19.12
N ALA C 337 34.95 -35.50 19.56
CA ALA C 337 36.34 -35.42 20.01
C ALA C 337 37.24 -34.87 18.90
N ALA C 338 36.99 -35.29 17.66
CA ALA C 338 37.72 -34.79 16.50
C ALA C 338 37.54 -33.28 16.32
N LEU C 339 36.31 -32.81 16.52
CA LEU C 339 36.00 -31.39 16.45
C LEU C 339 36.59 -30.61 17.62
N GLU C 340 36.50 -31.21 18.81
CA GLU C 340 37.00 -30.64 20.06
C GLU C 340 38.49 -30.34 20.01
N ALA C 341 39.24 -31.22 19.36
CA ALA C 341 40.69 -31.06 19.20
C ALA C 341 41.07 -29.88 18.33
N GLN C 342 40.08 -29.25 17.68
CA GLN C 342 40.32 -28.05 16.87
C GLN C 342 39.58 -26.82 17.41
N ASN C 343 38.37 -27.03 17.90
CA ASN C 343 37.64 -25.98 18.64
C ASN C 343 36.71 -26.52 19.72
N ALA C 344 37.10 -26.25 20.96
CA ALA C 344 36.38 -26.70 22.16
C ALA C 344 34.95 -26.16 22.31
N ALA C 345 34.74 -24.88 21.97
CA ALA C 345 33.42 -24.26 22.15
C ALA C 345 32.37 -24.74 21.14
N PHE C 346 32.80 -24.99 19.89
CA PHE C 346 31.94 -25.58 18.86
C PHE C 346 31.52 -27.01 19.18
N ALA C 347 32.51 -27.84 19.52
CA ALA C 347 32.27 -29.21 19.91
C ALA C 347 31.25 -29.27 21.03
N ALA C 348 31.37 -28.33 21.98
CA ALA C 348 30.44 -28.23 23.10
C ALA C 348 29.01 -27.87 22.65
N SER C 349 28.89 -27.06 21.60
CA SER C 349 27.57 -26.75 21.03
C SER C 349 26.99 -27.95 20.28
N VAL C 350 27.85 -28.67 19.55
CA VAL C 350 27.43 -29.94 18.93
C VAL C 350 27.04 -30.94 20.02
N LYS C 351 27.80 -30.95 21.12
CA LYS C 351 27.51 -31.77 22.30
C LYS C 351 26.13 -31.51 22.90
N VAL C 352 25.74 -30.24 23.01
CA VAL C 352 24.43 -29.88 23.56
C VAL C 352 23.35 -30.30 22.56
N LEU C 353 23.57 -29.95 21.29
CA LEU C 353 22.68 -30.36 20.20
C LEU C 353 22.39 -31.86 20.20
N TRP C 354 23.45 -32.66 20.29
CA TRP C 354 23.31 -34.12 20.41
C TRP C 354 22.62 -34.56 21.72
N SER C 355 22.91 -33.88 22.83
CA SER C 355 22.25 -34.21 24.10
C SER C 355 20.74 -34.00 24.03
N LYS C 356 20.31 -33.13 23.11
CA LYS C 356 18.88 -32.91 22.86
C LYS C 356 18.35 -33.81 21.74
N THR C 357 19.23 -34.66 21.21
CA THR C 357 18.91 -35.57 20.12
C THR C 357 18.93 -37.03 20.57
N TYR C 358 19.99 -37.42 21.27
CA TYR C 358 20.07 -38.73 21.92
C TYR C 358 19.15 -38.78 23.14
N LYS C 359 18.47 -39.91 23.33
CA LYS C 359 17.49 -40.09 24.43
C LYS C 359 16.16 -39.41 24.11
N ARG C 360 15.06 -40.09 24.45
CA ARG C 360 13.70 -39.59 24.22
C ARG C 360 13.59 -38.14 23.73
N MET D 1 14.91 -17.73 -34.64
CA MET D 1 15.82 -16.65 -34.15
C MET D 1 17.31 -17.02 -34.22
N ALA D 2 18.15 -16.00 -34.44
CA ALA D 2 19.60 -16.18 -34.60
C ALA D 2 20.25 -17.00 -33.48
N HIS D 3 19.66 -16.98 -32.29
CA HIS D 3 20.30 -17.53 -31.08
C HIS D 3 19.69 -18.84 -30.58
N MET D 4 18.69 -19.34 -31.29
CA MET D 4 17.99 -20.57 -30.93
C MET D 4 18.87 -21.80 -30.78
N GLU D 5 19.76 -22.06 -31.75
CA GLU D 5 20.63 -23.25 -31.66
C GLU D 5 21.62 -23.12 -30.49
N ARG D 6 22.10 -21.91 -30.24
CA ARG D 6 22.96 -21.64 -29.09
C ARG D 6 22.22 -21.90 -27.76
N PHE D 7 21.03 -21.32 -27.65
CA PHE D 7 20.15 -21.48 -26.49
C PHE D 7 19.83 -22.95 -26.20
N GLN D 8 19.50 -23.72 -27.25
CA GLN D 8 19.22 -25.14 -27.11
C GLN D 8 20.45 -25.97 -26.72
N LYS D 9 21.60 -25.59 -27.26
CA LYS D 9 22.86 -26.28 -26.92
C LYS D 9 23.18 -26.09 -25.42
N VAL D 10 22.92 -24.88 -24.91
CA VAL D 10 23.15 -24.56 -23.51
C VAL D 10 22.23 -25.37 -22.58
N TYR D 11 20.98 -25.60 -23.01
CA TYR D 11 20.02 -26.40 -22.27
C TYR D 11 20.51 -27.83 -22.00
N GLU D 12 21.05 -28.46 -23.04
CA GLU D 12 21.68 -29.77 -22.92
C GLU D 12 22.82 -29.71 -21.92
N GLU D 13 23.60 -28.65 -22.02
CA GLU D 13 24.73 -28.42 -21.12
C GLU D 13 24.27 -28.31 -19.66
N VAL D 14 23.27 -27.44 -19.40
CA VAL D 14 22.80 -27.26 -18.02
C VAL D 14 22.11 -28.53 -17.51
N GLN D 15 21.30 -29.18 -18.34
CA GLN D 15 20.60 -30.39 -17.96
C GLN D 15 21.59 -31.43 -17.48
N GLU D 16 22.59 -31.72 -18.30
CA GLU D 16 23.66 -32.64 -17.90
C GLU D 16 24.33 -32.21 -16.58
N PHE D 17 24.64 -30.90 -16.45
CA PHE D 17 25.17 -30.44 -15.18
C PHE D 17 24.25 -30.74 -14.00
N LEU D 18 22.97 -30.36 -14.13
CA LEU D 18 22.00 -30.45 -13.04
C LEU D 18 21.72 -31.90 -12.62
N LEU D 19 21.50 -32.75 -13.62
CA LEU D 19 21.35 -34.19 -13.41
C LEU D 19 22.64 -34.81 -12.86
N GLY D 20 23.78 -34.39 -13.41
CA GLY D 20 25.10 -34.79 -12.90
C GLY D 20 25.38 -34.30 -11.48
N ASP D 21 24.87 -33.13 -11.13
CA ASP D 21 25.10 -32.63 -9.78
C ASP D 21 24.36 -33.46 -8.72
N ALA D 22 23.16 -33.92 -9.09
CA ALA D 22 22.32 -34.73 -8.23
C ALA D 22 22.94 -36.11 -7.99
N GLU D 23 23.52 -36.70 -9.03
CA GLU D 23 24.23 -37.96 -8.91
C GLU D 23 25.42 -37.80 -7.98
N LYS D 24 26.21 -36.76 -8.23
CA LYS D 24 27.34 -36.47 -7.38
C LYS D 24 26.92 -36.26 -5.91
N ARG D 25 25.87 -35.48 -5.68
CA ARG D 25 25.57 -34.93 -4.33
C ARG D 25 24.54 -35.70 -3.49
N PHE D 26 23.55 -36.30 -4.16
CA PHE D 26 22.47 -36.96 -3.43
C PHE D 26 22.26 -38.42 -3.84
N GLU D 27 23.32 -39.09 -4.28
CA GLU D 27 23.26 -40.55 -4.51
C GLU D 27 22.10 -40.88 -5.44
N MET D 28 21.85 -39.99 -6.39
CA MET D 28 20.77 -40.14 -7.33
C MET D 28 21.00 -41.34 -8.21
N ASP D 29 19.95 -42.15 -8.38
CA ASP D 29 19.99 -43.35 -9.20
C ASP D 29 19.55 -43.08 -10.64
N VAL D 30 19.80 -44.05 -11.51
CA VAL D 30 19.59 -43.94 -12.95
C VAL D 30 18.11 -43.84 -13.32
N HIS D 31 17.25 -44.50 -12.53
CA HIS D 31 15.82 -44.43 -12.80
C HIS D 31 15.16 -43.10 -12.37
N ARG D 32 15.53 -42.58 -11.19
CA ARG D 32 14.96 -41.30 -10.76
C ARG D 32 15.60 -40.14 -11.52
N LYS D 33 16.86 -40.31 -11.93
CA LYS D 33 17.55 -39.38 -12.81
C LYS D 33 16.76 -39.24 -14.12
N GLY D 34 16.42 -40.39 -14.72
CA GLY D 34 15.59 -40.44 -15.91
C GLY D 34 14.23 -39.81 -15.71
N TYR D 35 13.65 -40.00 -14.52
CA TYR D 35 12.42 -39.31 -14.21
C TYR D 35 12.61 -37.79 -14.24
N LEU D 36 13.74 -37.35 -13.68
CA LEU D 36 14.05 -35.94 -13.51
C LEU D 36 14.41 -35.28 -14.87
N LYS D 37 14.98 -36.07 -15.77
CA LYS D 37 15.26 -35.62 -17.14
C LYS D 37 13.93 -35.42 -17.89
N SER D 38 13.04 -36.38 -17.73
CA SER D 38 11.72 -36.30 -18.33
C SER D 38 10.92 -35.13 -17.74
N MET D 39 10.98 -34.97 -16.42
CA MET D 39 10.37 -33.81 -15.77
C MET D 39 10.89 -32.48 -16.35
N MET D 40 12.20 -32.36 -16.50
CA MET D 40 12.81 -31.11 -16.96
C MET D 40 12.41 -30.80 -18.39
N ASP D 41 12.53 -31.79 -19.28
CA ASP D 41 12.17 -31.64 -20.68
C ASP D 41 10.71 -31.23 -20.84
N THR D 42 9.83 -31.91 -20.11
CA THR D 42 8.38 -31.69 -20.23
C THR D 42 7.97 -30.30 -19.76
N THR D 43 8.48 -29.88 -18.62
CA THR D 43 8.06 -28.61 -18.03
C THR D 43 8.77 -27.39 -18.65
N CYS D 44 10.05 -27.55 -19.03
CA CYS D 44 10.80 -26.42 -19.57
C CYS D 44 10.80 -26.28 -21.09
N LEU D 45 10.59 -27.39 -21.82
CA LEU D 45 10.60 -27.34 -23.29
C LEU D 45 9.20 -27.26 -23.91
N GLY D 46 9.13 -26.68 -25.12
CA GLY D 46 7.92 -26.71 -25.92
C GLY D 46 7.23 -25.36 -26.05
N GLY D 47 7.75 -24.37 -25.34
CA GLY D 47 7.31 -22.98 -25.50
C GLY D 47 8.15 -22.30 -26.56
N LYS D 48 8.00 -20.99 -26.68
CA LYS D 48 8.73 -20.19 -27.69
C LYS D 48 10.09 -19.65 -27.22
N TYR D 49 10.34 -19.71 -25.91
CA TYR D 49 11.56 -19.19 -25.28
C TYR D 49 11.84 -17.70 -25.55
N ASN D 50 10.79 -16.94 -25.86
CA ASN D 50 10.90 -15.49 -26.01
C ASN D 50 11.60 -14.79 -24.84
N ARG D 51 11.28 -15.22 -23.63
CA ARG D 51 11.88 -14.62 -22.44
C ARG D 51 13.38 -14.89 -22.37
N GLY D 52 13.76 -16.16 -22.43
CA GLY D 52 15.16 -16.57 -22.41
C GLY D 52 15.99 -15.98 -23.52
N LEU D 53 15.49 -16.08 -24.75
CA LEU D 53 16.15 -15.47 -25.93
C LEU D 53 16.30 -13.95 -25.84
N CYS D 54 15.37 -13.30 -25.17
CA CYS D 54 15.44 -11.84 -25.01
C CYS D 54 16.77 -11.42 -24.36
N VAL D 55 17.17 -12.14 -23.31
CA VAL D 55 18.43 -11.94 -22.59
C VAL D 55 19.62 -11.92 -23.53
N VAL D 56 19.65 -12.92 -24.42
CA VAL D 56 20.70 -13.05 -25.42
C VAL D 56 20.70 -11.86 -26.38
N ASP D 57 19.53 -11.53 -26.93
CA ASP D 57 19.37 -10.37 -27.80
C ASP D 57 19.86 -9.11 -27.15
N VAL D 58 19.53 -8.91 -25.86
CA VAL D 58 20.00 -7.73 -25.12
C VAL D 58 21.50 -7.80 -24.86
N ALA D 59 21.98 -8.92 -24.33
CA ALA D 59 23.42 -9.10 -24.07
C ALA D 59 24.28 -8.86 -25.32
N GLU D 60 23.91 -9.49 -26.43
CA GLU D 60 24.65 -9.35 -27.68
C GLU D 60 24.73 -7.90 -28.14
N ALA D 61 23.58 -7.21 -28.09
CA ALA D 61 23.48 -5.82 -28.52
C ALA D 61 24.41 -4.87 -27.76
N MET D 62 24.56 -5.15 -26.46
CA MET D 62 25.34 -4.31 -25.55
C MET D 62 26.84 -4.59 -25.62
N ALA D 63 27.16 -5.81 -26.02
CA ALA D 63 28.55 -6.24 -26.16
C ALA D 63 29.07 -5.89 -27.57
N LYS D 64 28.15 -5.71 -28.51
CA LYS D 64 28.45 -5.18 -29.85
C LYS D 64 28.81 -3.71 -29.83
N ASP D 65 28.27 -2.97 -28.86
CA ASP D 65 28.56 -1.54 -28.72
C ASP D 65 30.02 -1.32 -28.29
N THR D 66 30.44 -1.96 -27.20
CA THR D 66 31.84 -1.93 -26.78
C THR D 66 32.74 -2.67 -27.77
N GLN D 67 33.96 -3.00 -27.32
CA GLN D 67 34.86 -3.84 -28.11
C GLN D 67 35.67 -4.80 -27.26
N MET D 68 35.24 -6.06 -27.32
CA MET D 68 35.88 -7.17 -26.64
C MET D 68 36.26 -8.22 -27.68
N ASP D 69 37.36 -8.93 -27.46
CA ASP D 69 37.74 -10.03 -28.33
C ASP D 69 36.66 -11.12 -28.33
N ALA D 70 36.54 -11.82 -29.45
CA ALA D 70 35.49 -12.81 -29.68
C ALA D 70 35.29 -13.82 -28.56
N ALA D 71 36.32 -14.05 -27.74
CA ALA D 71 36.27 -15.03 -26.65
C ALA D 71 35.51 -14.49 -25.44
N ALA D 72 35.60 -13.19 -25.21
CA ALA D 72 34.80 -12.52 -24.19
C ALA D 72 33.33 -12.43 -24.64
N MET D 73 33.14 -12.10 -25.92
CA MET D 73 31.81 -12.11 -26.52
C MET D 73 31.13 -13.48 -26.37
N GLU D 74 31.92 -14.54 -26.45
CA GLU D 74 31.41 -15.89 -26.37
C GLU D 74 30.93 -16.24 -24.95
N ARG D 75 31.70 -15.80 -23.96
CA ARG D 75 31.35 -15.94 -22.55
C ARG D 75 30.08 -15.15 -22.23
N VAL D 76 29.97 -13.95 -22.81
CA VAL D 76 28.84 -13.07 -22.57
C VAL D 76 27.56 -13.75 -23.07
N LEU D 77 27.60 -14.25 -24.29
CA LEU D 77 26.47 -14.97 -24.89
C LEU D 77 26.15 -16.27 -24.14
N HIS D 78 27.17 -17.02 -23.72
CA HIS D 78 26.92 -18.23 -22.93
C HIS D 78 26.27 -17.95 -21.56
N ASP D 79 26.73 -16.91 -20.87
CA ASP D 79 26.14 -16.46 -19.59
C ASP D 79 24.69 -15.98 -19.80
N ALA D 80 24.48 -15.24 -20.89
CA ALA D 80 23.17 -14.78 -21.26
C ALA D 80 22.20 -15.92 -21.49
N CYS D 81 22.66 -17.03 -22.06
CA CYS D 81 21.83 -18.22 -22.26
C CYS D 81 21.53 -18.92 -20.94
N VAL D 82 22.53 -18.95 -20.06
CA VAL D 82 22.34 -19.47 -18.70
C VAL D 82 21.30 -18.61 -17.95
N CYS D 83 21.44 -17.30 -18.02
CA CYS D 83 20.46 -16.40 -17.38
C CYS D 83 19.07 -16.64 -17.94
N GLY D 84 19.01 -16.75 -19.27
CA GLY D 84 17.79 -17.08 -20.01
C GLY D 84 17.10 -18.38 -19.58
N TRP D 85 17.88 -19.43 -19.37
CA TRP D 85 17.30 -20.68 -18.84
C TRP D 85 16.81 -20.56 -17.39
N MET D 86 17.49 -19.75 -16.60
CA MET D 86 17.04 -19.40 -15.23
C MET D 86 15.61 -18.83 -15.25
N ILE D 87 15.38 -17.85 -16.13
CA ILE D 87 14.08 -17.26 -16.29
C ILE D 87 13.06 -18.29 -16.76
N GLU D 88 13.45 -19.10 -17.76
CA GLU D 88 12.56 -20.13 -18.29
C GLU D 88 12.19 -21.15 -17.22
N MET D 89 13.13 -21.49 -16.34
CA MET D 89 12.87 -22.45 -15.29
C MET D 89 12.04 -21.86 -14.16
N LEU D 90 12.14 -20.55 -13.96
CA LEU D 90 11.28 -19.86 -12.99
C LEU D 90 9.84 -19.89 -13.47
N GLN D 91 9.63 -19.60 -14.76
CA GLN D 91 8.31 -19.71 -15.37
C GLN D 91 7.77 -21.12 -15.26
N ALA D 92 8.56 -22.10 -15.70
CA ALA D 92 8.15 -23.50 -15.72
C ALA D 92 7.69 -23.95 -14.34
N HIS D 93 8.37 -23.42 -13.32
CA HIS D 93 8.07 -23.69 -11.91
C HIS D 93 6.71 -23.09 -11.53
N PHE D 94 6.39 -21.92 -12.08
CA PHE D 94 5.12 -21.26 -11.77
C PHE D 94 3.99 -21.88 -12.62
N LEU D 95 4.34 -22.49 -13.76
CA LEU D 95 3.29 -23.15 -14.55
C LEU D 95 2.91 -24.48 -13.87
N VAL D 96 3.90 -25.25 -13.45
CA VAL D 96 3.67 -26.48 -12.69
C VAL D 96 2.74 -26.25 -11.49
N GLU D 97 3.12 -25.31 -10.64
CA GLU D 97 2.33 -24.95 -9.46
C GLU D 97 0.96 -24.35 -9.78
N ASP D 98 0.95 -23.43 -10.75
CA ASP D 98 -0.28 -22.79 -11.13
C ASP D 98 -1.30 -23.77 -11.71
N ASP D 99 -0.83 -24.71 -12.52
CA ASP D 99 -1.72 -25.70 -13.10
C ASP D 99 -2.35 -26.57 -12.01
N ILE D 100 -1.60 -26.86 -10.96
CA ILE D 100 -2.12 -27.65 -9.83
C ILE D 100 -3.10 -26.78 -9.04
N MET D 101 -2.76 -25.50 -8.87
CA MET D 101 -3.61 -24.58 -8.13
C MET D 101 -5.00 -24.43 -8.76
N ASP D 102 -5.02 -24.21 -10.07
CA ASP D 102 -6.24 -23.91 -10.80
C ASP D 102 -7.05 -25.14 -11.23
N HIS D 103 -6.52 -26.33 -10.93
CA HIS D 103 -6.99 -27.63 -11.47
C HIS D 103 -7.03 -27.69 -12.98
N SER D 104 -6.08 -27.01 -13.62
CA SER D 104 -6.04 -26.93 -15.08
C SER D 104 -5.87 -28.30 -15.73
N LYS D 105 -6.14 -28.34 -17.03
CA LYS D 105 -6.20 -29.61 -17.77
C LYS D 105 -5.03 -29.75 -18.73
N THR D 106 -4.88 -28.79 -19.65
CA THR D 106 -3.84 -28.86 -20.66
C THR D 106 -2.82 -27.73 -20.55
N ARG D 107 -1.58 -28.02 -20.94
CA ARG D 107 -0.56 -27.00 -21.10
C ARG D 107 0.04 -27.21 -22.45
N ARG D 108 -0.03 -26.18 -23.30
CA ARG D 108 0.49 -26.25 -24.67
C ARG D 108 0.00 -27.47 -25.42
N GLY D 109 -1.31 -27.72 -25.35
CA GLY D 109 -1.94 -28.83 -26.08
C GLY D 109 -1.57 -30.21 -25.57
N LYS D 110 -1.13 -30.27 -24.33
CA LYS D 110 -0.70 -31.51 -23.70
C LYS D 110 -1.23 -31.46 -22.27
N PRO D 111 -1.55 -32.62 -21.67
CA PRO D 111 -1.97 -32.56 -20.26
C PRO D 111 -0.91 -31.90 -19.39
N CYS D 112 -1.33 -31.07 -18.43
CA CYS D 112 -0.40 -30.43 -17.49
C CYS D 112 0.41 -31.50 -16.77
N TRP D 113 1.58 -31.11 -16.26
CA TRP D 113 2.53 -32.04 -15.64
C TRP D 113 1.93 -32.90 -14.51
N TYR D 114 1.09 -32.33 -13.68
CA TYR D 114 0.51 -33.08 -12.55
C TYR D 114 -0.46 -34.18 -13.01
N LEU D 115 -0.98 -34.02 -14.21
CA LEU D 115 -1.93 -34.96 -14.80
C LEU D 115 -1.28 -36.09 -15.61
N HIS D 116 0.02 -36.00 -15.85
CA HIS D 116 0.74 -37.11 -16.45
C HIS D 116 0.55 -38.33 -15.57
N PRO D 117 0.15 -39.47 -16.18
CA PRO D 117 -0.36 -40.62 -15.43
C PRO D 117 0.55 -41.07 -14.29
N GLY D 118 1.86 -40.96 -14.46
CA GLY D 118 2.81 -41.42 -13.44
C GLY D 118 3.41 -40.32 -12.59
N VAL D 119 2.71 -39.18 -12.52
CA VAL D 119 3.21 -38.03 -11.77
C VAL D 119 2.34 -37.76 -10.54
N THR D 120 1.11 -37.29 -10.75
CA THR D 120 0.19 -36.82 -9.69
C THR D 120 0.63 -35.49 -9.06
N ALA D 121 -0.34 -34.78 -8.50
CA ALA D 121 -0.11 -33.51 -7.79
C ALA D 121 0.87 -33.63 -6.63
N GLN D 122 0.74 -34.67 -5.82
CA GLN D 122 1.67 -34.91 -4.75
C GLN D 122 3.11 -34.70 -5.22
N VAL D 123 3.51 -35.44 -6.25
CA VAL D 123 4.89 -35.39 -6.77
C VAL D 123 5.15 -34.07 -7.54
N ALA D 124 4.16 -33.63 -8.30
CA ALA D 124 4.31 -32.45 -9.16
C ALA D 124 4.55 -31.15 -8.39
N ILE D 125 3.99 -31.06 -7.17
CA ILE D 125 4.16 -29.86 -6.36
C ILE D 125 5.63 -29.68 -5.98
N ASN D 126 6.27 -30.78 -5.64
CA ASN D 126 7.67 -30.78 -5.28
C ASN D 126 8.58 -30.68 -6.49
N ASP D 127 8.11 -31.18 -7.63
CA ASP D 127 8.82 -31.06 -8.90
C ASP D 127 8.98 -29.59 -9.24
N GLY D 128 7.88 -28.85 -9.06
CA GLY D 128 7.83 -27.41 -9.24
C GLY D 128 8.87 -26.69 -8.39
N LEU D 129 9.10 -27.22 -7.18
CA LEU D 129 10.11 -26.69 -6.26
C LEU D 129 11.52 -27.02 -6.73
N ILE D 130 11.69 -28.20 -7.33
CA ILE D 130 13.00 -28.63 -7.82
C ILE D 130 13.41 -27.66 -8.94
N LEU D 131 12.45 -27.29 -9.78
CA LEU D 131 12.70 -26.41 -10.89
C LEU D 131 13.23 -25.07 -10.39
N LEU D 132 12.61 -24.58 -9.30
CA LEU D 132 12.97 -23.28 -8.76
C LEU D 132 14.38 -23.33 -8.20
N ALA D 133 14.63 -24.33 -7.37
CA ALA D 133 15.94 -24.70 -6.85
C ALA D 133 17.04 -24.76 -7.93
N TRP D 134 16.82 -25.59 -8.96
CA TRP D 134 17.74 -25.72 -10.10
C TRP D 134 18.10 -24.38 -10.76
N ALA D 135 17.14 -23.47 -10.86
CA ALA D 135 17.41 -22.15 -11.43
C ALA D 135 18.52 -21.42 -10.69
N THR D 136 18.59 -21.60 -9.37
CA THR D 136 19.61 -20.90 -8.62
C THR D 136 20.96 -21.59 -8.80
N GLN D 137 20.96 -22.93 -8.73
CA GLN D 137 22.16 -23.75 -9.01
C GLN D 137 22.87 -23.31 -10.28
N MET D 138 22.11 -23.11 -11.35
CA MET D 138 22.67 -22.53 -12.58
C MET D 138 23.54 -21.31 -12.30
N ALA D 139 23.01 -20.31 -11.58
CA ALA D 139 23.76 -19.10 -11.23
C ALA D 139 24.94 -19.38 -10.32
N LEU D 140 24.73 -20.25 -9.32
CA LEU D 140 25.75 -20.58 -8.34
C LEU D 140 26.93 -21.29 -8.98
N HIS D 141 26.63 -22.21 -9.89
CA HIS D 141 27.65 -22.94 -10.64
C HIS D 141 28.27 -22.10 -11.77
N TYR D 142 27.46 -21.64 -12.72
CA TYR D 142 28.01 -20.97 -13.91
C TYR D 142 28.60 -19.60 -13.66
N PHE D 143 28.02 -18.85 -12.74
CA PHE D 143 28.45 -17.48 -12.50
C PHE D 143 29.42 -17.35 -11.33
N ALA D 144 29.88 -18.49 -10.81
CA ALA D 144 30.80 -18.56 -9.67
C ALA D 144 31.99 -17.60 -9.72
N ASP D 145 32.58 -17.44 -10.91
CA ASP D 145 33.69 -16.50 -11.10
C ASP D 145 33.27 -15.13 -11.66
N ARG D 146 31.97 -14.85 -11.64
CA ARG D 146 31.49 -13.60 -12.19
C ARG D 146 31.25 -12.52 -11.13
N PRO D 147 31.63 -11.27 -11.43
CA PRO D 147 31.38 -10.19 -10.47
C PRO D 147 29.88 -9.95 -10.30
N PHE D 148 29.06 -10.40 -11.25
CA PHE D 148 27.64 -10.13 -11.24
C PHE D 148 26.81 -11.24 -10.59
N LEU D 149 27.47 -12.24 -10.01
CA LEU D 149 26.74 -13.29 -9.29
C LEU D 149 25.78 -12.68 -8.25
N ALA D 150 26.32 -11.88 -7.33
CA ALA D 150 25.51 -11.22 -6.31
C ALA D 150 24.25 -10.49 -6.85
N GLU D 151 24.42 -9.66 -7.89
CA GLU D 151 23.32 -8.91 -8.48
C GLU D 151 22.31 -9.83 -9.18
N VAL D 152 22.79 -10.87 -9.85
CA VAL D 152 21.93 -11.86 -10.45
C VAL D 152 21.01 -12.52 -9.41
N LEU D 153 21.59 -12.99 -8.30
CA LEU D 153 20.78 -13.64 -7.26
C LEU D 153 19.76 -12.68 -6.65
N ARG D 154 20.17 -11.42 -6.47
CA ARG D 154 19.30 -10.37 -5.90
C ARG D 154 18.08 -10.18 -6.76
N VAL D 155 18.29 -9.88 -8.03
CA VAL D 155 17.23 -9.50 -8.92
C VAL D 155 16.33 -10.70 -9.23
N PHE D 156 16.94 -11.87 -9.36
CA PHE D 156 16.18 -13.07 -9.66
C PHE D 156 15.21 -13.38 -8.51
N HIS D 157 15.73 -13.28 -7.29
CA HIS D 157 14.94 -13.68 -6.12
C HIS D 157 13.91 -12.59 -5.71
N ASP D 158 14.20 -11.33 -6.04
CA ASP D 158 13.24 -10.23 -5.95
C ASP D 158 12.06 -10.49 -6.88
N VAL D 159 12.33 -11.08 -8.04
CA VAL D 159 11.31 -11.31 -9.04
C VAL D 159 10.48 -12.56 -8.70
N ASP D 160 11.15 -13.57 -8.18
CA ASP D 160 10.42 -14.69 -7.60
C ASP D 160 9.39 -14.16 -6.60
N LEU D 161 9.80 -13.39 -5.58
CA LEU D 161 8.83 -12.77 -4.65
C LEU D 161 7.73 -11.99 -5.36
N THR D 162 8.13 -11.04 -6.23
CA THR D 162 7.21 -10.22 -7.02
C THR D 162 6.12 -11.05 -7.70
N THR D 163 6.54 -12.10 -8.40
CA THR D 163 5.63 -13.05 -9.06
C THR D 163 4.74 -13.84 -8.06
N THR D 164 5.29 -14.24 -6.91
CA THR D 164 4.45 -14.91 -5.91
C THR D 164 3.38 -13.93 -5.41
N ILE D 165 3.75 -12.64 -5.37
CA ILE D 165 2.80 -11.59 -4.96
C ILE D 165 1.72 -11.31 -6.00
N GLY D 166 2.12 -11.16 -7.26
CA GLY D 166 1.18 -11.13 -8.40
C GLY D 166 0.25 -12.34 -8.40
N GLN D 167 0.79 -13.49 -8.07
CA GLN D 167 -0.04 -14.67 -7.85
C GLN D 167 -1.03 -14.54 -6.68
N LEU D 168 -0.58 -13.97 -5.56
CA LEU D 168 -1.46 -13.72 -4.39
C LEU D 168 -2.64 -12.83 -4.81
N TYR D 169 -2.33 -11.77 -5.55
CA TYR D 169 -3.36 -10.89 -6.10
C TYR D 169 -4.36 -11.64 -6.96
N ASP D 170 -3.87 -12.61 -7.74
CA ASP D 170 -4.74 -13.36 -8.63
C ASP D 170 -5.66 -14.35 -7.92
N VAL D 171 -5.16 -15.06 -6.93
CA VAL D 171 -6.01 -15.98 -6.20
C VAL D 171 -6.85 -15.28 -5.12
N THR D 172 -6.69 -13.98 -4.95
CA THR D 172 -7.55 -13.21 -4.03
C THR D 172 -8.49 -12.24 -4.77
N SER D 173 -8.92 -12.65 -5.96
CA SER D 173 -10.01 -11.99 -6.69
C SER D 173 -11.37 -12.61 -6.36
N MET D 174 -11.36 -13.68 -5.57
CA MET D 174 -12.54 -14.51 -5.33
C MET D 174 -13.61 -13.78 -4.53
N VAL D 175 -13.21 -13.20 -3.39
CA VAL D 175 -14.13 -12.54 -2.49
C VAL D 175 -13.73 -11.07 -2.25
N ASP D 176 -14.75 -10.25 -1.97
CA ASP D 176 -14.60 -8.90 -1.41
C ASP D 176 -13.39 -8.84 -0.49
N SER D 177 -12.37 -8.08 -0.89
CA SER D 177 -11.13 -7.94 -0.06
C SER D 177 -11.40 -7.67 1.43
N ALA D 178 -12.46 -6.92 1.72
CA ALA D 178 -12.82 -6.61 3.11
C ALA D 178 -13.21 -7.85 3.94
N LYS D 179 -13.51 -8.96 3.27
CA LYS D 179 -13.89 -10.21 3.96
C LYS D 179 -12.82 -11.29 3.92
N LEU D 180 -11.82 -11.11 3.05
CA LEU D 180 -10.68 -12.04 2.98
C LEU D 180 -10.18 -12.31 4.39
N ASP D 181 -10.22 -13.57 4.78
CA ASP D 181 -9.93 -13.95 6.15
C ASP D 181 -9.73 -15.45 6.25
N ALA D 182 -8.52 -15.84 6.64
CA ALA D 182 -8.14 -17.25 6.76
C ALA D 182 -9.09 -18.05 7.65
N LYS D 183 -9.61 -17.43 8.71
CA LYS D 183 -10.46 -18.15 9.65
C LYS D 183 -11.90 -18.30 9.14
N VAL D 184 -12.25 -17.56 8.09
CA VAL D 184 -13.63 -17.42 7.63
C VAL D 184 -13.82 -17.90 6.20
N ALA D 185 -14.69 -18.89 6.03
CA ALA D 185 -15.02 -19.41 4.70
C ALA D 185 -15.59 -18.31 3.83
N HIS D 186 -15.32 -18.40 2.53
CA HIS D 186 -16.00 -17.59 1.54
C HIS D 186 -16.36 -18.48 0.37
N ALA D 187 -17.36 -18.05 -0.40
CA ALA D 187 -17.86 -18.82 -1.53
C ALA D 187 -16.75 -19.26 -2.51
N ASN D 188 -17.01 -20.36 -3.21
CA ASN D 188 -16.13 -20.92 -4.23
C ASN D 188 -16.35 -20.20 -5.57
N THR D 189 -17.30 -19.29 -5.59
CA THR D 189 -17.61 -18.53 -6.79
C THR D 189 -17.46 -17.04 -6.49
N THR D 190 -16.93 -16.31 -7.46
CA THR D 190 -16.65 -14.90 -7.27
C THR D 190 -17.91 -14.03 -7.09
N ASP D 191 -17.91 -13.19 -6.04
CA ASP D 191 -18.67 -11.94 -6.10
C ASP D 191 -17.74 -11.17 -7.00
N TYR D 192 -18.20 -10.18 -7.75
CA TYR D 192 -17.24 -9.66 -8.72
C TYR D 192 -16.58 -8.37 -8.25
N VAL D 193 -16.54 -8.21 -6.92
CA VAL D 193 -16.10 -6.98 -6.28
C VAL D 193 -14.61 -6.64 -6.51
N GLU D 194 -13.78 -7.68 -6.63
CA GLU D 194 -12.34 -7.46 -6.84
C GLU D 194 -12.00 -7.43 -8.31
N TYR D 195 -13.01 -7.62 -9.15
CA TYR D 195 -12.85 -7.56 -10.61
C TYR D 195 -12.78 -6.11 -11.11
N THR D 196 -11.72 -5.41 -10.74
CA THR D 196 -11.56 -3.99 -11.07
C THR D 196 -10.32 -3.76 -11.94
N PRO D 197 -10.34 -2.71 -12.79
CA PRO D 197 -9.15 -2.38 -13.61
C PRO D 197 -7.87 -2.22 -12.79
N PHE D 198 -7.98 -1.63 -11.60
CA PHE D 198 -6.82 -1.47 -10.73
C PHE D 198 -6.26 -2.82 -10.23
N ASN D 199 -7.16 -3.71 -9.78
CA ASN D 199 -6.72 -5.04 -9.32
C ASN D 199 -6.16 -5.84 -10.48
N HIS D 200 -6.80 -5.73 -11.64
CA HIS D 200 -6.29 -6.40 -12.81
C HIS D 200 -4.85 -5.97 -13.15
N ARG D 201 -4.57 -4.66 -13.03
CA ARG D 201 -3.23 -4.12 -13.30
C ARG D 201 -2.15 -4.67 -12.37
N ARG D 202 -2.39 -4.57 -11.06
CA ARG D 202 -1.55 -5.23 -10.04
C ARG D 202 -1.25 -6.70 -10.43
N ILE D 203 -2.30 -7.43 -10.76
CA ILE D 203 -2.15 -8.81 -11.19
C ILE D 203 -1.18 -8.97 -12.37
N VAL D 204 -1.40 -8.24 -13.47
CA VAL D 204 -0.53 -8.44 -14.63
C VAL D 204 0.87 -7.86 -14.45
N VAL D 205 1.02 -6.74 -13.76
CA VAL D 205 2.37 -6.18 -13.54
C VAL D 205 3.22 -7.08 -12.61
N TYR D 206 2.66 -7.51 -11.49
CA TYR D 206 3.48 -8.24 -10.53
C TYR D 206 3.69 -9.68 -10.88
N LYS D 207 2.64 -10.32 -11.40
CA LYS D 207 2.66 -11.74 -11.78
C LYS D 207 3.37 -11.98 -13.12
N THR D 208 3.28 -11.02 -14.05
CA THR D 208 3.80 -11.25 -15.40
C THR D 208 4.90 -10.32 -15.89
N ALA D 209 4.76 -9.01 -15.68
CA ALA D 209 5.69 -8.04 -16.30
C ALA D 209 7.16 -8.07 -15.77
N TYR D 210 7.34 -8.40 -14.51
CA TYR D 210 8.67 -8.39 -13.91
C TYR D 210 9.56 -9.51 -14.44
N TYR D 211 9.02 -10.71 -14.54
CA TYR D 211 9.78 -11.85 -15.07
C TYR D 211 9.78 -11.90 -16.59
N THR D 212 8.71 -11.42 -17.20
CA THR D 212 8.58 -11.44 -18.64
C THR D 212 9.44 -10.37 -19.28
N TYR D 213 9.35 -9.13 -18.78
CA TYR D 213 10.05 -8.00 -19.41
C TYR D 213 11.23 -7.43 -18.65
N TRP D 214 11.03 -7.19 -17.36
CA TRP D 214 12.08 -6.53 -16.60
C TRP D 214 13.27 -7.45 -16.45
N LEU D 215 13.05 -8.63 -15.87
CA LEU D 215 14.12 -9.59 -15.59
C LEU D 215 15.02 -9.96 -16.79
N PRO D 216 14.44 -10.24 -17.98
CA PRO D 216 15.36 -10.49 -19.09
C PRO D 216 16.23 -9.28 -19.50
N LEU D 217 15.69 -8.06 -19.37
CA LEU D 217 16.43 -6.85 -19.75
C LEU D 217 17.53 -6.57 -18.75
N VAL D 218 17.25 -6.84 -17.48
CA VAL D 218 18.19 -6.55 -16.41
C VAL D 218 19.36 -7.50 -16.54
N MET D 219 19.05 -8.78 -16.69
CA MET D 219 20.04 -9.83 -16.90
C MET D 219 20.90 -9.61 -18.15
N GLY D 220 20.27 -9.13 -19.23
CA GLY D 220 21.00 -8.74 -20.44
C GLY D 220 22.13 -7.78 -20.10
N LEU D 221 21.79 -6.72 -19.38
CA LEU D 221 22.76 -5.71 -18.97
C LEU D 221 23.82 -6.22 -18.01
N LEU D 222 23.44 -7.12 -17.10
CA LEU D 222 24.36 -7.67 -16.11
C LEU D 222 25.46 -8.51 -16.77
N VAL D 223 25.05 -9.48 -17.57
CA VAL D 223 26.01 -10.37 -18.24
C VAL D 223 26.91 -9.65 -19.28
N SER D 224 26.39 -8.59 -19.90
CA SER D 224 27.19 -7.75 -20.80
C SER D 224 27.93 -6.64 -20.03
N GLY D 225 27.72 -6.59 -18.72
CA GLY D 225 28.35 -5.60 -17.86
C GLY D 225 28.05 -4.15 -18.22
N THR D 226 26.83 -3.87 -18.65
CA THR D 226 26.45 -2.51 -19.04
C THR D 226 25.23 -1.94 -18.30
N LEU D 227 24.83 -2.56 -17.18
CA LEU D 227 23.74 -2.03 -16.38
C LEU D 227 23.92 -0.56 -16.01
N GLU D 228 25.12 -0.18 -15.59
CA GLU D 228 25.37 1.19 -15.15
C GLU D 228 25.34 2.22 -16.30
N LYS D 229 25.19 1.75 -17.54
CA LYS D 229 25.07 2.65 -18.69
C LYS D 229 23.63 3.04 -19.05
N VAL D 230 22.66 2.43 -18.37
CA VAL D 230 21.26 2.73 -18.69
C VAL D 230 20.53 3.45 -17.56
N ASP D 231 19.46 4.15 -17.92
CA ASP D 231 18.56 4.80 -16.97
C ASP D 231 17.67 3.74 -16.31
N LYS D 232 18.05 3.31 -15.11
CA LYS D 232 17.34 2.26 -14.39
C LYS D 232 15.82 2.52 -14.28
N LYS D 233 15.43 3.79 -14.07
CA LYS D 233 14.00 4.13 -13.92
C LYS D 233 13.17 3.96 -15.18
N ALA D 234 13.64 4.52 -16.30
CA ALA D 234 12.94 4.40 -17.57
C ALA D 234 12.94 2.96 -18.07
N THR D 235 13.99 2.23 -17.71
CA THR D 235 14.08 0.80 -17.95
C THR D 235 12.97 0.03 -17.22
N HIS D 236 12.75 0.38 -15.95
CA HIS D 236 11.71 -0.27 -15.14
C HIS D 236 10.34 0.04 -15.73
N LYS D 237 10.15 1.30 -16.11
CA LYS D 237 8.87 1.77 -16.62
C LYS D 237 8.52 1.16 -17.97
N VAL D 238 9.46 1.16 -18.91
CA VAL D 238 9.14 0.59 -20.22
C VAL D 238 8.79 -0.91 -20.10
N ALA D 239 9.52 -1.63 -19.24
CA ALA D 239 9.18 -3.01 -18.89
C ALA D 239 7.75 -3.12 -18.40
N MET D 240 7.39 -2.24 -17.47
CA MET D 240 6.08 -2.26 -16.80
C MET D 240 4.91 -2.03 -17.75
N VAL D 241 5.06 -1.03 -18.64
CA VAL D 241 4.10 -0.72 -19.71
C VAL D 241 3.98 -1.86 -20.74
N MET D 242 5.12 -2.31 -21.28
CA MET D 242 5.12 -3.41 -22.27
C MET D 242 4.53 -4.68 -21.67
N GLY D 243 4.89 -4.98 -20.42
CA GLY D 243 4.35 -6.14 -19.71
C GLY D 243 2.85 -6.09 -19.51
N GLU D 244 2.37 -4.92 -19.09
CA GLU D 244 0.94 -4.72 -18.88
C GLU D 244 0.20 -4.95 -20.19
N TYR D 245 0.63 -4.24 -21.23
CA TYR D 245 0.05 -4.37 -22.54
C TYR D 245 0.09 -5.81 -23.09
N PHE D 246 1.23 -6.48 -22.97
CA PHE D 246 1.35 -7.88 -23.42
C PHE D 246 0.23 -8.77 -22.85
N GLN D 247 -0.03 -8.64 -21.55
CA GLN D 247 -1.01 -9.51 -20.89
C GLN D 247 -2.45 -9.04 -21.17
N VAL D 248 -2.61 -7.77 -21.53
CA VAL D 248 -3.92 -7.20 -21.88
C VAL D 248 -4.32 -7.63 -23.30
N GLN D 249 -3.34 -7.65 -24.19
CA GLN D 249 -3.48 -8.19 -25.52
C GLN D 249 -3.71 -9.70 -25.45
N ASP D 250 -2.98 -10.37 -24.57
CA ASP D 250 -3.20 -11.80 -24.33
C ASP D 250 -4.66 -12.09 -23.95
N ASP D 251 -5.19 -11.30 -23.02
CA ASP D 251 -6.58 -11.47 -22.59
C ASP D 251 -7.54 -11.27 -23.75
N VAL D 252 -7.27 -10.25 -24.57
CA VAL D 252 -8.16 -9.90 -25.68
C VAL D 252 -8.21 -11.03 -26.69
N MET D 253 -7.03 -11.57 -27.02
CA MET D 253 -6.89 -12.66 -27.97
C MET D 253 -7.51 -13.97 -27.49
N ASP D 254 -7.44 -14.24 -26.18
CA ASP D 254 -8.02 -15.48 -25.65
C ASP D 254 -9.47 -15.69 -26.09
N CYS D 255 -10.17 -14.59 -26.37
CA CYS D 255 -11.60 -14.59 -26.66
C CYS D 255 -11.88 -14.16 -28.11
N PHE D 256 -11.11 -13.20 -28.62
CA PHE D 256 -11.41 -12.60 -29.92
C PHE D 256 -10.56 -13.05 -31.12
N THR D 257 -9.76 -14.11 -30.96
CA THR D 257 -9.08 -14.69 -32.13
C THR D 257 -9.13 -16.22 -32.18
N PRO D 258 -9.47 -16.80 -33.36
CA PRO D 258 -9.71 -18.23 -33.49
C PRO D 258 -8.44 -19.06 -33.29
N PRO D 259 -8.53 -20.19 -32.55
CA PRO D 259 -7.40 -20.99 -32.04
C PRO D 259 -6.08 -20.93 -32.83
N GLU D 260 -5.07 -20.34 -32.20
CA GLU D 260 -3.74 -20.12 -32.79
C GLU D 260 -2.62 -20.09 -31.74
N LYS D 261 -1.38 -20.15 -32.22
CA LYS D 261 -0.16 -20.10 -31.40
C LYS D 261 -0.19 -18.91 -30.44
N GLY D 263 -2.34 -23.07 -31.07
CA GLY D 263 -3.56 -23.77 -31.50
C GLY D 263 -4.42 -24.13 -30.32
N LYS D 264 -4.32 -23.35 -29.25
CA LYS D 264 -5.06 -23.59 -28.02
C LYS D 264 -6.52 -23.12 -28.12
N ILE D 265 -7.40 -23.86 -27.43
CA ILE D 265 -8.77 -23.42 -27.17
C ILE D 265 -8.72 -22.34 -26.10
N GLY D 266 -9.42 -21.23 -26.34
CA GLY D 266 -9.49 -20.09 -25.42
C GLY D 266 -10.45 -20.36 -24.26
N THR D 267 -9.95 -20.22 -23.04
CA THR D 267 -10.65 -20.73 -21.86
C THR D 267 -10.89 -19.70 -20.71
N ASP D 268 -10.56 -18.42 -20.93
CA ASP D 268 -10.65 -17.41 -19.87
C ASP D 268 -12.05 -17.32 -19.24
N ILE D 269 -13.06 -17.22 -20.09
CA ILE D 269 -14.46 -17.07 -19.68
C ILE D 269 -14.93 -18.23 -18.81
N GLU D 270 -14.58 -19.44 -19.25
CA GLU D 270 -15.01 -20.67 -18.58
C GLU D 270 -14.32 -20.75 -17.22
N ASP D 271 -13.09 -20.26 -17.17
CA ASP D 271 -12.25 -20.28 -15.97
C ASP D 271 -12.49 -19.08 -15.05
N ALA D 272 -13.51 -18.29 -15.36
CA ALA D 272 -13.82 -17.06 -14.59
C ALA D 272 -12.57 -16.20 -14.34
N LYS D 273 -11.75 -16.05 -15.38
CA LYS D 273 -10.51 -15.26 -15.27
C LYS D 273 -10.83 -13.83 -14.90
N CYS D 274 -9.99 -13.26 -14.04
CA CYS D 274 -10.07 -11.84 -13.76
C CYS D 274 -9.32 -11.16 -14.91
N SER D 275 -9.96 -11.10 -16.06
CA SER D 275 -9.29 -10.62 -17.29
C SER D 275 -9.57 -9.17 -17.56
N TRP D 276 -8.76 -8.58 -18.42
CA TRP D 276 -8.97 -7.19 -18.83
C TRP D 276 -10.37 -7.03 -19.38
N LEU D 277 -10.78 -7.94 -20.26
CA LEU D 277 -12.13 -7.89 -20.84
C LEU D 277 -13.20 -7.88 -19.75
N ALA D 278 -13.17 -8.87 -18.86
CA ALA D 278 -14.12 -8.96 -17.75
C ALA D 278 -14.12 -7.70 -16.88
N VAL D 279 -12.92 -7.20 -16.62
CA VAL D 279 -12.74 -6.05 -15.75
C VAL D 279 -13.19 -4.74 -16.42
N THR D 280 -12.89 -4.59 -17.71
CA THR D 280 -13.35 -3.43 -18.46
C THR D 280 -14.87 -3.50 -18.58
N PHE D 281 -15.38 -4.69 -18.92
CA PHE D 281 -16.81 -4.86 -19.11
C PHE D 281 -17.63 -4.46 -17.88
N LEU D 282 -17.32 -5.10 -16.75
CA LEU D 282 -18.06 -4.96 -15.51
C LEU D 282 -18.11 -3.53 -15.00
N THR D 283 -17.09 -2.73 -15.28
CA THR D 283 -17.10 -1.34 -14.82
C THR D 283 -17.59 -0.36 -15.90
N THR D 284 -18.13 -0.89 -17.00
CA THR D 284 -18.61 -0.03 -18.10
C THR D 284 -20.04 -0.32 -18.61
N ALA D 285 -20.50 -1.56 -18.47
CA ALA D 285 -21.80 -1.95 -19.04
C ALA D 285 -23.02 -1.43 -18.24
N PRO D 286 -24.17 -1.24 -18.92
CA PRO D 286 -25.43 -0.94 -18.21
C PRO D 286 -25.81 -2.08 -17.26
N ALA D 287 -26.57 -1.75 -16.21
CA ALA D 287 -26.76 -2.67 -15.07
C ALA D 287 -27.30 -4.03 -15.47
N GLU D 288 -28.26 -4.05 -16.39
CA GLU D 288 -28.88 -5.29 -16.85
C GLU D 288 -27.90 -6.22 -17.59
N LYS D 289 -27.02 -5.62 -18.42
CA LYS D 289 -25.88 -6.31 -19.07
C LYS D 289 -24.85 -6.93 -18.09
N VAL D 290 -24.56 -6.20 -17.01
CA VAL D 290 -23.74 -6.66 -15.88
C VAL D 290 -24.38 -7.87 -15.19
N ALA D 291 -25.68 -7.76 -14.94
CA ALA D 291 -26.42 -8.85 -14.32
C ALA D 291 -26.44 -10.08 -15.23
N GLU D 292 -26.53 -9.88 -16.54
CA GLU D 292 -26.50 -10.98 -17.51
C GLU D 292 -25.09 -11.59 -17.60
N PHE D 293 -24.07 -10.74 -17.50
CA PHE D 293 -22.69 -11.19 -17.39
C PHE D 293 -22.51 -12.11 -16.19
N LYS D 294 -22.97 -11.67 -15.02
CA LYS D 294 -22.77 -12.42 -13.77
C LYS D 294 -23.48 -13.77 -13.73
N ALA D 295 -24.58 -13.90 -14.48
CA ALA D 295 -25.33 -15.16 -14.51
C ALA D 295 -24.73 -16.18 -15.48
N ASN D 296 -23.89 -15.70 -16.40
CA ASN D 296 -23.29 -16.53 -17.45
C ASN D 296 -21.75 -16.75 -17.43
N TYR D 297 -21.05 -15.99 -16.61
CA TYR D 297 -19.59 -16.03 -16.55
C TYR D 297 -19.11 -17.19 -15.70
N GLY D 298 -17.96 -17.77 -16.08
CA GLY D 298 -17.33 -18.81 -15.29
C GLY D 298 -18.07 -20.12 -15.28
N SER D 299 -18.62 -20.47 -16.44
CA SER D 299 -19.36 -21.73 -16.62
C SER D 299 -18.84 -22.48 -17.83
N THR D 300 -18.83 -23.81 -17.74
CA THR D 300 -18.36 -24.65 -18.83
C THR D 300 -19.46 -24.95 -19.86
N ASP D 301 -20.63 -24.36 -19.67
CA ASP D 301 -21.69 -24.40 -20.68
C ASP D 301 -21.29 -23.53 -21.87
N PRO D 302 -21.22 -24.14 -23.07
CA PRO D 302 -20.81 -23.40 -24.26
C PRO D 302 -21.81 -22.32 -24.62
N ALA D 303 -23.07 -22.55 -24.25
CA ALA D 303 -24.11 -21.52 -24.39
C ALA D 303 -23.82 -20.32 -23.47
N ALA D 304 -23.61 -20.60 -22.18
CA ALA D 304 -23.11 -19.58 -21.24
C ALA D 304 -21.92 -18.81 -21.80
N VAL D 305 -20.88 -19.51 -22.25
CA VAL D 305 -19.67 -18.87 -22.79
C VAL D 305 -19.96 -18.00 -24.03
N ALA D 306 -20.79 -18.50 -24.95
CA ALA D 306 -21.17 -17.74 -26.14
C ALA D 306 -22.00 -16.47 -25.82
N VAL D 307 -22.74 -16.50 -24.71
CA VAL D 307 -23.44 -15.30 -24.23
C VAL D 307 -22.46 -14.19 -23.76
N ILE D 308 -21.37 -14.59 -23.12
CA ILE D 308 -20.35 -13.63 -22.67
C ILE D 308 -19.68 -12.98 -23.87
N LYS D 309 -19.31 -13.81 -24.86
CA LYS D 309 -18.61 -13.30 -26.02
C LYS D 309 -19.47 -12.27 -26.75
N GLN D 310 -20.77 -12.51 -26.69
CA GLN D 310 -21.76 -11.63 -27.30
C GLN D 310 -21.83 -10.30 -26.54
N LEU D 311 -21.93 -10.38 -25.22
CA LEU D 311 -21.92 -9.17 -24.39
C LEU D 311 -20.70 -8.30 -24.67
N TYR D 312 -19.53 -8.95 -24.85
CA TYR D 312 -18.25 -8.29 -25.02
C TYR D 312 -18.18 -7.55 -26.35
N THR D 313 -18.83 -8.13 -27.37
CA THR D 313 -18.92 -7.54 -28.71
C THR D 313 -19.90 -6.37 -28.73
N GLU D 314 -21.01 -6.53 -28.00
CA GLU D 314 -22.02 -5.50 -27.84
C GLU D 314 -21.37 -4.29 -27.21
N GLN D 315 -20.64 -4.54 -26.13
CA GLN D 315 -20.01 -3.47 -25.38
C GLN D 315 -18.80 -2.89 -26.11
N ASN D 316 -18.45 -3.48 -27.26
CA ASN D 316 -17.39 -3.01 -28.17
C ASN D 316 -15.97 -3.02 -27.57
N LEU D 317 -15.66 -4.08 -26.83
CA LEU D 317 -14.41 -4.19 -26.08
C LEU D 317 -13.19 -4.30 -26.99
N LEU D 318 -13.37 -4.96 -28.13
CA LEU D 318 -12.36 -5.03 -29.17
C LEU D 318 -11.94 -3.62 -29.61
N ALA D 319 -12.92 -2.76 -29.90
CA ALA D 319 -12.61 -1.41 -30.35
C ALA D 319 -11.96 -0.57 -29.24
N ARG D 320 -12.30 -0.91 -28.00
CA ARG D 320 -11.79 -0.18 -26.84
C ARG D 320 -10.37 -0.60 -26.49
N PHE D 321 -10.05 -1.86 -26.82
CA PHE D 321 -8.67 -2.34 -26.75
C PHE D 321 -7.76 -1.61 -27.76
N GLU D 322 -8.26 -1.39 -28.97
CA GLU D 322 -7.54 -0.64 -30.00
C GLU D 322 -7.15 0.74 -29.48
N GLU D 323 -8.13 1.42 -28.89
CA GLU D 323 -7.96 2.73 -28.28
C GLU D 323 -6.87 2.69 -27.19
N TYR D 324 -6.89 1.62 -26.38
CA TYR D 324 -5.87 1.37 -25.36
C TYR D 324 -4.49 1.10 -25.98
N GLU D 325 -4.47 0.35 -27.08
CA GLU D 325 -3.26 0.11 -27.88
C GLU D 325 -2.59 1.39 -28.37
N LYS D 326 -3.39 2.37 -28.82
CA LYS D 326 -2.85 3.64 -29.33
C LYS D 326 -2.11 4.41 -28.24
N ALA D 327 -2.73 4.53 -27.07
CA ALA D 327 -2.12 5.22 -25.93
C ALA D 327 -0.84 4.52 -25.46
N VAL D 328 -0.85 3.18 -25.50
CA VAL D 328 0.33 2.40 -25.12
C VAL D 328 1.47 2.63 -26.13
N VAL D 329 1.16 2.50 -27.42
CA VAL D 329 2.14 2.72 -28.50
C VAL D 329 2.81 4.09 -28.39
N ALA D 330 2.03 5.13 -28.08
CA ALA D 330 2.58 6.47 -27.88
C ALA D 330 3.52 6.54 -26.67
N GLU D 331 3.06 5.99 -25.54
CA GLU D 331 3.83 5.93 -24.31
C GLU D 331 5.16 5.20 -24.50
N VAL D 332 5.12 4.03 -25.13
CA VAL D 332 6.32 3.24 -25.38
C VAL D 332 7.31 3.99 -26.31
N GLU D 333 6.80 4.55 -27.41
CA GLU D 333 7.64 5.32 -28.34
C GLU D 333 8.33 6.53 -27.71
N GLN D 334 7.59 7.27 -26.89
CA GLN D 334 8.15 8.36 -26.09
C GLN D 334 9.14 7.86 -25.02
N LEU D 335 8.87 6.70 -24.42
CA LEU D 335 9.82 6.05 -23.52
C LEU D 335 11.09 5.58 -24.26
N ILE D 336 10.91 5.00 -25.44
CA ILE D 336 12.01 4.54 -26.27
C ILE D 336 12.88 5.71 -26.72
N ALA D 337 12.25 6.77 -27.21
CA ALA D 337 12.96 7.98 -27.66
C ALA D 337 13.79 8.56 -26.51
N ALA D 338 13.23 8.53 -25.30
CA ALA D 338 13.92 8.99 -24.12
C ALA D 338 15.13 8.09 -23.79
N LEU D 339 15.01 6.80 -24.07
CA LEU D 339 16.12 5.88 -23.86
C LEU D 339 17.18 5.99 -24.96
N GLU D 340 16.76 6.43 -26.15
CA GLU D 340 17.64 6.63 -27.32
C GLU D 340 18.74 7.63 -27.01
N ALA D 341 18.35 8.72 -26.35
CA ALA D 341 19.27 9.79 -25.97
C ALA D 341 20.32 9.34 -24.96
N GLN D 342 20.00 8.31 -24.18
CA GLN D 342 20.88 7.86 -23.10
C GLN D 342 21.84 6.75 -23.54
N ASN D 343 21.29 5.71 -24.15
CA ASN D 343 22.08 4.65 -24.77
C ASN D 343 21.35 4.07 -25.99
N ALA D 344 21.88 4.37 -27.17
CA ALA D 344 21.23 4.00 -28.43
C ALA D 344 21.16 2.50 -28.63
N ALA D 345 22.23 1.80 -28.29
CA ALA D 345 22.25 0.37 -28.46
C ALA D 345 21.20 -0.33 -27.57
N PHE D 346 21.07 0.10 -26.31
CA PHE D 346 20.08 -0.53 -25.42
C PHE D 346 18.66 -0.32 -25.94
N ALA D 347 18.41 0.90 -26.42
CA ALA D 347 17.08 1.28 -26.85
C ALA D 347 16.68 0.53 -28.10
N ALA D 348 17.66 0.15 -28.91
CA ALA D 348 17.42 -0.59 -30.16
C ALA D 348 16.91 -1.99 -29.89
N SER D 349 17.50 -2.68 -28.90
CA SER D 349 17.00 -3.99 -28.50
C SER D 349 15.62 -3.89 -27.83
N VAL D 350 15.35 -2.77 -27.17
CA VAL D 350 14.02 -2.45 -26.63
C VAL D 350 12.98 -2.28 -27.76
N LYS D 351 13.33 -1.54 -28.81
CA LYS D 351 12.50 -1.40 -30.02
C LYS D 351 12.17 -2.76 -30.64
N VAL D 352 13.20 -3.60 -30.77
CA VAL D 352 13.06 -4.95 -31.27
C VAL D 352 12.18 -5.81 -30.34
N LEU D 353 12.36 -5.65 -29.03
CA LEU D 353 11.55 -6.37 -28.05
C LEU D 353 10.09 -5.88 -28.13
N TRP D 354 9.92 -4.58 -28.30
CA TRP D 354 8.60 -3.99 -28.37
C TRP D 354 7.87 -4.41 -29.64
N SER D 355 8.61 -4.50 -30.75
CA SER D 355 8.02 -4.84 -32.04
C SER D 355 7.48 -6.27 -32.05
N LYS D 356 8.14 -7.17 -31.31
CA LYS D 356 7.63 -8.52 -31.11
C LYS D 356 6.43 -8.58 -30.14
N THR D 357 6.25 -7.55 -29.33
CA THR D 357 5.12 -7.50 -28.39
C THR D 357 3.87 -6.99 -29.11
N TYR D 358 4.00 -5.82 -29.71
CA TYR D 358 2.97 -5.21 -30.54
C TYR D 358 2.95 -5.94 -31.89
N LYS D 359 2.05 -6.90 -32.03
CA LYS D 359 1.98 -7.74 -33.23
C LYS D 359 0.99 -8.90 -33.05
N ARG D 360 0.48 -9.39 -34.18
CA ARG D 360 -0.53 -10.44 -34.25
C ARG D 360 -0.02 -11.77 -33.68
N GLN D 361 0.70 -12.52 -34.51
CA GLN D 361 1.23 -13.82 -34.14
C GLN D 361 2.63 -13.70 -33.54
#